data_7HLD
# 
_entry.id   7HLD 
# 
_audit_conform.dict_name       mmcif_pdbx.dic 
_audit_conform.dict_version    5.399 
_audit_conform.dict_location   http://mmcif.pdb.org/dictionaries/ascii/mmcif_pdbx.dic 
# 
loop_
_database_2.database_id 
_database_2.database_code 
_database_2.pdbx_database_accession 
_database_2.pdbx_DOI 
PDB   7HLD         pdb_00007hld 10.2210/pdb7hld/pdb 
WWPDB D_1001407619 ?            ?                   
# 
_pdbx_audit_revision_history.ordinal             1 
_pdbx_audit_revision_history.data_content_type   'Structure model' 
_pdbx_audit_revision_history.major_revision      1 
_pdbx_audit_revision_history.minor_revision      0 
_pdbx_audit_revision_history.revision_date       2024-11-27 
# 
_pdbx_audit_revision_details.ordinal             1 
_pdbx_audit_revision_details.revision_ordinal    1 
_pdbx_audit_revision_details.data_content_type   'Structure model' 
_pdbx_audit_revision_details.provider            repository 
_pdbx_audit_revision_details.type                'Initial release' 
_pdbx_audit_revision_details.description         ? 
_pdbx_audit_revision_details.details             ? 
# 
_pdbx_database_status.entry_id                        7HLD 
_pdbx_database_status.status_code                     REL 
_pdbx_database_status.status_code_sf                  REL 
_pdbx_database_status.status_code_mr                  ? 
_pdbx_database_status.status_code_cs                  ? 
_pdbx_database_status.recvd_initial_deposition_date   2024-11-04 
_pdbx_database_status.status_code_nmr_data            ? 
_pdbx_database_status.deposit_site                    RCSB 
_pdbx_database_status.process_site                    RCSB 
_pdbx_database_status.SG_entry                        ? 
_pdbx_database_status.pdb_format_compatible           Y 
_pdbx_database_status.methods_development_category    ? 
# 
_pdbx_contact_author.id                 1 
_pdbx_contact_author.email              knapp@pharmchem.uni-frankfurt.de 
_pdbx_contact_author.name_first         Stefan 
_pdbx_contact_author.name_last          Knapp 
_pdbx_contact_author.role               'principal investigator/group leader' 
_pdbx_contact_author.identifier_ORCID   0000-0001-5995-6494 
_pdbx_contact_author.name_mi            ? 
# 
loop_
_audit_author.name 
_audit_author.pdbx_ordinal 
'Kim, Y.'                              1 
'Marples, P.'                          2 
'Fearon, D.'                           3 
'von Delft, F.'                        4 
'Knapp, S.'                            5 
'Kraemer, A.'                          6 
'Structural Genomics Consortium (SGC)' 7 
# 
_citation.id                        primary 
_citation.title                     'PanDDA analysis group deposition' 
_citation.journal_abbrev            'To Be Published' 
_citation.journal_volume            ? 
_citation.page_first                ? 
_citation.page_last                 ? 
_citation.year                      ? 
_citation.journal_id_ASTM           ? 
_citation.country                   ? 
_citation.journal_id_ISSN           ? 
_citation.journal_id_CSD            0353 
_citation.book_publisher            ? 
_citation.pdbx_database_id_PubMed   ? 
_citation.pdbx_database_id_DOI      ? 
# 
loop_
_citation_author.citation_id 
_citation_author.name 
_citation_author.identifier_ORCID 
_citation_author.ordinal 
primary 'Kim, Y.'                              ? 1 
primary 'Marples, P.'                          ? 2 
primary 'Fearon, D.'                           ? 3 
primary 'von Delft, F.'                        ? 4 
primary 'Knapp, S.'                            ? 5 
primary 'Kraemer, A.'                          ? 6 
primary 'Structural Genomics Consortium (SGC)' ? 7 
# 
loop_
_entity.id 
_entity.type 
_entity.src_method 
_entity.pdbx_description 
_entity.formula_weight 
_entity.pdbx_number_of_molecules 
_entity.pdbx_ec 
_entity.pdbx_mutation 
_entity.pdbx_fragment 
_entity.details 
1 polymer     man 'E3 ubiquitin-protein ligase TRIM21'                21596.361 1   2.3.2.27 ? ? ? 
2 non-polymer syn 1,2-ETHANEDIOL                                      62.068    2   ?        ? ? ? 
3 non-polymer syn '(5S)-7-(pyrazin-2-yl)-2-oxa-7-azaspiro[4.4]nonane' 205.256   1   ?        ? ? ? 
4 non-polymer syn 'SULFATE ION'                                       96.063    1   ?        ? ? ? 
5 water       nat water                                               18.015    142 ?        ? ? ? 
# 
_entity_name_com.entity_id   1 
_entity_name_com.name        
;52 kDa Ro protein,52 kDa ribonucleoprotein autoantigen Ro/SS-A,Ro(SS-A),Sjoegren syndrome type A antigen,SS-A,Tripartite motif-containing protein 21
;
# 
_entity_poly.entity_id                      1 
_entity_poly.type                           'polypeptide(L)' 
_entity_poly.nstd_linkage                   no 
_entity_poly.nstd_monomer                   no 
_entity_poly.pdbx_seq_one_letter_code       
;MHHHHHHMVHITLDRNTANSWLIISKDRRQVRMGDTHQNVSDNKERFSNYPMVLGAQRFSSGKMYWEVDVTQKEAWDLGV
CRDSVQRKGQFSLSPENGFWTIWLWQDSYEAGTSPQTTLHIQVPPCQIGIFVDYEAGVVSFYNITDHGSLIYTFSECVFA
GPLRPFFNVGFNYSGGNAAPLKLCPLKM
;
_entity_poly.pdbx_seq_one_letter_code_can   
;MHHHHHHMVHITLDRNTANSWLIISKDRRQVRMGDTHQNVSDNKERFSNYPMVLGAQRFSSGKMYWEVDVTQKEAWDLGV
CRDSVQRKGQFSLSPENGFWTIWLWQDSYEAGTSPQTTLHIQVPPCQIGIFVDYEAGVVSFYNITDHGSLIYTFSECVFA
GPLRPFFNVGFNYSGGNAAPLKLCPLKM
;
_entity_poly.pdbx_strand_id                 B 
_entity_poly.pdbx_target_identifier         ? 
# 
loop_
_pdbx_entity_nonpoly.entity_id 
_pdbx_entity_nonpoly.name 
_pdbx_entity_nonpoly.comp_id 
2 1,2-ETHANEDIOL                                      EDO 
3 '(5S)-7-(pyrazin-2-yl)-2-oxa-7-azaspiro[4.4]nonane' U0S 
4 'SULFATE ION'                                       SO4 
5 water                                               HOH 
# 
loop_
_entity_poly_seq.entity_id 
_entity_poly_seq.num 
_entity_poly_seq.mon_id 
_entity_poly_seq.hetero 
1 1   MET n 
1 2   HIS n 
1 3   HIS n 
1 4   HIS n 
1 5   HIS n 
1 6   HIS n 
1 7   HIS n 
1 8   MET n 
1 9   VAL n 
1 10  HIS n 
1 11  ILE n 
1 12  THR n 
1 13  LEU n 
1 14  ASP n 
1 15  ARG n 
1 16  ASN n 
1 17  THR n 
1 18  ALA n 
1 19  ASN n 
1 20  SER n 
1 21  TRP n 
1 22  LEU n 
1 23  ILE n 
1 24  ILE n 
1 25  SER n 
1 26  LYS n 
1 27  ASP n 
1 28  ARG n 
1 29  ARG n 
1 30  GLN n 
1 31  VAL n 
1 32  ARG n 
1 33  MET n 
1 34  GLY n 
1 35  ASP n 
1 36  THR n 
1 37  HIS n 
1 38  GLN n 
1 39  ASN n 
1 40  VAL n 
1 41  SER n 
1 42  ASP n 
1 43  ASN n 
1 44  LYS n 
1 45  GLU n 
1 46  ARG n 
1 47  PHE n 
1 48  SER n 
1 49  ASN n 
1 50  TYR n 
1 51  PRO n 
1 52  MET n 
1 53  VAL n 
1 54  LEU n 
1 55  GLY n 
1 56  ALA n 
1 57  GLN n 
1 58  ARG n 
1 59  PHE n 
1 60  SER n 
1 61  SER n 
1 62  GLY n 
1 63  LYS n 
1 64  MET n 
1 65  TYR n 
1 66  TRP n 
1 67  GLU n 
1 68  VAL n 
1 69  ASP n 
1 70  VAL n 
1 71  THR n 
1 72  GLN n 
1 73  LYS n 
1 74  GLU n 
1 75  ALA n 
1 76  TRP n 
1 77  ASP n 
1 78  LEU n 
1 79  GLY n 
1 80  VAL n 
1 81  CYS n 
1 82  ARG n 
1 83  ASP n 
1 84  SER n 
1 85  VAL n 
1 86  GLN n 
1 87  ARG n 
1 88  LYS n 
1 89  GLY n 
1 90  GLN n 
1 91  PHE n 
1 92  SER n 
1 93  LEU n 
1 94  SER n 
1 95  PRO n 
1 96  GLU n 
1 97  ASN n 
1 98  GLY n 
1 99  PHE n 
1 100 TRP n 
1 101 THR n 
1 102 ILE n 
1 103 TRP n 
1 104 LEU n 
1 105 TRP n 
1 106 GLN n 
1 107 ASP n 
1 108 SER n 
1 109 TYR n 
1 110 GLU n 
1 111 ALA n 
1 112 GLY n 
1 113 THR n 
1 114 SER n 
1 115 PRO n 
1 116 GLN n 
1 117 THR n 
1 118 THR n 
1 119 LEU n 
1 120 HIS n 
1 121 ILE n 
1 122 GLN n 
1 123 VAL n 
1 124 PRO n 
1 125 PRO n 
1 126 CYS n 
1 127 GLN n 
1 128 ILE n 
1 129 GLY n 
1 130 ILE n 
1 131 PHE n 
1 132 VAL n 
1 133 ASP n 
1 134 TYR n 
1 135 GLU n 
1 136 ALA n 
1 137 GLY n 
1 138 VAL n 
1 139 VAL n 
1 140 SER n 
1 141 PHE n 
1 142 TYR n 
1 143 ASN n 
1 144 ILE n 
1 145 THR n 
1 146 ASP n 
1 147 HIS n 
1 148 GLY n 
1 149 SER n 
1 150 LEU n 
1 151 ILE n 
1 152 TYR n 
1 153 THR n 
1 154 PHE n 
1 155 SER n 
1 156 GLU n 
1 157 CYS n 
1 158 VAL n 
1 159 PHE n 
1 160 ALA n 
1 161 GLY n 
1 162 PRO n 
1 163 LEU n 
1 164 ARG n 
1 165 PRO n 
1 166 PHE n 
1 167 PHE n 
1 168 ASN n 
1 169 VAL n 
1 170 GLY n 
1 171 PHE n 
1 172 ASN n 
1 173 TYR n 
1 174 SER n 
1 175 GLY n 
1 176 GLY n 
1 177 ASN n 
1 178 ALA n 
1 179 ALA n 
1 180 PRO n 
1 181 LEU n 
1 182 LYS n 
1 183 LEU n 
1 184 CYS n 
1 185 PRO n 
1 186 LEU n 
1 187 LYS n 
1 188 MET n 
# 
_entity_src_gen.entity_id                          1 
_entity_src_gen.pdbx_src_id                        1 
_entity_src_gen.pdbx_alt_source_flag               sample 
_entity_src_gen.pdbx_seq_type                      'Biological sequence' 
_entity_src_gen.pdbx_beg_seq_num                   1 
_entity_src_gen.pdbx_end_seq_num                   188 
_entity_src_gen.gene_src_common_name               'house mouse' 
_entity_src_gen.gene_src_genus                     ? 
_entity_src_gen.pdbx_gene_src_gene                 'Trim21, Ro52, Ssa1' 
_entity_src_gen.gene_src_species                   ? 
_entity_src_gen.gene_src_strain                    ? 
_entity_src_gen.gene_src_tissue                    ? 
_entity_src_gen.gene_src_tissue_fraction           ? 
_entity_src_gen.gene_src_details                   ? 
_entity_src_gen.pdbx_gene_src_fragment             ? 
_entity_src_gen.pdbx_gene_src_scientific_name      'Mus musculus' 
_entity_src_gen.pdbx_gene_src_ncbi_taxonomy_id     10090 
_entity_src_gen.pdbx_gene_src_variant              ? 
_entity_src_gen.pdbx_gene_src_cell_line            ? 
_entity_src_gen.pdbx_gene_src_atcc                 ? 
_entity_src_gen.pdbx_gene_src_organ                ? 
_entity_src_gen.pdbx_gene_src_organelle            ? 
_entity_src_gen.pdbx_gene_src_cell                 ? 
_entity_src_gen.pdbx_gene_src_cellular_location    ? 
_entity_src_gen.host_org_common_name               ? 
_entity_src_gen.pdbx_host_org_scientific_name      'Escherichia coli' 
_entity_src_gen.pdbx_host_org_ncbi_taxonomy_id     562 
_entity_src_gen.host_org_genus                     ? 
_entity_src_gen.pdbx_host_org_gene                 ? 
_entity_src_gen.pdbx_host_org_organ                ? 
_entity_src_gen.host_org_species                   ? 
_entity_src_gen.pdbx_host_org_tissue               ? 
_entity_src_gen.pdbx_host_org_tissue_fraction      ? 
_entity_src_gen.pdbx_host_org_strain               ? 
_entity_src_gen.pdbx_host_org_variant              ? 
_entity_src_gen.pdbx_host_org_cell_line            ? 
_entity_src_gen.pdbx_host_org_atcc                 ? 
_entity_src_gen.pdbx_host_org_culture_collection   ? 
_entity_src_gen.pdbx_host_org_cell                 ? 
_entity_src_gen.pdbx_host_org_organelle            ? 
_entity_src_gen.pdbx_host_org_cellular_location    ? 
_entity_src_gen.pdbx_host_org_vector_type          ? 
_entity_src_gen.pdbx_host_org_vector               ? 
_entity_src_gen.host_org_details                   ? 
_entity_src_gen.expression_system_id               ? 
_entity_src_gen.plasmid_name                       ? 
_entity_src_gen.plasmid_details                    ? 
_entity_src_gen.pdbx_description                   ? 
# 
loop_
_chem_comp.id 
_chem_comp.type 
_chem_comp.mon_nstd_flag 
_chem_comp.name 
_chem_comp.pdbx_synonyms 
_chem_comp.formula 
_chem_comp.formula_weight 
ALA 'L-peptide linking' y ALANINE                                             ?                 'C3 H7 N O2'     89.093  
ARG 'L-peptide linking' y ARGININE                                            ?                 'C6 H15 N4 O2 1' 175.209 
ASN 'L-peptide linking' y ASPARAGINE                                          ?                 'C4 H8 N2 O3'    132.118 
ASP 'L-peptide linking' y 'ASPARTIC ACID'                                     ?                 'C4 H7 N O4'     133.103 
CYS 'L-peptide linking' y CYSTEINE                                            ?                 'C3 H7 N O2 S'   121.158 
EDO non-polymer         . 1,2-ETHANEDIOL                                      'ETHYLENE GLYCOL' 'C2 H6 O2'       62.068  
GLN 'L-peptide linking' y GLUTAMINE                                           ?                 'C5 H10 N2 O3'   146.144 
GLU 'L-peptide linking' y 'GLUTAMIC ACID'                                     ?                 'C5 H9 N O4'     147.129 
GLY 'peptide linking'   y GLYCINE                                             ?                 'C2 H5 N O2'     75.067  
HIS 'L-peptide linking' y HISTIDINE                                           ?                 'C6 H10 N3 O2 1' 156.162 
HOH non-polymer         . WATER                                               ?                 'H2 O'           18.015  
ILE 'L-peptide linking' y ISOLEUCINE                                          ?                 'C6 H13 N O2'    131.173 
LEU 'L-peptide linking' y LEUCINE                                             ?                 'C6 H13 N O2'    131.173 
LYS 'L-peptide linking' y LYSINE                                              ?                 'C6 H15 N2 O2 1' 147.195 
MET 'L-peptide linking' y METHIONINE                                          ?                 'C5 H11 N O2 S'  149.211 
PHE 'L-peptide linking' y PHENYLALANINE                                       ?                 'C9 H11 N O2'    165.189 
PRO 'L-peptide linking' y PROLINE                                             ?                 'C5 H9 N O2'     115.130 
SER 'L-peptide linking' y SERINE                                              ?                 'C3 H7 N O3'     105.093 
SO4 non-polymer         . 'SULFATE ION'                                       ?                 'O4 S -2'        96.063  
THR 'L-peptide linking' y THREONINE                                           ?                 'C4 H9 N O3'     119.119 
TRP 'L-peptide linking' y TRYPTOPHAN                                          ?                 'C11 H12 N2 O2'  204.225 
TYR 'L-peptide linking' y TYROSINE                                            ?                 'C9 H11 N O3'    181.189 
U0S non-polymer         . '(5S)-7-(pyrazin-2-yl)-2-oxa-7-azaspiro[4.4]nonane' ?                 'C11 H15 N3 O'   205.256 
VAL 'L-peptide linking' y VALINE                                              ?                 'C5 H11 N O2'    117.146 
# 
loop_
_pdbx_poly_seq_scheme.asym_id 
_pdbx_poly_seq_scheme.entity_id 
_pdbx_poly_seq_scheme.seq_id 
_pdbx_poly_seq_scheme.mon_id 
_pdbx_poly_seq_scheme.ndb_seq_num 
_pdbx_poly_seq_scheme.pdb_seq_num 
_pdbx_poly_seq_scheme.auth_seq_num 
_pdbx_poly_seq_scheme.pdb_mon_id 
_pdbx_poly_seq_scheme.auth_mon_id 
_pdbx_poly_seq_scheme.pdb_strand_id 
_pdbx_poly_seq_scheme.pdb_ins_code 
_pdbx_poly_seq_scheme.hetero 
A 1 1   MET 1   7   ?   ?   ?   B . n 
A 1 2   HIS 2   8   8   HIS HIS B . n 
A 1 3   HIS 3   9   9   HIS HIS B . n 
A 1 4   HIS 4   10  10  HIS HIS B . n 
A 1 5   HIS 5   11  11  HIS HIS B . n 
A 1 6   HIS 6   12  12  HIS HIS B . n 
A 1 7   HIS 7   13  13  HIS HIS B . n 
A 1 8   MET 8   14  14  MET MET B . n 
A 1 9   VAL 9   15  15  VAL VAL B . n 
A 1 10  HIS 10  16  16  HIS HIS B . n 
A 1 11  ILE 11  17  17  ILE ILE B . n 
A 1 12  THR 12  18  18  THR THR B . n 
A 1 13  LEU 13  19  19  LEU LEU B . n 
A 1 14  ASP 14  20  20  ASP ASP B . n 
A 1 15  ARG 15  21  21  ARG ARG B . n 
A 1 16  ASN 16  22  22  ASN ASN B . n 
A 1 17  THR 17  23  23  THR THR B . n 
A 1 18  ALA 18  24  24  ALA ALA B . n 
A 1 19  ASN 19  25  25  ASN ASN B . n 
A 1 20  SER 20  26  26  SER SER B . n 
A 1 21  TRP 21  27  27  TRP TRP B . n 
A 1 22  LEU 22  28  28  LEU LEU B . n 
A 1 23  ILE 23  29  29  ILE ILE B . n 
A 1 24  ILE 24  30  30  ILE ILE B . n 
A 1 25  SER 25  31  31  SER SER B . n 
A 1 26  LYS 26  32  32  LYS LYS B . n 
A 1 27  ASP 27  33  33  ASP ASP B . n 
A 1 28  ARG 28  34  34  ARG ARG B . n 
A 1 29  ARG 29  35  35  ARG ARG B . n 
A 1 30  GLN 30  36  36  GLN GLN B . n 
A 1 31  VAL 31  37  37  VAL VAL B . n 
A 1 32  ARG 32  38  38  ARG ARG B . n 
A 1 33  MET 33  39  39  MET MET B . n 
A 1 34  GLY 34  40  40  GLY GLY B . n 
A 1 35  ASP 35  41  41  ASP ASP B . n 
A 1 36  THR 36  42  42  THR THR B . n 
A 1 37  HIS 37  43  43  HIS HIS B . n 
A 1 38  GLN 38  44  44  GLN GLN B . n 
A 1 39  ASN 39  45  45  ASN ASN B . n 
A 1 40  VAL 40  46  46  VAL VAL B . n 
A 1 41  SER 41  47  47  SER SER B . n 
A 1 42  ASP 42  48  48  ASP ASP B . n 
A 1 43  ASN 43  49  49  ASN ASN B . n 
A 1 44  LYS 44  50  50  LYS LYS B . n 
A 1 45  GLU 45  51  51  GLU GLU B . n 
A 1 46  ARG 46  52  52  ARG ARG B . n 
A 1 47  PHE 47  53  53  PHE PHE B . n 
A 1 48  SER 48  54  54  SER SER B . n 
A 1 49  ASN 49  55  55  ASN ASN B . n 
A 1 50  TYR 50  56  56  TYR TYR B . n 
A 1 51  PRO 51  57  57  PRO PRO B . n 
A 1 52  MET 52  58  58  MET MET B . n 
A 1 53  VAL 53  59  59  VAL VAL B . n 
A 1 54  LEU 54  60  60  LEU LEU B . n 
A 1 55  GLY 55  61  61  GLY GLY B . n 
A 1 56  ALA 56  62  62  ALA ALA B . n 
A 1 57  GLN 57  63  63  GLN GLN B . n 
A 1 58  ARG 58  64  64  ARG ARG B . n 
A 1 59  PHE 59  65  65  PHE PHE B . n 
A 1 60  SER 60  66  66  SER SER B . n 
A 1 61  SER 61  67  67  SER SER B . n 
A 1 62  GLY 62  68  68  GLY GLY B . n 
A 1 63  LYS 63  69  69  LYS LYS B . n 
A 1 64  MET 64  70  70  MET MET B . n 
A 1 65  TYR 65  71  71  TYR TYR B . n 
A 1 66  TRP 66  72  72  TRP TRP B . n 
A 1 67  GLU 67  73  73  GLU GLU B . n 
A 1 68  VAL 68  74  74  VAL VAL B . n 
A 1 69  ASP 69  75  75  ASP ASP B . n 
A 1 70  VAL 70  76  76  VAL VAL B . n 
A 1 71  THR 71  77  77  THR THR B . n 
A 1 72  GLN 72  78  78  GLN GLN B . n 
A 1 73  LYS 73  79  79  LYS LYS B . n 
A 1 74  GLU 74  80  80  GLU GLU B . n 
A 1 75  ALA 75  81  81  ALA ALA B . n 
A 1 76  TRP 76  82  82  TRP TRP B . n 
A 1 77  ASP 77  83  83  ASP ASP B . n 
A 1 78  LEU 78  84  84  LEU LEU B . n 
A 1 79  GLY 79  85  85  GLY GLY B . n 
A 1 80  VAL 80  86  86  VAL VAL B . n 
A 1 81  CYS 81  87  87  CYS CYS B . n 
A 1 82  ARG 82  88  88  ARG ARG B . n 
A 1 83  ASP 83  89  89  ASP ASP B . n 
A 1 84  SER 84  90  90  SER SER B . n 
A 1 85  VAL 85  91  91  VAL VAL B . n 
A 1 86  GLN 86  92  92  GLN GLN B . n 
A 1 87  ARG 87  93  93  ARG ARG B . n 
A 1 88  LYS 88  94  94  LYS LYS B . n 
A 1 89  GLY 89  95  95  GLY GLY B . n 
A 1 90  GLN 90  96  96  GLN GLN B . n 
A 1 91  PHE 91  97  97  PHE PHE B . n 
A 1 92  SER 92  98  98  SER SER B . n 
A 1 93  LEU 93  99  99  LEU LEU B . n 
A 1 94  SER 94  100 100 SER SER B . n 
A 1 95  PRO 95  101 101 PRO PRO B . n 
A 1 96  GLU 96  102 102 GLU GLU B . n 
A 1 97  ASN 97  103 103 ASN ASN B . n 
A 1 98  GLY 98  104 104 GLY GLY B . n 
A 1 99  PHE 99  105 105 PHE PHE B . n 
A 1 100 TRP 100 106 106 TRP TRP B . n 
A 1 101 THR 101 107 107 THR THR B . n 
A 1 102 ILE 102 108 108 ILE ILE B . n 
A 1 103 TRP 103 109 109 TRP TRP B . n 
A 1 104 LEU 104 110 110 LEU LEU B . n 
A 1 105 TRP 105 111 111 TRP TRP B . n 
A 1 106 GLN 106 112 112 GLN GLN B . n 
A 1 107 ASP 107 113 113 ASP ASP B . n 
A 1 108 SER 108 114 114 SER SER B . n 
A 1 109 TYR 109 115 115 TYR TYR B . n 
A 1 110 GLU 110 116 116 GLU GLU B . n 
A 1 111 ALA 111 117 117 ALA ALA B . n 
A 1 112 GLY 112 118 118 GLY GLY B . n 
A 1 113 THR 113 119 119 THR THR B . n 
A 1 114 SER 114 120 120 SER SER B . n 
A 1 115 PRO 115 121 121 PRO PRO B . n 
A 1 116 GLN 116 122 122 GLN GLN B . n 
A 1 117 THR 117 123 123 THR THR B . n 
A 1 118 THR 118 124 124 THR THR B . n 
A 1 119 LEU 119 125 125 LEU LEU B . n 
A 1 120 HIS 120 126 126 HIS HIS B . n 
A 1 121 ILE 121 127 127 ILE ILE B . n 
A 1 122 GLN 122 128 128 GLN GLN B . n 
A 1 123 VAL 123 129 129 VAL VAL B . n 
A 1 124 PRO 124 130 130 PRO PRO B . n 
A 1 125 PRO 125 131 131 PRO PRO B . n 
A 1 126 CYS 126 132 132 CYS CYS B . n 
A 1 127 GLN 127 133 133 GLN GLN B . n 
A 1 128 ILE 128 134 134 ILE ILE B . n 
A 1 129 GLY 129 135 135 GLY GLY B . n 
A 1 130 ILE 130 136 136 ILE ILE B . n 
A 1 131 PHE 131 137 137 PHE PHE B . n 
A 1 132 VAL 132 138 138 VAL VAL B . n 
A 1 133 ASP 133 139 139 ASP ASP B . n 
A 1 134 TYR 134 140 140 TYR TYR B . n 
A 1 135 GLU 135 141 141 GLU GLU B . n 
A 1 136 ALA 136 142 142 ALA ALA B . n 
A 1 137 GLY 137 143 143 GLY GLY B . n 
A 1 138 VAL 138 144 144 VAL VAL B . n 
A 1 139 VAL 139 145 145 VAL VAL B . n 
A 1 140 SER 140 146 146 SER SER B . n 
A 1 141 PHE 141 147 147 PHE PHE B . n 
A 1 142 TYR 142 148 148 TYR TYR B . n 
A 1 143 ASN 143 149 149 ASN ASN B . n 
A 1 144 ILE 144 150 150 ILE ILE B . n 
A 1 145 THR 145 151 151 THR THR B . n 
A 1 146 ASP 146 152 152 ASP ASP B . n 
A 1 147 HIS 147 153 153 HIS HIS B . n 
A 1 148 GLY 148 154 154 GLY GLY B . n 
A 1 149 SER 149 155 155 SER SER B . n 
A 1 150 LEU 150 156 156 LEU LEU B . n 
A 1 151 ILE 151 157 157 ILE ILE B . n 
A 1 152 TYR 152 158 158 TYR TYR B . n 
A 1 153 THR 153 159 159 THR THR B . n 
A 1 154 PHE 154 160 160 PHE PHE B . n 
A 1 155 SER 155 161 161 SER SER B . n 
A 1 156 GLU 156 162 162 GLU GLU B . n 
A 1 157 CYS 157 163 163 CYS CYS B . n 
A 1 158 VAL 158 164 164 VAL VAL B . n 
A 1 159 PHE 159 165 165 PHE PHE B . n 
A 1 160 ALA 160 166 166 ALA ALA B . n 
A 1 161 GLY 161 167 167 GLY GLY B . n 
A 1 162 PRO 162 168 168 PRO PRO B . n 
A 1 163 LEU 163 169 169 LEU LEU B . n 
A 1 164 ARG 164 170 170 ARG ARG B . n 
A 1 165 PRO 165 171 171 PRO PRO B . n 
A 1 166 PHE 166 172 172 PHE PHE B . n 
A 1 167 PHE 167 173 173 PHE PHE B . n 
A 1 168 ASN 168 174 174 ASN ASN B . n 
A 1 169 VAL 169 175 175 VAL VAL B . n 
A 1 170 GLY 170 176 176 GLY GLY B . n 
A 1 171 PHE 171 177 177 PHE PHE B . n 
A 1 172 ASN 172 178 178 ASN ASN B . n 
A 1 173 TYR 173 179 179 TYR TYR B . n 
A 1 174 SER 174 180 180 SER SER B . n 
A 1 175 GLY 175 181 181 GLY GLY B . n 
A 1 176 GLY 176 182 182 GLY GLY B . n 
A 1 177 ASN 177 183 183 ASN ASN B . n 
A 1 178 ALA 178 184 184 ALA ALA B . n 
A 1 179 ALA 179 185 185 ALA ALA B . n 
A 1 180 PRO 180 186 186 PRO PRO B . n 
A 1 181 LEU 181 187 187 LEU LEU B . n 
A 1 182 LYS 182 188 188 LYS LYS B . n 
A 1 183 LEU 183 189 189 LEU LEU B . n 
A 1 184 CYS 184 190 190 CYS CYS B . n 
A 1 185 PRO 185 191 191 PRO PRO B . n 
A 1 186 LEU 186 192 192 LEU LEU B . n 
A 1 187 LYS 187 193 ?   ?   ?   B . n 
A 1 188 MET 188 194 ?   ?   ?   B . n 
# 
_pdbx_entity_instance_feature.ordinal        1 
_pdbx_entity_instance_feature.comp_id        U0S 
_pdbx_entity_instance_feature.asym_id        ? 
_pdbx_entity_instance_feature.seq_num        ? 
_pdbx_entity_instance_feature.auth_comp_id   U0S 
_pdbx_entity_instance_feature.auth_asym_id   ? 
_pdbx_entity_instance_feature.auth_seq_num   ? 
_pdbx_entity_instance_feature.feature_type   'SUBJECT OF INVESTIGATION' 
_pdbx_entity_instance_feature.details        ? 
# 
loop_
_pdbx_nonpoly_scheme.asym_id 
_pdbx_nonpoly_scheme.entity_id 
_pdbx_nonpoly_scheme.mon_id 
_pdbx_nonpoly_scheme.ndb_seq_num 
_pdbx_nonpoly_scheme.pdb_seq_num 
_pdbx_nonpoly_scheme.auth_seq_num 
_pdbx_nonpoly_scheme.pdb_mon_id 
_pdbx_nonpoly_scheme.auth_mon_id 
_pdbx_nonpoly_scheme.pdb_strand_id 
_pdbx_nonpoly_scheme.pdb_ins_code 
B 2 EDO 1   201 202 EDO EDO B . 
C 3 U0S 1   202 302 U0S LIG B . 
D 2 EDO 1   203 305 EDO EDO B . 
E 4 SO4 1   204 1   SO4 SO4 B . 
F 5 HOH 1   301 2   HOH HOH B . 
F 5 HOH 2   302 81  HOH HOH B . 
F 5 HOH 3   303 33  HOH HOH B . 
F 5 HOH 4   304 40  HOH HOH B . 
F 5 HOH 5   305 99  HOH HOH B . 
F 5 HOH 6   306 27  HOH HOH B . 
F 5 HOH 7   307 214 HOH HOH B . 
F 5 HOH 8   308 80  HOH HOH B . 
F 5 HOH 9   309 26  HOH HOH B . 
F 5 HOH 10  310 16  HOH HOH B . 
F 5 HOH 11  311 5   HOH HOH B . 
F 5 HOH 12  312 31  HOH HOH B . 
F 5 HOH 13  313 63  HOH HOH B . 
F 5 HOH 14  314 12  HOH HOH B . 
F 5 HOH 15  315 1   HOH HOH B . 
F 5 HOH 16  316 34  HOH HOH B . 
F 5 HOH 17  317 90  HOH HOH B . 
F 5 HOH 18  318 21  HOH HOH B . 
F 5 HOH 19  319 11  HOH HOH B . 
F 5 HOH 20  320 16  HOH HOH B . 
F 5 HOH 21  321 102 HOH HOH B . 
F 5 HOH 22  322 51  HOH HOH B . 
F 5 HOH 23  323 129 HOH HOH B . 
F 5 HOH 24  324 19  HOH HOH B . 
F 5 HOH 25  325 25  HOH HOH B . 
F 5 HOH 26  326 68  HOH HOH B . 
F 5 HOH 27  327 211 HOH HOH B . 
F 5 HOH 28  328 9   HOH HOH B . 
F 5 HOH 29  329 85  HOH HOH B . 
F 5 HOH 30  330 2   HOH HOH B . 
F 5 HOH 31  331 36  HOH HOH B . 
F 5 HOH 32  332 86  HOH HOH B . 
F 5 HOH 33  333 39  HOH HOH B . 
F 5 HOH 34  334 100 HOH HOH B . 
F 5 HOH 35  335 18  HOH HOH B . 
F 5 HOH 36  336 72  HOH HOH B . 
F 5 HOH 37  337 267 HOH HOH B . 
F 5 HOH 38  338 73  HOH HOH B . 
F 5 HOH 39  339 50  HOH HOH B . 
F 5 HOH 40  340 27  HOH HOH B . 
F 5 HOH 41  341 20  HOH HOH B . 
F 5 HOH 42  342 55  HOH HOH B . 
F 5 HOH 43  343 58  HOH HOH B . 
F 5 HOH 44  344 95  HOH HOH B . 
F 5 HOH 45  345 43  HOH HOH B . 
F 5 HOH 46  346 26  HOH HOH B . 
F 5 HOH 47  347 22  HOH HOH B . 
F 5 HOH 48  348 7   HOH HOH B . 
F 5 HOH 49  349 116 HOH HOH B . 
F 5 HOH 50  350 62  HOH HOH B . 
F 5 HOH 51  351 29  HOH HOH B . 
F 5 HOH 52  352 76  HOH HOH B . 
F 5 HOH 53  353 15  HOH HOH B . 
F 5 HOH 54  354 66  HOH HOH B . 
F 5 HOH 55  355 157 HOH HOH B . 
F 5 HOH 56  356 70  HOH HOH B . 
F 5 HOH 57  357 126 HOH HOH B . 
F 5 HOH 58  358 5   HOH HOH B . 
F 5 HOH 59  359 10  HOH HOH B . 
F 5 HOH 60  360 89  HOH HOH B . 
F 5 HOH 61  361 184 HOH HOH B . 
F 5 HOH 62  362 10  HOH HOH B . 
F 5 HOH 63  363 47  HOH HOH B . 
F 5 HOH 64  364 1   HOH HOH B . 
F 5 HOH 65  365 32  HOH HOH B . 
F 5 HOH 66  366 61  HOH HOH B . 
F 5 HOH 67  367 8   HOH HOH B . 
F 5 HOH 68  368 4   HOH HOH B . 
F 5 HOH 69  369 304 HOH HOH B . 
F 5 HOH 70  370 6   HOH HOH B . 
F 5 HOH 71  371 71  HOH HOH B . 
F 5 HOH 72  372 82  HOH HOH B . 
F 5 HOH 73  373 60  HOH HOH B . 
F 5 HOH 74  374 172 HOH HOH B . 
F 5 HOH 75  375 3   HOH HOH B . 
F 5 HOH 76  376 14  HOH HOH B . 
F 5 HOH 77  377 56  HOH HOH B . 
F 5 HOH 78  378 107 HOH HOH B . 
F 5 HOH 79  379 13  HOH HOH B . 
F 5 HOH 80  380 59  HOH HOH B . 
F 5 HOH 81  381 12  HOH HOH B . 
F 5 HOH 82  382 303 HOH HOH B . 
F 5 HOH 83  383 93  HOH HOH B . 
F 5 HOH 84  384 46  HOH HOH B . 
F 5 HOH 85  385 8   HOH HOH B . 
F 5 HOH 86  386 25  HOH HOH B . 
F 5 HOH 87  387 24  HOH HOH B . 
F 5 HOH 88  388 3   HOH HOH B . 
F 5 HOH 89  389 45  HOH HOH B . 
F 5 HOH 90  390 140 HOH HOH B . 
F 5 HOH 91  391 125 HOH HOH B . 
F 5 HOH 92  392 33  HOH HOH B . 
F 5 HOH 93  393 97  HOH HOH B . 
F 5 HOH 94  394 49  HOH HOH B . 
F 5 HOH 95  395 18  HOH HOH B . 
F 5 HOH 96  396 64  HOH HOH B . 
F 5 HOH 97  397 23  HOH HOH B . 
F 5 HOH 98  398 30  HOH HOH B . 
F 5 HOH 99  399 281 HOH HOH B . 
F 5 HOH 100 400 42  HOH HOH B . 
F 5 HOH 101 401 112 HOH HOH B . 
F 5 HOH 102 402 137 HOH HOH B . 
F 5 HOH 103 403 48  HOH HOH B . 
F 5 HOH 104 404 22  HOH HOH B . 
F 5 HOH 105 405 38  HOH HOH B . 
F 5 HOH 106 406 54  HOH HOH B . 
F 5 HOH 107 407 57  HOH HOH B . 
F 5 HOH 108 408 197 HOH HOH B . 
F 5 HOH 109 409 44  HOH HOH B . 
F 5 HOH 110 410 7   HOH HOH B . 
F 5 HOH 111 411 257 HOH HOH B . 
F 5 HOH 112 412 53  HOH HOH B . 
F 5 HOH 113 413 69  HOH HOH B . 
F 5 HOH 114 414 15  HOH HOH B . 
F 5 HOH 115 415 32  HOH HOH B . 
F 5 HOH 116 416 120 HOH HOH B . 
F 5 HOH 117 417 264 HOH HOH B . 
F 5 HOH 118 418 41  HOH HOH B . 
F 5 HOH 119 419 11  HOH HOH B . 
F 5 HOH 120 420 19  HOH HOH B . 
F 5 HOH 121 421 20  HOH HOH B . 
F 5 HOH 122 422 154 HOH HOH B . 
F 5 HOH 123 423 133 HOH HOH B . 
F 5 HOH 124 424 103 HOH HOH B . 
F 5 HOH 125 425 31  HOH HOH B . 
F 5 HOH 126 426 30  HOH HOH B . 
F 5 HOH 127 427 114 HOH HOH B . 
F 5 HOH 128 428 263 HOH HOH B . 
F 5 HOH 129 429 115 HOH HOH B . 
F 5 HOH 130 430 266 HOH HOH B . 
F 5 HOH 131 431 23  HOH HOH B . 
F 5 HOH 132 432 21  HOH HOH B . 
F 5 HOH 133 433 98  HOH HOH B . 
F 5 HOH 134 434 13  HOH HOH B . 
F 5 HOH 135 435 104 HOH HOH B . 
F 5 HOH 136 436 166 HOH HOH B . 
F 5 HOH 137 437 205 HOH HOH B . 
F 5 HOH 138 438 127 HOH HOH B . 
F 5 HOH 139 439 259 HOH HOH B . 
F 5 HOH 140 440 14  HOH HOH B . 
F 5 HOH 141 441 131 HOH HOH B . 
F 5 HOH 142 442 270 HOH HOH B . 
# 
loop_
_pdbx_unobs_or_zero_occ_atoms.id 
_pdbx_unobs_or_zero_occ_atoms.PDB_model_num 
_pdbx_unobs_or_zero_occ_atoms.polymer_flag 
_pdbx_unobs_or_zero_occ_atoms.occupancy_flag 
_pdbx_unobs_or_zero_occ_atoms.auth_asym_id 
_pdbx_unobs_or_zero_occ_atoms.auth_comp_id 
_pdbx_unobs_or_zero_occ_atoms.auth_seq_id 
_pdbx_unobs_or_zero_occ_atoms.PDB_ins_code 
_pdbx_unobs_or_zero_occ_atoms.auth_atom_id 
_pdbx_unobs_or_zero_occ_atoms.label_alt_id 
_pdbx_unobs_or_zero_occ_atoms.label_asym_id 
_pdbx_unobs_or_zero_occ_atoms.label_comp_id 
_pdbx_unobs_or_zero_occ_atoms.label_seq_id 
_pdbx_unobs_or_zero_occ_atoms.label_atom_id 
1 1 Y 1 B LEU 192 ? CG  ? A LEU 186 CG  
2 1 Y 1 B LEU 192 ? CD1 ? A LEU 186 CD1 
3 1 Y 1 B LEU 192 ? CD2 ? A LEU 186 CD2 
# 
loop_
_software.pdbx_ordinal 
_software.name 
_software.version 
_software.date 
_software.type 
_software.contact_author 
_software.contact_author_email 
_software.classification 
_software.location 
_software.language 
_software.citation_id 
1 REFMAC  5.8.0267 ?        program 'Garib N. Murshudov' garib@ysbl.york.ac.uk refinement       
http://www.ccp4.ac.uk/dist/html/refmac5.html        Fortran_77 ? 
2 Aimless 0.7.7    23/04/21 program 'Phil Evans'         ?                     'data scaling'   
http://www.mrc-lmb.cam.ac.uk/harry/pre/aimless.html ?          ? 
3 XDS     .        ?        program ?                    ?                     'data reduction' ? ?          ? 
4 REFMAC  .        ?        program ?                    ?                     phasing          ? ?          ? 
# 
_cell.entry_id           7HLD 
_cell.length_a           95.528 
_cell.length_b           95.528 
_cell.length_c           45.522 
_cell.angle_alpha        90.000 
_cell.angle_beta         90.000 
_cell.angle_gamma        90.000 
_cell.Z_PDB              8 
_cell.pdbx_unique_axis   ? 
# 
_symmetry.entry_id                         7HLD 
_symmetry.space_group_name_H-M             'I 4' 
_symmetry.pdbx_full_space_group_name_H-M   ? 
_symmetry.cell_setting                     ? 
_symmetry.Int_Tables_number                79 
# 
_exptl.crystals_number   1 
_exptl.entry_id          7HLD 
_exptl.method            'X-RAY DIFFRACTION' 
# 
_exptl_crystal.id                    1 
_exptl_crystal.density_meas          ? 
_exptl_crystal.density_Matthews      2.40 
_exptl_crystal.density_percent_sol   48.84 
_exptl_crystal.description           ? 
# 
_exptl_crystal_grow.crystal_id      1 
_exptl_crystal_grow.method          'VAPOR DIFFUSION, SITTING DROP' 
_exptl_crystal_grow.pH              8 
_exptl_crystal_grow.temp            293 
_exptl_crystal_grow.pdbx_details    '4 % PEG 400, 2 M AmmSO4, 0.1 M HEPES pH 8' 
_exptl_crystal_grow.temp_details    ? 
_exptl_crystal_grow.pdbx_pH_range   ? 
# 
_diffrn.id                     1 
_diffrn.ambient_temp           100 
_diffrn.crystal_id             1 
_diffrn.ambient_temp_details   ? 
# 
_diffrn_detector.detector               PIXEL 
_diffrn_detector.type                   'DECTRIS EIGER2 XE 9M' 
_diffrn_detector.pdbx_collection_date   2024-05-22 
_diffrn_detector.diffrn_id              1 
_diffrn_detector.details                ? 
# 
_diffrn_radiation.diffrn_id                        1 
_diffrn_radiation.wavelength_id                    1 
_diffrn_radiation.pdbx_diffrn_protocol             'SINGLE WAVELENGTH' 
_diffrn_radiation.pdbx_monochromatic_or_laue_m_l   ? 
_diffrn_radiation.monochromator                    ? 
_diffrn_radiation.pdbx_scattering_type             x-ray 
# 
_diffrn_radiation_wavelength.id           1 
_diffrn_radiation_wavelength.wavelength   0.92124 
_diffrn_radiation_wavelength.wt           1.0 
# 
_diffrn_source.diffrn_id                   1 
_diffrn_source.source                      SYNCHROTRON 
_diffrn_source.type                        'DIAMOND BEAMLINE I04-1' 
_diffrn_source.pdbx_wavelength_list        0.92124 
_diffrn_source.pdbx_synchrotron_site       Diamond 
_diffrn_source.pdbx_synchrotron_beamline   I04-1 
_diffrn_source.pdbx_wavelength             ? 
# 
_reflns.entry_id                     7HLD 
_reflns.pdbx_diffrn_id               1 
_reflns.pdbx_ordinal                 1 
_reflns.observed_criterion_sigma_I   ? 
_reflns.observed_criterion_sigma_F   ? 
_reflns.d_resolution_low             33.759 
_reflns.d_resolution_high            1.220 
_reflns.number_obs                   57891 
_reflns.number_all                   ? 
_reflns.percent_possible_obs         94.836 
_reflns.pdbx_Rmerge_I_obs            0.050 
_reflns.pdbx_Rsym_value              ? 
_reflns.pdbx_netI_over_sigmaI        19.440 
_reflns.B_iso_Wilson_estimate        ? 
_reflns.pdbx_redundancy              9.818 
_reflns.pdbx_Rrim_I_all              0.053 
_reflns.pdbx_Rpim_I_all              0.015 
_reflns.pdbx_CC_half                 0.999 
_reflns.pdbx_netI_over_av_sigmaI     ? 
_reflns.pdbx_number_measured_all     568389 
_reflns.pdbx_scaling_rejects         0 
_reflns.pdbx_chi_squared             ? 
_reflns.Rmerge_F_all                 ? 
_reflns.Rmerge_F_obs                 ? 
_reflns.observed_criterion_F_max     ? 
_reflns.observed_criterion_F_min     ? 
_reflns.observed_criterion_I_max     ? 
_reflns.observed_criterion_I_min     ? 
_reflns.pdbx_d_res_high_opt          ? 
_reflns.pdbx_d_res_low_opt           ? 
_reflns.details                      ? 
# 
loop_
_reflns_shell.pdbx_ordinal 
_reflns_shell.pdbx_diffrn_id 
_reflns_shell.d_res_high 
_reflns_shell.d_res_low 
_reflns_shell.meanI_over_sigI_all 
_reflns_shell.meanI_over_sigI_obs 
_reflns_shell.number_unique_all 
_reflns_shell.number_unique_obs 
_reflns_shell.percent_possible_all 
_reflns_shell.percent_possible_obs 
_reflns_shell.Rmerge_F_all 
_reflns_shell.Rmerge_F_obs 
_reflns_shell.Rmerge_I_all 
_reflns_shell.Rmerge_I_obs 
_reflns_shell.pdbx_redundancy 
_reflns_shell.pdbx_Rsym_value 
_reflns_shell.pdbx_chi_squared 
_reflns_shell.pdbx_netI_over_sigmaI_all 
_reflns_shell.pdbx_netI_over_sigmaI_obs 
_reflns_shell.pdbx_Rrim_I_all 
_reflns_shell.pdbx_Rpim_I_all 
_reflns_shell.pdbx_CC_half 
_reflns_shell.pdbx_R_split 
1 1 1.220 1.300  ? ? 3398 ? 85.400 ? ? ? ? 1.257 3.200  ? ? ? 0.800  1.524 0.829 0.358 ? 
2 1 5.680 33.760 ? ? 648  ? 99.600 ? ? ? ? 0.028 12.500 ? ? ? 70.900 0.029 0.008 1.000 ? 
# 
_refine.entry_id                                 7HLD 
_refine.pdbx_refine_id                           'X-RAY DIFFRACTION' 
_refine.ls_d_res_high                            1.2200 
_refine.ls_d_res_low                             33.8000 
_refine.pdbx_ls_sigma_F                          0.000 
_refine.pdbx_data_cutoff_high_absF               ? 
_refine.pdbx_data_cutoff_low_absF                ? 
_refine.ls_percent_reflns_obs                    94.3200 
_refine.ls_number_reflns_obs                     54787 
_refine.ls_number_reflns_all                     ? 
_refine.pdbx_ls_cross_valid_method               THROUGHOUT 
_refine.ls_matrix_type                           ? 
_refine.pdbx_R_Free_selection_details            RANDOM 
_refine.details                                  
'HYDROGENS HAVE BEEN ADDED IN THE RIDING POSITIONS U VALUES      : REFINED INDIVIDUALLY' 
_refine.ls_R_factor_all                          ? 
_refine.ls_R_factor_obs                          0.1793 
_refine.ls_R_factor_R_work                       0.1784 
_refine.ls_wR_factor_R_work                      ? 
_refine.ls_R_factor_R_free                       0.1959 
_refine.ls_wR_factor_R_free                      ? 
_refine.ls_percent_reflns_R_free                 4.9000 
_refine.ls_number_reflns_R_free                  2797 
_refine.ls_number_reflns_R_work                  ? 
_refine.ls_R_factor_R_free_error                 ? 
_refine.B_iso_mean                               17.7040 
_refine.solvent_model_param_bsol                 ? 
_refine.solvent_model_param_ksol                 ? 
_refine.pdbx_isotropic_thermal_model             ? 
_refine.aniso_B[1][1]                            -0.0500 
_refine.aniso_B[2][2]                            -0.0500 
_refine.aniso_B[3][3]                            0.1000 
_refine.aniso_B[1][2]                            0.0000 
_refine.aniso_B[1][3]                            0.0000 
_refine.aniso_B[2][3]                            0.0000 
_refine.correlation_coeff_Fo_to_Fc               0.9710 
_refine.correlation_coeff_Fo_to_Fc_free          0.9660 
_refine.overall_SU_R_Cruickshank_DPI             ? 
_refine.pdbx_overall_SU_R_free_Cruickshank_DPI   ? 
_refine.pdbx_overall_SU_R_Blow_DPI               ? 
_refine.pdbx_overall_SU_R_free_Blow_DPI          ? 
_refine.overall_SU_R_free                        ? 
_refine.pdbx_overall_ESU_R                       0.0460 
_refine.pdbx_overall_ESU_R_Free                  0.0470 
_refine.overall_SU_ML                            0.0390 
_refine.overall_SU_B                             0.9410 
_refine.solvent_model_details                    MASK 
_refine.pdbx_solvent_vdw_probe_radii             1.2000 
_refine.pdbx_solvent_ion_probe_radii             0.8000 
_refine.pdbx_solvent_shrinkage_radii             0.8000 
_refine.ls_number_parameters                     ? 
_refine.ls_number_restraints                     ? 
_refine.pdbx_starting_model                      ? 
_refine.pdbx_method_to_determine_struct          'FOURIER SYNTHESIS' 
_refine.pdbx_stereochemistry_target_values       'MAXIMUM LIKELIHOOD' 
_refine.pdbx_stereochem_target_val_spec_case     ? 
_refine.overall_FOM_work_R_set                   ? 
_refine.B_iso_max                                104.850 
_refine.B_iso_min                                9.340 
_refine.pdbx_overall_phase_error                 ? 
_refine.occupancy_max                            ? 
_refine.occupancy_min                            ? 
_refine.pdbx_diffrn_id                           1 
_refine.pdbx_TLS_residual_ADP_flag               ? 
_refine.pdbx_ls_sigma_I                          ? 
_refine.pdbx_data_cutoff_high_rms_absF           ? 
_refine.ls_R_factor_R_free_error_details         ? 
# 
_refine_hist.cycle_id                         final 
_refine_hist.pdbx_refine_id                   'X-RAY DIFFRACTION' 
_refine_hist.d_res_high                       1.2200 
_refine_hist.d_res_low                        33.8000 
_refine_hist.pdbx_number_atoms_ligand         28 
_refine_hist.number_atoms_solvent             142 
_refine_hist.number_atoms_total               1663 
_refine_hist.pdbx_number_residues_total       185 
_refine_hist.pdbx_B_iso_mean_ligand           31.79 
_refine_hist.pdbx_B_iso_mean_solvent          28.84 
_refine_hist.pdbx_number_atoms_protein        1493 
_refine_hist.pdbx_number_atoms_nucleic_acid   0 
# 
loop_
_refine_ls_restr.pdbx_refine_id 
_refine_ls_restr.type 
_refine_ls_restr.number 
_refine_ls_restr.dev_ideal 
_refine_ls_restr.dev_ideal_target 
_refine_ls_restr.weight 
_refine_ls_restr.pdbx_restraint_function 
'X-RAY DIFFRACTION' r_bond_refined_d       2039 0.013  0.013  ? ? 
'X-RAY DIFFRACTION' r_bond_other_d         1622 0.001  0.015  ? ? 
'X-RAY DIFFRACTION' r_angle_refined_deg    2556 1.903  1.642  ? ? 
'X-RAY DIFFRACTION' r_angle_other_deg      3754 1.441  1.581  ? ? 
'X-RAY DIFFRACTION' r_dihedral_angle_1_deg 241  7.313  5.000  ? ? 
'X-RAY DIFFRACTION' r_dihedral_angle_2_deg 110  28.173 21.455 ? ? 
'X-RAY DIFFRACTION' r_dihedral_angle_3_deg 288  12.093 15.000 ? ? 
'X-RAY DIFFRACTION' r_dihedral_angle_4_deg 15   25.493 15.000 ? ? 
'X-RAY DIFFRACTION' r_chiral_restr         222  0.374  0.200  ? ? 
'X-RAY DIFFRACTION' r_gen_planes_refined   2276 0.011  0.020  ? ? 
'X-RAY DIFFRACTION' r_gen_planes_other     498  0.002  0.020  ? ? 
'X-RAY DIFFRACTION' r_mcbond_it            973  1.669  1.593  ? ? 
'X-RAY DIFFRACTION' r_mcbond_other         965  1.666  1.578  ? ? 
'X-RAY DIFFRACTION' r_mcangle_it           1153 2.739  2.378  ? ? 
# 
_refine_ls_shell.d_res_high                       1.2210 
_refine_ls_shell.d_res_low                        1.2520 
_refine_ls_shell.pdbx_total_number_of_bins_used   20 
_refine_ls_shell.percent_reflns_obs               54.9100 
_refine_ls_shell.number_reflns_R_work             2356 
_refine_ls_shell.R_factor_all                     ? 
_refine_ls_shell.R_factor_R_work                  0.3740 
_refine_ls_shell.R_factor_R_free                  0.3950 
_refine_ls_shell.percent_reflns_R_free            ? 
_refine_ls_shell.number_reflns_R_free             114 
_refine_ls_shell.R_factor_R_free_error            ? 
_refine_ls_shell.number_reflns_all                2470 
_refine_ls_shell.number_reflns_obs                ? 
_refine_ls_shell.pdbx_refine_id                   'X-RAY DIFFRACTION' 
# 
_struct.entry_id                  7HLD 
_struct.title                     'PanDDA analysis group deposition -- Crystal Structure of TRIM21 in complex with Z1401276297' 
_struct.pdbx_model_details        ? 
_struct.pdbx_CASP_flag            ? 
_struct.pdbx_model_type_details   ? 
# 
_struct_keywords.entry_id        7HLD 
_struct_keywords.text            'SGC - Diamond I04-1 fragment screening, PanDDA, XChemExplorer, TRIM21, LIGASE' 
_struct_keywords.pdbx_keywords   LIGASE 
# 
loop_
_struct_asym.id 
_struct_asym.pdbx_blank_PDB_chainid_flag 
_struct_asym.pdbx_modified 
_struct_asym.entity_id 
_struct_asym.details 
A N N 1 ? 
B N N 2 ? 
C N N 3 ? 
D N N 2 ? 
E N N 4 ? 
F N N 5 ? 
# 
_struct_ref.id                         1 
_struct_ref.db_name                    UNP 
_struct_ref.db_code                    RO52_MOUSE 
_struct_ref.pdbx_db_accession          Q62191 
_struct_ref.pdbx_db_isoform            ? 
_struct_ref.entity_id                  1 
_struct_ref.pdbx_seq_one_letter_code   
;VHITLDRNTANSWLIISKDRRQVRMGDTHQNVSDNKERFSNYPMVLGAQRFSSGKMYWEVDVTQKEAWDLGVCRDSVQRK
GQFSLSPENGFWTIWLWQDSYEAGTSPQTTLHIQVPPCQIGIFVDYEAGVVSFYNITDHGSLIYTFSECVFAGPLRPFFN
VGFNYSGGNAAPLKLCPLKM
;
_struct_ref.pdbx_align_begin           291 
# 
_struct_ref_seq.align_id                      1 
_struct_ref_seq.ref_id                        1 
_struct_ref_seq.pdbx_PDB_id_code              7HLD 
_struct_ref_seq.pdbx_strand_id                B 
_struct_ref_seq.seq_align_beg                 9 
_struct_ref_seq.pdbx_seq_align_beg_ins_code   ? 
_struct_ref_seq.seq_align_end                 188 
_struct_ref_seq.pdbx_seq_align_end_ins_code   ? 
_struct_ref_seq.pdbx_db_accession             Q62191 
_struct_ref_seq.db_align_beg                  291 
_struct_ref_seq.pdbx_db_align_beg_ins_code    ? 
_struct_ref_seq.db_align_end                  470 
_struct_ref_seq.pdbx_db_align_end_ins_code    ? 
_struct_ref_seq.pdbx_auth_seq_align_beg       15 
_struct_ref_seq.pdbx_auth_seq_align_end       194 
# 
loop_
_struct_ref_seq_dif.align_id 
_struct_ref_seq_dif.pdbx_pdb_id_code 
_struct_ref_seq_dif.mon_id 
_struct_ref_seq_dif.pdbx_pdb_strand_id 
_struct_ref_seq_dif.seq_num 
_struct_ref_seq_dif.pdbx_pdb_ins_code 
_struct_ref_seq_dif.pdbx_seq_db_name 
_struct_ref_seq_dif.pdbx_seq_db_accession_code 
_struct_ref_seq_dif.db_mon_id 
_struct_ref_seq_dif.pdbx_seq_db_seq_num 
_struct_ref_seq_dif.details 
_struct_ref_seq_dif.pdbx_auth_seq_num 
_struct_ref_seq_dif.pdbx_ordinal 
1 7HLD MET B 1 ? UNP Q62191 ? ? 'initiating methionine' 7  1 
1 7HLD HIS B 2 ? UNP Q62191 ? ? 'expression tag'        8  2 
1 7HLD HIS B 3 ? UNP Q62191 ? ? 'expression tag'        9  3 
1 7HLD HIS B 4 ? UNP Q62191 ? ? 'expression tag'        10 4 
1 7HLD HIS B 5 ? UNP Q62191 ? ? 'expression tag'        11 5 
1 7HLD HIS B 6 ? UNP Q62191 ? ? 'expression tag'        12 6 
1 7HLD HIS B 7 ? UNP Q62191 ? ? 'expression tag'        13 7 
1 7HLD MET B 8 ? UNP Q62191 ? ? 'expression tag'        14 8 
# 
_pdbx_struct_assembly.id                   1 
_pdbx_struct_assembly.details              author_defined_assembly 
_pdbx_struct_assembly.method_details       ? 
_pdbx_struct_assembly.oligomeric_details   monomeric 
_pdbx_struct_assembly.oligomeric_count     1 
# 
_pdbx_struct_assembly_gen.assembly_id       1 
_pdbx_struct_assembly_gen.oper_expression   1 
_pdbx_struct_assembly_gen.asym_id_list      A,B,C,D,E,F 
# 
_pdbx_struct_oper_list.id                   1 
_pdbx_struct_oper_list.type                 'identity operation' 
_pdbx_struct_oper_list.name                 1_555 
_pdbx_struct_oper_list.symmetry_operation   x,y,z 
_pdbx_struct_oper_list.matrix[1][1]         1.0000000000 
_pdbx_struct_oper_list.matrix[1][2]         0.0000000000 
_pdbx_struct_oper_list.matrix[1][3]         0.0000000000 
_pdbx_struct_oper_list.vector[1]            0.0000000000 
_pdbx_struct_oper_list.matrix[2][1]         0.0000000000 
_pdbx_struct_oper_list.matrix[2][2]         1.0000000000 
_pdbx_struct_oper_list.matrix[2][3]         0.0000000000 
_pdbx_struct_oper_list.vector[2]            0.0000000000 
_pdbx_struct_oper_list.matrix[3][1]         0.0000000000 
_pdbx_struct_oper_list.matrix[3][2]         0.0000000000 
_pdbx_struct_oper_list.matrix[3][3]         1.0000000000 
_pdbx_struct_oper_list.vector[3]            0.0000000000 
# 
loop_
_struct_conf.conf_type_id 
_struct_conf.id 
_struct_conf.pdbx_PDB_helix_id 
_struct_conf.beg_label_comp_id 
_struct_conf.beg_label_asym_id 
_struct_conf.beg_label_seq_id 
_struct_conf.pdbx_beg_PDB_ins_code 
_struct_conf.end_label_comp_id 
_struct_conf.end_label_asym_id 
_struct_conf.end_label_seq_id 
_struct_conf.pdbx_end_PDB_ins_code 
_struct_conf.beg_auth_comp_id 
_struct_conf.beg_auth_asym_id 
_struct_conf.beg_auth_seq_id 
_struct_conf.end_auth_comp_id 
_struct_conf.end_auth_asym_id 
_struct_conf.end_auth_seq_id 
_struct_conf.pdbx_PDB_helix_class 
_struct_conf.details 
_struct_conf.pdbx_PDB_helix_length 
HELX_P HELX_P1 AA1 HIS A 4  ? MET A 8  ? HIS B 10  MET B 14  5 ? 5 
HELX_P HELX_P2 AA2 ASP A 14 ? ALA A 18 ? ASP B 20  ALA B 24  5 ? 5 
HELX_P HELX_P3 AA3 SER A 94 ? ASN A 97 ? SER B 100 ASN B 103 5 ? 4 
# 
_struct_conf_type.id          HELX_P 
_struct_conf_type.criteria    ? 
_struct_conf_type.reference   ? 
# 
_struct_mon_prot_cis.pdbx_id                1 
_struct_mon_prot_cis.label_comp_id          SER 
_struct_mon_prot_cis.label_seq_id           114 
_struct_mon_prot_cis.label_asym_id          A 
_struct_mon_prot_cis.label_alt_id           . 
_struct_mon_prot_cis.pdbx_PDB_ins_code      ? 
_struct_mon_prot_cis.auth_comp_id           SER 
_struct_mon_prot_cis.auth_seq_id            120 
_struct_mon_prot_cis.auth_asym_id           B 
_struct_mon_prot_cis.pdbx_label_comp_id_2   PRO 
_struct_mon_prot_cis.pdbx_label_seq_id_2    115 
_struct_mon_prot_cis.pdbx_label_asym_id_2   A 
_struct_mon_prot_cis.pdbx_PDB_ins_code_2    ? 
_struct_mon_prot_cis.pdbx_auth_comp_id_2    PRO 
_struct_mon_prot_cis.pdbx_auth_seq_id_2     121 
_struct_mon_prot_cis.pdbx_auth_asym_id_2    B 
_struct_mon_prot_cis.pdbx_PDB_model_num     1 
_struct_mon_prot_cis.pdbx_omega_angle       -2.43 
# 
loop_
_struct_sheet.id 
_struct_sheet.type 
_struct_sheet.number_strands 
_struct_sheet.details 
AA1 ? 7 ? 
AA2 ? 6 ? 
# 
loop_
_struct_sheet_order.sheet_id 
_struct_sheet_order.range_id_1 
_struct_sheet_order.range_id_2 
_struct_sheet_order.offset 
_struct_sheet_order.sense 
AA1 1 2 ? anti-parallel 
AA1 2 3 ? anti-parallel 
AA1 3 4 ? anti-parallel 
AA1 4 5 ? anti-parallel 
AA1 5 6 ? anti-parallel 
AA1 6 7 ? anti-parallel 
AA2 1 2 ? anti-parallel 
AA2 2 3 ? anti-parallel 
AA2 3 4 ? anti-parallel 
AA2 4 5 ? anti-parallel 
AA2 5 6 ? anti-parallel 
# 
loop_
_struct_sheet_range.sheet_id 
_struct_sheet_range.id 
_struct_sheet_range.beg_label_comp_id 
_struct_sheet_range.beg_label_asym_id 
_struct_sheet_range.beg_label_seq_id 
_struct_sheet_range.pdbx_beg_PDB_ins_code 
_struct_sheet_range.end_label_comp_id 
_struct_sheet_range.end_label_asym_id 
_struct_sheet_range.end_label_seq_id 
_struct_sheet_range.pdbx_end_PDB_ins_code 
_struct_sheet_range.beg_auth_comp_id 
_struct_sheet_range.beg_auth_asym_id 
_struct_sheet_range.beg_auth_seq_id 
_struct_sheet_range.end_auth_comp_id 
_struct_sheet_range.end_auth_asym_id 
_struct_sheet_range.end_auth_seq_id 
AA1 1 LEU A 22  ? ILE A 24  ? LEU B 28  ILE B 30  
AA1 2 GLN A 30  ? MET A 33  ? GLN B 36  MET B 39  
AA1 3 LEU A 181 ? LEU A 183 ? LEU B 187 LEU B 189 
AA1 4 LYS A 63  ? ASP A 69  ? LYS B 69  ASP B 75  
AA1 5 GLN A 127 ? ASP A 133 ? GLN B 133 ASP B 139 
AA1 6 VAL A 138 ? ASN A 143 ? VAL B 144 ASN B 149 
AA1 7 SER A 149 ? PHE A 154 ? SER B 155 PHE B 160 
AA2 1 MET A 52  ? LEU A 54  ? MET B 58  LEU B 60  
AA2 2 LEU A 163 ? ASN A 168 ? LEU B 169 ASN B 174 
AA2 3 TRP A 76  ? ARG A 82  ? TRP B 82  ARG B 88  
AA2 4 PHE A 99  ? TRP A 105 ? PHE B 105 TRP B 111 
AA2 5 SER A 108 ? ALA A 111 ? SER B 114 ALA B 117 
AA2 6 THR A 117 ? THR A 118 ? THR B 123 THR B 124 
# 
loop_
_pdbx_struct_sheet_hbond.sheet_id 
_pdbx_struct_sheet_hbond.range_id_1 
_pdbx_struct_sheet_hbond.range_id_2 
_pdbx_struct_sheet_hbond.range_1_label_atom_id 
_pdbx_struct_sheet_hbond.range_1_label_comp_id 
_pdbx_struct_sheet_hbond.range_1_label_asym_id 
_pdbx_struct_sheet_hbond.range_1_label_seq_id 
_pdbx_struct_sheet_hbond.range_1_PDB_ins_code 
_pdbx_struct_sheet_hbond.range_1_auth_atom_id 
_pdbx_struct_sheet_hbond.range_1_auth_comp_id 
_pdbx_struct_sheet_hbond.range_1_auth_asym_id 
_pdbx_struct_sheet_hbond.range_1_auth_seq_id 
_pdbx_struct_sheet_hbond.range_2_label_atom_id 
_pdbx_struct_sheet_hbond.range_2_label_comp_id 
_pdbx_struct_sheet_hbond.range_2_label_asym_id 
_pdbx_struct_sheet_hbond.range_2_label_seq_id 
_pdbx_struct_sheet_hbond.range_2_PDB_ins_code 
_pdbx_struct_sheet_hbond.range_2_auth_atom_id 
_pdbx_struct_sheet_hbond.range_2_auth_comp_id 
_pdbx_struct_sheet_hbond.range_2_auth_asym_id 
_pdbx_struct_sheet_hbond.range_2_auth_seq_id 
AA1 1 2 N ILE A 23  ? N ILE B 29  O ARG A 32  ? O ARG B 38  
AA1 2 3 N VAL A 31  ? N VAL B 37  O LEU A 181 ? O LEU B 187 
AA1 3 4 O LYS A 182 ? O LYS B 188 N ASP A 69  ? N ASP B 75  
AA1 4 5 N TRP A 66  ? N TRP B 72  O ILE A 130 ? O ILE B 136 
AA1 5 6 N PHE A 131 ? N PHE B 137 O SER A 140 ? O SER B 146 
AA1 6 7 N PHE A 141 ? N PHE B 147 O ILE A 151 ? O ILE B 157 
AA2 1 2 N VAL A 53  ? N VAL B 59  O PHE A 167 ? O PHE B 173 
AA2 2 3 O ARG A 164 ? O ARG B 170 N CYS A 81  ? N CYS B 87  
AA2 3 4 N VAL A 80  ? N VAL B 86  O TRP A 100 ? O TRP B 106 
AA2 4 5 N TRP A 103 ? N TRP B 109 O GLU A 110 ? O GLU B 116 
AA2 5 6 N ALA A 111 ? N ALA B 117 O THR A 117 ? O THR B 123 
# 
_pdbx_entry_details.entry_id                   7HLD 
_pdbx_entry_details.compound_details           ? 
_pdbx_entry_details.source_details             ? 
_pdbx_entry_details.nonpolymer_details         ? 
_pdbx_entry_details.sequence_details           ? 
_pdbx_entry_details.has_ligand_of_interest     Y 
_pdbx_entry_details.has_protein_modification   N 
# 
loop_
_pdbx_validate_torsion.id 
_pdbx_validate_torsion.PDB_model_num 
_pdbx_validate_torsion.auth_comp_id 
_pdbx_validate_torsion.auth_asym_id 
_pdbx_validate_torsion.auth_seq_id 
_pdbx_validate_torsion.PDB_ins_code 
_pdbx_validate_torsion.label_alt_id 
_pdbx_validate_torsion.phi 
_pdbx_validate_torsion.psi 
1 1 HIS B 9   ? ? -111.57 53.51 
2 1 ASN B 45  ? ? 71.98   36.94 
3 1 ASP B 152 ? ? -109.31 52.18 
4 1 VAL B 164 ? ? -103.57 78.89 
# 
_pdbx_struct_special_symmetry.id              1 
_pdbx_struct_special_symmetry.PDB_model_num   1 
_pdbx_struct_special_symmetry.auth_asym_id    B 
_pdbx_struct_special_symmetry.auth_comp_id    HOH 
_pdbx_struct_special_symmetry.auth_seq_id     427 
_pdbx_struct_special_symmetry.PDB_ins_code    ? 
_pdbx_struct_special_symmetry.label_asym_id   F 
_pdbx_struct_special_symmetry.label_comp_id   HOH 
_pdbx_struct_special_symmetry.label_seq_id    . 
# 
_phasing.method   MR 
# 
loop_
_pdbx_unobs_or_zero_occ_residues.id 
_pdbx_unobs_or_zero_occ_residues.PDB_model_num 
_pdbx_unobs_or_zero_occ_residues.polymer_flag 
_pdbx_unobs_or_zero_occ_residues.occupancy_flag 
_pdbx_unobs_or_zero_occ_residues.auth_asym_id 
_pdbx_unobs_or_zero_occ_residues.auth_comp_id 
_pdbx_unobs_or_zero_occ_residues.auth_seq_id 
_pdbx_unobs_or_zero_occ_residues.PDB_ins_code 
_pdbx_unobs_or_zero_occ_residues.label_asym_id 
_pdbx_unobs_or_zero_occ_residues.label_comp_id 
_pdbx_unobs_or_zero_occ_residues.label_seq_id 
1 1 Y 1 B MET 7   ? A MET 1   
2 1 Y 1 B LYS 193 ? A LYS 187 
3 1 Y 1 B MET 194 ? A MET 188 
# 
loop_
_chem_comp_atom.comp_id 
_chem_comp_atom.atom_id 
_chem_comp_atom.type_symbol 
_chem_comp_atom.pdbx_aromatic_flag 
_chem_comp_atom.pdbx_stereo_config 
_chem_comp_atom.pdbx_ordinal 
ALA N    N N N 1   
ALA CA   C N S 2   
ALA C    C N N 3   
ALA O    O N N 4   
ALA CB   C N N 5   
ALA OXT  O N N 6   
ALA H    H N N 7   
ALA H2   H N N 8   
ALA HA   H N N 9   
ALA HB1  H N N 10  
ALA HB2  H N N 11  
ALA HB3  H N N 12  
ALA HXT  H N N 13  
ARG N    N N N 14  
ARG CA   C N S 15  
ARG C    C N N 16  
ARG O    O N N 17  
ARG CB   C N N 18  
ARG CG   C N N 19  
ARG CD   C N N 20  
ARG NE   N N N 21  
ARG CZ   C N N 22  
ARG NH1  N N N 23  
ARG NH2  N N N 24  
ARG OXT  O N N 25  
ARG H    H N N 26  
ARG H2   H N N 27  
ARG HA   H N N 28  
ARG HB2  H N N 29  
ARG HB3  H N N 30  
ARG HG2  H N N 31  
ARG HG3  H N N 32  
ARG HD2  H N N 33  
ARG HD3  H N N 34  
ARG HE   H N N 35  
ARG HH11 H N N 36  
ARG HH12 H N N 37  
ARG HH21 H N N 38  
ARG HH22 H N N 39  
ARG HXT  H N N 40  
ASN N    N N N 41  
ASN CA   C N S 42  
ASN C    C N N 43  
ASN O    O N N 44  
ASN CB   C N N 45  
ASN CG   C N N 46  
ASN OD1  O N N 47  
ASN ND2  N N N 48  
ASN OXT  O N N 49  
ASN H    H N N 50  
ASN H2   H N N 51  
ASN HA   H N N 52  
ASN HB2  H N N 53  
ASN HB3  H N N 54  
ASN HD21 H N N 55  
ASN HD22 H N N 56  
ASN HXT  H N N 57  
ASP N    N N N 58  
ASP CA   C N S 59  
ASP C    C N N 60  
ASP O    O N N 61  
ASP CB   C N N 62  
ASP CG   C N N 63  
ASP OD1  O N N 64  
ASP OD2  O N N 65  
ASP OXT  O N N 66  
ASP H    H N N 67  
ASP H2   H N N 68  
ASP HA   H N N 69  
ASP HB2  H N N 70  
ASP HB3  H N N 71  
ASP HD2  H N N 72  
ASP HXT  H N N 73  
CYS N    N N N 74  
CYS CA   C N R 75  
CYS C    C N N 76  
CYS O    O N N 77  
CYS CB   C N N 78  
CYS SG   S N N 79  
CYS OXT  O N N 80  
CYS H    H N N 81  
CYS H2   H N N 82  
CYS HA   H N N 83  
CYS HB2  H N N 84  
CYS HB3  H N N 85  
CYS HG   H N N 86  
CYS HXT  H N N 87  
EDO C1   C N N 88  
EDO O1   O N N 89  
EDO C2   C N N 90  
EDO O2   O N N 91  
EDO H11  H N N 92  
EDO H12  H N N 93  
EDO HO1  H N N 94  
EDO H21  H N N 95  
EDO H22  H N N 96  
EDO HO2  H N N 97  
GLN N    N N N 98  
GLN CA   C N S 99  
GLN C    C N N 100 
GLN O    O N N 101 
GLN CB   C N N 102 
GLN CG   C N N 103 
GLN CD   C N N 104 
GLN OE1  O N N 105 
GLN NE2  N N N 106 
GLN OXT  O N N 107 
GLN H    H N N 108 
GLN H2   H N N 109 
GLN HA   H N N 110 
GLN HB2  H N N 111 
GLN HB3  H N N 112 
GLN HG2  H N N 113 
GLN HG3  H N N 114 
GLN HE21 H N N 115 
GLN HE22 H N N 116 
GLN HXT  H N N 117 
GLU N    N N N 118 
GLU CA   C N S 119 
GLU C    C N N 120 
GLU O    O N N 121 
GLU CB   C N N 122 
GLU CG   C N N 123 
GLU CD   C N N 124 
GLU OE1  O N N 125 
GLU OE2  O N N 126 
GLU OXT  O N N 127 
GLU H    H N N 128 
GLU H2   H N N 129 
GLU HA   H N N 130 
GLU HB2  H N N 131 
GLU HB3  H N N 132 
GLU HG2  H N N 133 
GLU HG3  H N N 134 
GLU HE2  H N N 135 
GLU HXT  H N N 136 
GLY N    N N N 137 
GLY CA   C N N 138 
GLY C    C N N 139 
GLY O    O N N 140 
GLY OXT  O N N 141 
GLY H    H N N 142 
GLY H2   H N N 143 
GLY HA2  H N N 144 
GLY HA3  H N N 145 
GLY HXT  H N N 146 
HIS N    N N N 147 
HIS CA   C N S 148 
HIS C    C N N 149 
HIS O    O N N 150 
HIS CB   C N N 151 
HIS CG   C Y N 152 
HIS ND1  N Y N 153 
HIS CD2  C Y N 154 
HIS CE1  C Y N 155 
HIS NE2  N Y N 156 
HIS OXT  O N N 157 
HIS H    H N N 158 
HIS H2   H N N 159 
HIS HA   H N N 160 
HIS HB2  H N N 161 
HIS HB3  H N N 162 
HIS HD1  H N N 163 
HIS HD2  H N N 164 
HIS HE1  H N N 165 
HIS HE2  H N N 166 
HIS HXT  H N N 167 
HOH O    O N N 168 
HOH H1   H N N 169 
HOH H2   H N N 170 
ILE N    N N N 171 
ILE CA   C N S 172 
ILE C    C N N 173 
ILE O    O N N 174 
ILE CB   C N S 175 
ILE CG1  C N N 176 
ILE CG2  C N N 177 
ILE CD1  C N N 178 
ILE OXT  O N N 179 
ILE H    H N N 180 
ILE H2   H N N 181 
ILE HA   H N N 182 
ILE HB   H N N 183 
ILE HG12 H N N 184 
ILE HG13 H N N 185 
ILE HG21 H N N 186 
ILE HG22 H N N 187 
ILE HG23 H N N 188 
ILE HD11 H N N 189 
ILE HD12 H N N 190 
ILE HD13 H N N 191 
ILE HXT  H N N 192 
LEU N    N N N 193 
LEU CA   C N S 194 
LEU C    C N N 195 
LEU O    O N N 196 
LEU CB   C N N 197 
LEU CG   C N N 198 
LEU CD1  C N N 199 
LEU CD2  C N N 200 
LEU OXT  O N N 201 
LEU H    H N N 202 
LEU H2   H N N 203 
LEU HA   H N N 204 
LEU HB2  H N N 205 
LEU HB3  H N N 206 
LEU HG   H N N 207 
LEU HD11 H N N 208 
LEU HD12 H N N 209 
LEU HD13 H N N 210 
LEU HD21 H N N 211 
LEU HD22 H N N 212 
LEU HD23 H N N 213 
LEU HXT  H N N 214 
LYS N    N N N 215 
LYS CA   C N S 216 
LYS C    C N N 217 
LYS O    O N N 218 
LYS CB   C N N 219 
LYS CG   C N N 220 
LYS CD   C N N 221 
LYS CE   C N N 222 
LYS NZ   N N N 223 
LYS OXT  O N N 224 
LYS H    H N N 225 
LYS H2   H N N 226 
LYS HA   H N N 227 
LYS HB2  H N N 228 
LYS HB3  H N N 229 
LYS HG2  H N N 230 
LYS HG3  H N N 231 
LYS HD2  H N N 232 
LYS HD3  H N N 233 
LYS HE2  H N N 234 
LYS HE3  H N N 235 
LYS HZ1  H N N 236 
LYS HZ2  H N N 237 
LYS HZ3  H N N 238 
LYS HXT  H N N 239 
MET N    N N N 240 
MET CA   C N S 241 
MET C    C N N 242 
MET O    O N N 243 
MET CB   C N N 244 
MET CG   C N N 245 
MET SD   S N N 246 
MET CE   C N N 247 
MET OXT  O N N 248 
MET H    H N N 249 
MET H2   H N N 250 
MET HA   H N N 251 
MET HB2  H N N 252 
MET HB3  H N N 253 
MET HG2  H N N 254 
MET HG3  H N N 255 
MET HE1  H N N 256 
MET HE2  H N N 257 
MET HE3  H N N 258 
MET HXT  H N N 259 
PHE N    N N N 260 
PHE CA   C N S 261 
PHE C    C N N 262 
PHE O    O N N 263 
PHE CB   C N N 264 
PHE CG   C Y N 265 
PHE CD1  C Y N 266 
PHE CD2  C Y N 267 
PHE CE1  C Y N 268 
PHE CE2  C Y N 269 
PHE CZ   C Y N 270 
PHE OXT  O N N 271 
PHE H    H N N 272 
PHE H2   H N N 273 
PHE HA   H N N 274 
PHE HB2  H N N 275 
PHE HB3  H N N 276 
PHE HD1  H N N 277 
PHE HD2  H N N 278 
PHE HE1  H N N 279 
PHE HE2  H N N 280 
PHE HZ   H N N 281 
PHE HXT  H N N 282 
PRO N    N N N 283 
PRO CA   C N S 284 
PRO C    C N N 285 
PRO O    O N N 286 
PRO CB   C N N 287 
PRO CG   C N N 288 
PRO CD   C N N 289 
PRO OXT  O N N 290 
PRO H    H N N 291 
PRO HA   H N N 292 
PRO HB2  H N N 293 
PRO HB3  H N N 294 
PRO HG2  H N N 295 
PRO HG3  H N N 296 
PRO HD2  H N N 297 
PRO HD3  H N N 298 
PRO HXT  H N N 299 
SER N    N N N 300 
SER CA   C N S 301 
SER C    C N N 302 
SER O    O N N 303 
SER CB   C N N 304 
SER OG   O N N 305 
SER OXT  O N N 306 
SER H    H N N 307 
SER H2   H N N 308 
SER HA   H N N 309 
SER HB2  H N N 310 
SER HB3  H N N 311 
SER HG   H N N 312 
SER HXT  H N N 313 
SO4 S    S N N 314 
SO4 O1   O N N 315 
SO4 O2   O N N 316 
SO4 O3   O N N 317 
SO4 O4   O N N 318 
THR N    N N N 319 
THR CA   C N S 320 
THR C    C N N 321 
THR O    O N N 322 
THR CB   C N R 323 
THR OG1  O N N 324 
THR CG2  C N N 325 
THR OXT  O N N 326 
THR H    H N N 327 
THR H2   H N N 328 
THR HA   H N N 329 
THR HB   H N N 330 
THR HG1  H N N 331 
THR HG21 H N N 332 
THR HG22 H N N 333 
THR HG23 H N N 334 
THR HXT  H N N 335 
TRP N    N N N 336 
TRP CA   C N S 337 
TRP C    C N N 338 
TRP O    O N N 339 
TRP CB   C N N 340 
TRP CG   C Y N 341 
TRP CD1  C Y N 342 
TRP CD2  C Y N 343 
TRP NE1  N Y N 344 
TRP CE2  C Y N 345 
TRP CE3  C Y N 346 
TRP CZ2  C Y N 347 
TRP CZ3  C Y N 348 
TRP CH2  C Y N 349 
TRP OXT  O N N 350 
TRP H    H N N 351 
TRP H2   H N N 352 
TRP HA   H N N 353 
TRP HB2  H N N 354 
TRP HB3  H N N 355 
TRP HD1  H N N 356 
TRP HE1  H N N 357 
TRP HE3  H N N 358 
TRP HZ2  H N N 359 
TRP HZ3  H N N 360 
TRP HH2  H N N 361 
TRP HXT  H N N 362 
TYR N    N N N 363 
TYR CA   C N S 364 
TYR C    C N N 365 
TYR O    O N N 366 
TYR CB   C N N 367 
TYR CG   C Y N 368 
TYR CD1  C Y N 369 
TYR CD2  C Y N 370 
TYR CE1  C Y N 371 
TYR CE2  C Y N 372 
TYR CZ   C Y N 373 
TYR OH   O N N 374 
TYR OXT  O N N 375 
TYR H    H N N 376 
TYR H2   H N N 377 
TYR HA   H N N 378 
TYR HB2  H N N 379 
TYR HB3  H N N 380 
TYR HD1  H N N 381 
TYR HD2  H N N 382 
TYR HE1  H N N 383 
TYR HE2  H N N 384 
TYR HH   H N N 385 
TYR HXT  H N N 386 
U0S C10  C N N 387 
U0S C13  C N N 388 
U0S C01  C Y N 389 
U0S C02  C Y N 390 
U0S C04  C Y N 391 
U0S C06  C N N 392 
U0S C07  C N N 393 
U0S C08  C N S 394 
U0S C09  C N N 395 
U0S C12  C N N 396 
U0S C14  C Y N 397 
U0S N03  N Y N 398 
U0S N05  N N N 399 
U0S N15  N Y N 400 
U0S O11  O N N 401 
U0S H102 H N N 402 
U0S H101 H N N 403 
U0S H131 H N N 404 
U0S H132 H N N 405 
U0S H011 H N N 406 
U0S H021 H N N 407 
U0S H061 H N N 408 
U0S H062 H N N 409 
U0S H072 H N N 410 
U0S H071 H N N 411 
U0S H091 H N N 412 
U0S H092 H N N 413 
U0S H122 H N N 414 
U0S H121 H N N 415 
U0S H141 H N N 416 
VAL N    N N N 417 
VAL CA   C N S 418 
VAL C    C N N 419 
VAL O    O N N 420 
VAL CB   C N N 421 
VAL CG1  C N N 422 
VAL CG2  C N N 423 
VAL OXT  O N N 424 
VAL H    H N N 425 
VAL H2   H N N 426 
VAL HA   H N N 427 
VAL HB   H N N 428 
VAL HG11 H N N 429 
VAL HG12 H N N 430 
VAL HG13 H N N 431 
VAL HG21 H N N 432 
VAL HG22 H N N 433 
VAL HG23 H N N 434 
VAL HXT  H N N 435 
# 
loop_
_chem_comp_bond.comp_id 
_chem_comp_bond.atom_id_1 
_chem_comp_bond.atom_id_2 
_chem_comp_bond.value_order 
_chem_comp_bond.pdbx_aromatic_flag 
_chem_comp_bond.pdbx_stereo_config 
_chem_comp_bond.pdbx_ordinal 
ALA N   CA   sing N N 1   
ALA N   H    sing N N 2   
ALA N   H2   sing N N 3   
ALA CA  C    sing N N 4   
ALA CA  CB   sing N N 5   
ALA CA  HA   sing N N 6   
ALA C   O    doub N N 7   
ALA C   OXT  sing N N 8   
ALA CB  HB1  sing N N 9   
ALA CB  HB2  sing N N 10  
ALA CB  HB3  sing N N 11  
ALA OXT HXT  sing N N 12  
ARG N   CA   sing N N 13  
ARG N   H    sing N N 14  
ARG N   H2   sing N N 15  
ARG CA  C    sing N N 16  
ARG CA  CB   sing N N 17  
ARG CA  HA   sing N N 18  
ARG C   O    doub N N 19  
ARG C   OXT  sing N N 20  
ARG CB  CG   sing N N 21  
ARG CB  HB2  sing N N 22  
ARG CB  HB3  sing N N 23  
ARG CG  CD   sing N N 24  
ARG CG  HG2  sing N N 25  
ARG CG  HG3  sing N N 26  
ARG CD  NE   sing N N 27  
ARG CD  HD2  sing N N 28  
ARG CD  HD3  sing N N 29  
ARG NE  CZ   sing N N 30  
ARG NE  HE   sing N N 31  
ARG CZ  NH1  sing N N 32  
ARG CZ  NH2  doub N N 33  
ARG NH1 HH11 sing N N 34  
ARG NH1 HH12 sing N N 35  
ARG NH2 HH21 sing N N 36  
ARG NH2 HH22 sing N N 37  
ARG OXT HXT  sing N N 38  
ASN N   CA   sing N N 39  
ASN N   H    sing N N 40  
ASN N   H2   sing N N 41  
ASN CA  C    sing N N 42  
ASN CA  CB   sing N N 43  
ASN CA  HA   sing N N 44  
ASN C   O    doub N N 45  
ASN C   OXT  sing N N 46  
ASN CB  CG   sing N N 47  
ASN CB  HB2  sing N N 48  
ASN CB  HB3  sing N N 49  
ASN CG  OD1  doub N N 50  
ASN CG  ND2  sing N N 51  
ASN ND2 HD21 sing N N 52  
ASN ND2 HD22 sing N N 53  
ASN OXT HXT  sing N N 54  
ASP N   CA   sing N N 55  
ASP N   H    sing N N 56  
ASP N   H2   sing N N 57  
ASP CA  C    sing N N 58  
ASP CA  CB   sing N N 59  
ASP CA  HA   sing N N 60  
ASP C   O    doub N N 61  
ASP C   OXT  sing N N 62  
ASP CB  CG   sing N N 63  
ASP CB  HB2  sing N N 64  
ASP CB  HB3  sing N N 65  
ASP CG  OD1  doub N N 66  
ASP CG  OD2  sing N N 67  
ASP OD2 HD2  sing N N 68  
ASP OXT HXT  sing N N 69  
CYS N   CA   sing N N 70  
CYS N   H    sing N N 71  
CYS N   H2   sing N N 72  
CYS CA  C    sing N N 73  
CYS CA  CB   sing N N 74  
CYS CA  HA   sing N N 75  
CYS C   O    doub N N 76  
CYS C   OXT  sing N N 77  
CYS CB  SG   sing N N 78  
CYS CB  HB2  sing N N 79  
CYS CB  HB3  sing N N 80  
CYS SG  HG   sing N N 81  
CYS OXT HXT  sing N N 82  
EDO C1  O1   sing N N 83  
EDO C1  C2   sing N N 84  
EDO C1  H11  sing N N 85  
EDO C1  H12  sing N N 86  
EDO O1  HO1  sing N N 87  
EDO C2  O2   sing N N 88  
EDO C2  H21  sing N N 89  
EDO C2  H22  sing N N 90  
EDO O2  HO2  sing N N 91  
GLN N   CA   sing N N 92  
GLN N   H    sing N N 93  
GLN N   H2   sing N N 94  
GLN CA  C    sing N N 95  
GLN CA  CB   sing N N 96  
GLN CA  HA   sing N N 97  
GLN C   O    doub N N 98  
GLN C   OXT  sing N N 99  
GLN CB  CG   sing N N 100 
GLN CB  HB2  sing N N 101 
GLN CB  HB3  sing N N 102 
GLN CG  CD   sing N N 103 
GLN CG  HG2  sing N N 104 
GLN CG  HG3  sing N N 105 
GLN CD  OE1  doub N N 106 
GLN CD  NE2  sing N N 107 
GLN NE2 HE21 sing N N 108 
GLN NE2 HE22 sing N N 109 
GLN OXT HXT  sing N N 110 
GLU N   CA   sing N N 111 
GLU N   H    sing N N 112 
GLU N   H2   sing N N 113 
GLU CA  C    sing N N 114 
GLU CA  CB   sing N N 115 
GLU CA  HA   sing N N 116 
GLU C   O    doub N N 117 
GLU C   OXT  sing N N 118 
GLU CB  CG   sing N N 119 
GLU CB  HB2  sing N N 120 
GLU CB  HB3  sing N N 121 
GLU CG  CD   sing N N 122 
GLU CG  HG2  sing N N 123 
GLU CG  HG3  sing N N 124 
GLU CD  OE1  doub N N 125 
GLU CD  OE2  sing N N 126 
GLU OE2 HE2  sing N N 127 
GLU OXT HXT  sing N N 128 
GLY N   CA   sing N N 129 
GLY N   H    sing N N 130 
GLY N   H2   sing N N 131 
GLY CA  C    sing N N 132 
GLY CA  HA2  sing N N 133 
GLY CA  HA3  sing N N 134 
GLY C   O    doub N N 135 
GLY C   OXT  sing N N 136 
GLY OXT HXT  sing N N 137 
HIS N   CA   sing N N 138 
HIS N   H    sing N N 139 
HIS N   H2   sing N N 140 
HIS CA  C    sing N N 141 
HIS CA  CB   sing N N 142 
HIS CA  HA   sing N N 143 
HIS C   O    doub N N 144 
HIS C   OXT  sing N N 145 
HIS CB  CG   sing N N 146 
HIS CB  HB2  sing N N 147 
HIS CB  HB3  sing N N 148 
HIS CG  ND1  sing Y N 149 
HIS CG  CD2  doub Y N 150 
HIS ND1 CE1  doub Y N 151 
HIS ND1 HD1  sing N N 152 
HIS CD2 NE2  sing Y N 153 
HIS CD2 HD2  sing N N 154 
HIS CE1 NE2  sing Y N 155 
HIS CE1 HE1  sing N N 156 
HIS NE2 HE2  sing N N 157 
HIS OXT HXT  sing N N 158 
HOH O   H1   sing N N 159 
HOH O   H2   sing N N 160 
ILE N   CA   sing N N 161 
ILE N   H    sing N N 162 
ILE N   H2   sing N N 163 
ILE CA  C    sing N N 164 
ILE CA  CB   sing N N 165 
ILE CA  HA   sing N N 166 
ILE C   O    doub N N 167 
ILE C   OXT  sing N N 168 
ILE CB  CG1  sing N N 169 
ILE CB  CG2  sing N N 170 
ILE CB  HB   sing N N 171 
ILE CG1 CD1  sing N N 172 
ILE CG1 HG12 sing N N 173 
ILE CG1 HG13 sing N N 174 
ILE CG2 HG21 sing N N 175 
ILE CG2 HG22 sing N N 176 
ILE CG2 HG23 sing N N 177 
ILE CD1 HD11 sing N N 178 
ILE CD1 HD12 sing N N 179 
ILE CD1 HD13 sing N N 180 
ILE OXT HXT  sing N N 181 
LEU N   CA   sing N N 182 
LEU N   H    sing N N 183 
LEU N   H2   sing N N 184 
LEU CA  C    sing N N 185 
LEU CA  CB   sing N N 186 
LEU CA  HA   sing N N 187 
LEU C   O    doub N N 188 
LEU C   OXT  sing N N 189 
LEU CB  CG   sing N N 190 
LEU CB  HB2  sing N N 191 
LEU CB  HB3  sing N N 192 
LEU CG  CD1  sing N N 193 
LEU CG  CD2  sing N N 194 
LEU CG  HG   sing N N 195 
LEU CD1 HD11 sing N N 196 
LEU CD1 HD12 sing N N 197 
LEU CD1 HD13 sing N N 198 
LEU CD2 HD21 sing N N 199 
LEU CD2 HD22 sing N N 200 
LEU CD2 HD23 sing N N 201 
LEU OXT HXT  sing N N 202 
LYS N   CA   sing N N 203 
LYS N   H    sing N N 204 
LYS N   H2   sing N N 205 
LYS CA  C    sing N N 206 
LYS CA  CB   sing N N 207 
LYS CA  HA   sing N N 208 
LYS C   O    doub N N 209 
LYS C   OXT  sing N N 210 
LYS CB  CG   sing N N 211 
LYS CB  HB2  sing N N 212 
LYS CB  HB3  sing N N 213 
LYS CG  CD   sing N N 214 
LYS CG  HG2  sing N N 215 
LYS CG  HG3  sing N N 216 
LYS CD  CE   sing N N 217 
LYS CD  HD2  sing N N 218 
LYS CD  HD3  sing N N 219 
LYS CE  NZ   sing N N 220 
LYS CE  HE2  sing N N 221 
LYS CE  HE3  sing N N 222 
LYS NZ  HZ1  sing N N 223 
LYS NZ  HZ2  sing N N 224 
LYS NZ  HZ3  sing N N 225 
LYS OXT HXT  sing N N 226 
MET N   CA   sing N N 227 
MET N   H    sing N N 228 
MET N   H2   sing N N 229 
MET CA  C    sing N N 230 
MET CA  CB   sing N N 231 
MET CA  HA   sing N N 232 
MET C   O    doub N N 233 
MET C   OXT  sing N N 234 
MET CB  CG   sing N N 235 
MET CB  HB2  sing N N 236 
MET CB  HB3  sing N N 237 
MET CG  SD   sing N N 238 
MET CG  HG2  sing N N 239 
MET CG  HG3  sing N N 240 
MET SD  CE   sing N N 241 
MET CE  HE1  sing N N 242 
MET CE  HE2  sing N N 243 
MET CE  HE3  sing N N 244 
MET OXT HXT  sing N N 245 
PHE N   CA   sing N N 246 
PHE N   H    sing N N 247 
PHE N   H2   sing N N 248 
PHE CA  C    sing N N 249 
PHE CA  CB   sing N N 250 
PHE CA  HA   sing N N 251 
PHE C   O    doub N N 252 
PHE C   OXT  sing N N 253 
PHE CB  CG   sing N N 254 
PHE CB  HB2  sing N N 255 
PHE CB  HB3  sing N N 256 
PHE CG  CD1  doub Y N 257 
PHE CG  CD2  sing Y N 258 
PHE CD1 CE1  sing Y N 259 
PHE CD1 HD1  sing N N 260 
PHE CD2 CE2  doub Y N 261 
PHE CD2 HD2  sing N N 262 
PHE CE1 CZ   doub Y N 263 
PHE CE1 HE1  sing N N 264 
PHE CE2 CZ   sing Y N 265 
PHE CE2 HE2  sing N N 266 
PHE CZ  HZ   sing N N 267 
PHE OXT HXT  sing N N 268 
PRO N   CA   sing N N 269 
PRO N   CD   sing N N 270 
PRO N   H    sing N N 271 
PRO CA  C    sing N N 272 
PRO CA  CB   sing N N 273 
PRO CA  HA   sing N N 274 
PRO C   O    doub N N 275 
PRO C   OXT  sing N N 276 
PRO CB  CG   sing N N 277 
PRO CB  HB2  sing N N 278 
PRO CB  HB3  sing N N 279 
PRO CG  CD   sing N N 280 
PRO CG  HG2  sing N N 281 
PRO CG  HG3  sing N N 282 
PRO CD  HD2  sing N N 283 
PRO CD  HD3  sing N N 284 
PRO OXT HXT  sing N N 285 
SER N   CA   sing N N 286 
SER N   H    sing N N 287 
SER N   H2   sing N N 288 
SER CA  C    sing N N 289 
SER CA  CB   sing N N 290 
SER CA  HA   sing N N 291 
SER C   O    doub N N 292 
SER C   OXT  sing N N 293 
SER CB  OG   sing N N 294 
SER CB  HB2  sing N N 295 
SER CB  HB3  sing N N 296 
SER OG  HG   sing N N 297 
SER OXT HXT  sing N N 298 
SO4 S   O1   doub N N 299 
SO4 S   O2   doub N N 300 
SO4 S   O3   sing N N 301 
SO4 S   O4   sing N N 302 
THR N   CA   sing N N 303 
THR N   H    sing N N 304 
THR N   H2   sing N N 305 
THR CA  C    sing N N 306 
THR CA  CB   sing N N 307 
THR CA  HA   sing N N 308 
THR C   O    doub N N 309 
THR C   OXT  sing N N 310 
THR CB  OG1  sing N N 311 
THR CB  CG2  sing N N 312 
THR CB  HB   sing N N 313 
THR OG1 HG1  sing N N 314 
THR CG2 HG21 sing N N 315 
THR CG2 HG22 sing N N 316 
THR CG2 HG23 sing N N 317 
THR OXT HXT  sing N N 318 
TRP N   CA   sing N N 319 
TRP N   H    sing N N 320 
TRP N   H2   sing N N 321 
TRP CA  C    sing N N 322 
TRP CA  CB   sing N N 323 
TRP CA  HA   sing N N 324 
TRP C   O    doub N N 325 
TRP C   OXT  sing N N 326 
TRP CB  CG   sing N N 327 
TRP CB  HB2  sing N N 328 
TRP CB  HB3  sing N N 329 
TRP CG  CD1  doub Y N 330 
TRP CG  CD2  sing Y N 331 
TRP CD1 NE1  sing Y N 332 
TRP CD1 HD1  sing N N 333 
TRP CD2 CE2  doub Y N 334 
TRP CD2 CE3  sing Y N 335 
TRP NE1 CE2  sing Y N 336 
TRP NE1 HE1  sing N N 337 
TRP CE2 CZ2  sing Y N 338 
TRP CE3 CZ3  doub Y N 339 
TRP CE3 HE3  sing N N 340 
TRP CZ2 CH2  doub Y N 341 
TRP CZ2 HZ2  sing N N 342 
TRP CZ3 CH2  sing Y N 343 
TRP CZ3 HZ3  sing N N 344 
TRP CH2 HH2  sing N N 345 
TRP OXT HXT  sing N N 346 
TYR N   CA   sing N N 347 
TYR N   H    sing N N 348 
TYR N   H2   sing N N 349 
TYR CA  C    sing N N 350 
TYR CA  CB   sing N N 351 
TYR CA  HA   sing N N 352 
TYR C   O    doub N N 353 
TYR C   OXT  sing N N 354 
TYR CB  CG   sing N N 355 
TYR CB  HB2  sing N N 356 
TYR CB  HB3  sing N N 357 
TYR CG  CD1  doub Y N 358 
TYR CG  CD2  sing Y N 359 
TYR CD1 CE1  sing Y N 360 
TYR CD1 HD1  sing N N 361 
TYR CD2 CE2  doub Y N 362 
TYR CD2 HD2  sing N N 363 
TYR CE1 CZ   doub Y N 364 
TYR CE1 HE1  sing N N 365 
TYR CE2 CZ   sing Y N 366 
TYR CE2 HE2  sing N N 367 
TYR CZ  OH   sing N N 368 
TYR OH  HH   sing N N 369 
TYR OXT HXT  sing N N 370 
U0S C02 C01  doub Y N 371 
U0S N03 C02  sing Y N 372 
U0S C04 N03  doub Y N 373 
U0S C06 N05  sing N N 374 
U0S C07 C06  sing N N 375 
U0S C08 C07  sing N N 376 
U0S C10 C09  sing N N 377 
U0S O11 C10  sing N N 378 
U0S C12 O11  sing N N 379 
U0S C09 C08  sing N N 380 
U0S C13 C08  sing N N 381 
U0S N05 C04  sing N N 382 
U0S C14 C04  sing Y N 383 
U0S N15 C14  doub Y N 384 
U0S C01 N15  sing Y N 385 
U0S N05 C13  sing N N 386 
U0S C08 C12  sing N N 387 
U0S C10 H102 sing N N 388 
U0S C10 H101 sing N N 389 
U0S C13 H131 sing N N 390 
U0S C13 H132 sing N N 391 
U0S C01 H011 sing N N 392 
U0S C02 H021 sing N N 393 
U0S C06 H061 sing N N 394 
U0S C06 H062 sing N N 395 
U0S C07 H072 sing N N 396 
U0S C07 H071 sing N N 397 
U0S C09 H091 sing N N 398 
U0S C09 H092 sing N N 399 
U0S C12 H122 sing N N 400 
U0S C12 H121 sing N N 401 
U0S C14 H141 sing N N 402 
VAL N   CA   sing N N 403 
VAL N   H    sing N N 404 
VAL N   H2   sing N N 405 
VAL CA  C    sing N N 406 
VAL CA  CB   sing N N 407 
VAL CA  HA   sing N N 408 
VAL C   O    doub N N 409 
VAL C   OXT  sing N N 410 
VAL CB  CG1  sing N N 411 
VAL CB  CG2  sing N N 412 
VAL CB  HB   sing N N 413 
VAL CG1 HG11 sing N N 414 
VAL CG1 HG12 sing N N 415 
VAL CG1 HG13 sing N N 416 
VAL CG2 HG21 sing N N 417 
VAL CG2 HG22 sing N N 418 
VAL CG2 HG23 sing N N 419 
VAL OXT HXT  sing N N 420 
# 
_pdbx_audit_support.ordinal                1 
_pdbx_audit_support.funding_organization   'European Union (EU)' 
_pdbx_audit_support.grant_number           875510 
_pdbx_audit_support.country                'European Union' 
# 
_pdbx_deposit_group.group_id            G_1002320 
_pdbx_deposit_group.group_description   
;PRYSPRY domain of murine TRIM21 screened against the DSI-poised Fragment Library by X-ray Crystallography at the XChem facility of Diamon Light Source
;
_pdbx_deposit_group.group_title         'PanDDA analysis group deposition' 
_pdbx_deposit_group.group_type          'changed state' 
# 
_pdbx_initial_refinement_model.id               1 
_pdbx_initial_refinement_model.entity_id_list   ? 
_pdbx_initial_refinement_model.type             'experimental model' 
_pdbx_initial_refinement_model.source_name      PDB 
_pdbx_initial_refinement_model.accession_code   2VOK 
_pdbx_initial_refinement_model.details          ? 
# 
_atom_sites.entry_id                    7HLD 
_atom_sites.fract_transf_matrix[1][1]   -0.00860332 
_atom_sites.fract_transf_matrix[1][2]   -0.00005221 
_atom_sites.fract_transf_matrix[1][3]   0.00596316 
_atom_sites.fract_transf_matrix[2][1]   0.00168387 
_atom_sites.fract_transf_matrix[2][2]   0.01002036 
_atom_sites.fract_transf_matrix[2][3]   0.00251713 
_atom_sites.fract_transf_matrix[3][1]   -0.01200486 
_atom_sites.fract_transf_matrix[3][2]   0.00635417 
_atom_sites.fract_transf_matrix[3][3]   -0.01726433 
_atom_sites.fract_transf_vector[1]      -0.297945 
_atom_sites.fract_transf_vector[2]      -0.116524 
_atom_sites.fract_transf_vector[3]      -0.503886 
# 
loop_
_atom_type.symbol 
C 
N 
O 
S 
# 
loop_
_atom_site.group_PDB 
_atom_site.id 
_atom_site.type_symbol 
_atom_site.label_atom_id 
_atom_site.label_alt_id 
_atom_site.label_comp_id 
_atom_site.label_asym_id 
_atom_site.label_entity_id 
_atom_site.label_seq_id 
_atom_site.pdbx_PDB_ins_code 
_atom_site.Cartn_x 
_atom_site.Cartn_y 
_atom_site.Cartn_z 
_atom_site.occupancy 
_atom_site.B_iso_or_equiv 
_atom_site.pdbx_formal_charge 
_atom_site.auth_seq_id 
_atom_site.auth_comp_id 
_atom_site.auth_asym_id 
_atom_site.auth_atom_id 
_atom_site.pdbx_PDB_model_num 
ATOM   1    N N   . HIS A 1 2   ? -20.172 1.493   -1.929  1.00 98.37  ? 8   HIS B N   1 
ATOM   2    C CA  . HIS A 1 2   ? -19.676 0.769   -0.716  1.00 92.52  ? 8   HIS B CA  1 
ATOM   3    C C   . HIS A 1 2   ? -20.077 1.544   0.546   1.00 97.27  ? 8   HIS B C   1 
ATOM   4    O O   . HIS A 1 2   ? -19.957 2.790   0.538   1.00 104.85 ? 8   HIS B O   1 
ATOM   5    C CB  . HIS A 1 2   ? -18.157 0.538   -0.810  1.00 84.65  ? 8   HIS B CB  1 
ATOM   6    C CG  . HIS A 1 2   ? -17.322 1.739   -0.499  1.00 78.31  ? 8   HIS B CG  1 
ATOM   7    N ND1 . HIS A 1 2   ? -16.656 1.883   0.703   1.00 75.37  ? 8   HIS B ND1 1 
ATOM   8    C CD2 . HIS A 1 2   ? -17.039 2.847   -1.220  1.00 75.61  ? 8   HIS B CD2 1 
ATOM   9    C CE1 . HIS A 1 2   ? -16.010 3.032   0.710   1.00 75.50  ? 8   HIS B CE1 1 
ATOM   10   N NE2 . HIS A 1 2   ? -16.223 3.641   -0.458  1.00 73.51  ? 8   HIS B NE2 1 
ATOM   11   N N   . HIS A 1 3   ? -20.538 0.830   1.581   1.00 97.87  ? 9   HIS B N   1 
ATOM   12   C CA  . HIS A 1 3   ? -20.854 1.370   2.935   1.00 94.86  ? 9   HIS B CA  1 
ATOM   13   C C   . HIS A 1 3   ? -19.836 0.816   3.948   1.00 84.95  ? 9   HIS B C   1 
ATOM   14   O O   . HIS A 1 3   ? -20.278 0.248   4.973   1.00 79.07  ? 9   HIS B O   1 
ATOM   15   C CB  . HIS A 1 3   ? -22.321 1.061   3.298   1.00 99.02  ? 9   HIS B CB  1 
ATOM   16   C CG  . HIS A 1 3   ? -23.330 1.638   2.353   1.00 103.81 ? 9   HIS B CG  1 
ATOM   17   N ND1 . HIS A 1 3   ? -23.359 2.985   2.020   1.00 102.30 ? 9   HIS B ND1 1 
ATOM   18   C CD2 . HIS A 1 3   ? -24.361 1.068   1.688   1.00 104.37 ? 9   HIS B CD2 1 
ATOM   19   C CE1 . HIS A 1 3   ? -24.352 3.211   1.182   1.00 100.28 ? 9   HIS B CE1 1 
ATOM   20   N NE2 . HIS A 1 3   ? -24.983 2.051   0.962   1.00 100.40 ? 9   HIS B NE2 1 
ATOM   21   N N   . HIS A 1 4   ? -18.530 0.987   3.664   1.00 72.93  ? 10  HIS B N   1 
ATOM   22   C CA  . HIS A 1 4   ? -17.371 0.377   4.383   1.00 59.95  ? 10  HIS B CA  1 
ATOM   23   C C   . HIS A 1 4   ? -16.681 1.388   5.313   1.00 55.81  ? 10  HIS B C   1 
ATOM   24   O O   . HIS A 1 4   ? -15.962 0.925   6.236   1.00 42.78  ? 10  HIS B O   1 
ATOM   25   C CB  . HIS A 1 4   ? -16.357 -0.207  3.384   1.00 55.73  ? 10  HIS B CB  1 
ATOM   26   C CG  . HIS A 1 4   ? -16.862 -1.388  2.624   1.00 55.24  ? 10  HIS B CG  1 
ATOM   27   N ND1 . HIS A 1 4   ? -17.706 -2.340  3.189   1.00 53.62  ? 10  HIS B ND1 1 
ATOM   28   C CD2 . HIS A 1 4   ? -16.618 -1.805  1.365   1.00 50.06  ? 10  HIS B CD2 1 
ATOM   29   C CE1 . HIS A 1 4   ? -17.973 -3.274  2.300   1.00 54.67  ? 10  HIS B CE1 1 
ATOM   30   N NE2 . HIS A 1 4   ? -17.309 -2.974  1.176   1.00 53.88  ? 10  HIS B NE2 1 
ATOM   31   N N   . HIS A 1 5   ? -16.898 2.695   5.087   1.00 54.44  ? 11  HIS B N   1 
ATOM   32   C CA  . HIS A 1 5   ? -16.325 3.837   5.857   1.00 59.71  ? 11  HIS B CA  1 
ATOM   33   C C   . HIS A 1 5   ? -16.419 3.585   7.372   1.00 58.45  ? 11  HIS B C   1 
ATOM   34   O O   . HIS A 1 5   ? -15.476 3.993   8.086   1.00 55.92  ? 11  HIS B O   1 
ATOM   35   C CB  . HIS A 1 5   ? -17.022 5.174   5.532   1.00 67.68  ? 11  HIS B CB  1 
ATOM   36   C CG  . HIS A 1 5   ? -17.122 5.526   4.083   1.00 81.01  ? 11  HIS B CG  1 
ATOM   37   N ND1 . HIS A 1 5   ? -18.300 6.002   3.520   1.00 89.68  ? 11  HIS B ND1 1 
ATOM   38   C CD2 . HIS A 1 5   ? -16.214 5.491   3.081   1.00 86.67  ? 11  HIS B CD2 1 
ATOM   39   C CE1 . HIS A 1 5   ? -18.111 6.238   2.236   1.00 91.28  ? 11  HIS B CE1 1 
ATOM   40   N NE2 . HIS A 1 5   ? -16.839 5.927   1.940   1.00 92.81  ? 11  HIS B NE2 1 
ATOM   41   N N   . HIS A 1 6   ? -17.506 2.951   7.845   1.00 54.47  ? 12  HIS B N   1 
ATOM   42   C CA  . HIS A 1 6   ? -17.811 2.744   9.289   1.00 51.63  ? 12  HIS B CA  1 
ATOM   43   C C   . HIS A 1 6   ? -16.876 1.705   9.942   1.00 45.67  ? 12  HIS B C   1 
ATOM   44   O O   . HIS A 1 6   ? -16.885 1.639   11.183  1.00 46.34  ? 12  HIS B O   1 
ATOM   45   C CB  . HIS A 1 6   ? -19.305 2.423   9.478   1.00 59.12  ? 12  HIS B CB  1 
ATOM   46   C CG  . HIS A 1 6   ? -19.693 1.021   9.149   1.00 61.78  ? 12  HIS B CG  1 
ATOM   47   N ND1 . HIS A 1 6   ? -19.981 0.085   10.128  1.00 65.69  ? 12  HIS B ND1 1 
ATOM   48   C CD2 . HIS A 1 6   ? -19.862 0.397   7.962   1.00 63.41  ? 12  HIS B CD2 1 
ATOM   49   C CE1 . HIS A 1 6   ? -20.301 -1.061  9.555   1.00 64.70  ? 12  HIS B CE1 1 
ATOM   50   N NE2 . HIS A 1 6   ? -20.237 -0.896  8.227   1.00 64.12  ? 12  HIS B NE2 1 
ATOM   51   N N   . HIS A 1 7   ? -16.091 0.932   9.174   1.00 34.78  ? 13  HIS B N   1 
ATOM   52   C CA  . HIS A 1 7   ? -14.991 0.060   9.703   1.00 28.39  ? 13  HIS B CA  1 
ATOM   53   C C   . HIS A 1 7   ? -13.656 0.792   9.620   1.00 25.72  ? 13  HIS B C   1 
ATOM   54   O O   . HIS A 1 7   ? -12.622 0.110   9.571   1.00 20.29  ? 13  HIS B O   1 
ATOM   55   C CB  . HIS A 1 7   ? -14.884 -1.243  8.912   1.00 28.60  ? 13  HIS B CB  1 
ATOM   56   C CG  . HIS A 1 7   ? -16.144 -2.031  8.957   1.00 29.35  ? 13  HIS B CG  1 
ATOM   57   N ND1 . HIS A 1 7   ? -16.565 -2.613  10.125  1.00 27.01  ? 13  HIS B ND1 1 
ATOM   58   C CD2 . HIS A 1 7   ? -17.053 -2.326  8.006   1.00 31.57  ? 13  HIS B CD2 1 
ATOM   59   C CE1 . HIS A 1 7   ? -17.702 -3.247  9.903   1.00 27.05  ? 13  HIS B CE1 1 
ATOM   60   N NE2 . HIS A 1 7   ? -18.030 -3.084  8.610   1.00 31.75  ? 13  HIS B NE2 1 
ATOM   61   N N   . MET A 1 8   ? -13.692 2.121   9.565   1.00 26.59  ? 14  MET B N   1 
ATOM   62   C CA  . MET A 1 8   ? -12.497 2.993   9.438   1.00 28.68  ? 14  MET B CA  1 
ATOM   63   C C   . MET A 1 8   ? -11.546 2.713   10.608  1.00 26.73  ? 14  MET B C   1 
ATOM   64   O O   . MET A 1 8   ? -11.988 2.549   11.782  1.00 28.68  ? 14  MET B O   1 
ATOM   65   C CB  . MET A 1 8   ? -12.911 4.473   9.405   1.00 36.01  ? 14  MET B CB  1 
ATOM   66   C CG  . MET A 1 8   ? -11.760 5.492   9.265   1.00 45.16  ? 14  MET B CG  1 
ATOM   67   S SD  . MET A 1 8   ? -10.915 5.575   7.623   1.00 54.69  ? 14  MET B SD  1 
ATOM   68   C CE  . MET A 1 8   ? -12.003 6.653   6.688   1.00 47.80  ? 14  MET B CE  1 
ATOM   69   N N   . VAL A 1 9   ? -10.259 2.608   10.298  1.00 20.94  ? 15  VAL B N   1 
ATOM   70   C CA  . VAL A 1 9   ? -9.171  2.414   11.282  1.00 22.58  ? 15  VAL B CA  1 
ATOM   71   C C   . VAL A 1 9   ? -8.129  3.519   11.047  1.00 22.67  ? 15  VAL B C   1 
ATOM   72   O O   . VAL A 1 9   ? -7.943  3.968   9.889   1.00 22.48  ? 15  VAL B O   1 
ATOM   73   C CB  . VAL A 1 9   ? -8.593  0.989   11.242  1.00 23.68  ? 15  VAL B CB  1 
ATOM   74   C CG1 . VAL A 1 9   ? -9.619  -0.024  11.717  1.00 27.82  ? 15  VAL B CG1 1 
ATOM   75   C CG2 . VAL A 1 9   ? -8.090  0.585   9.870   1.00 24.36  ? 15  VAL B CG2 1 
ATOM   76   N N   . HIS A 1 10  ? -7.492  3.964   12.132  1.00 23.28  ? 16  HIS B N   1 
ATOM   77   C CA  . HIS A 1 10  ? -6.446  5.005   12.100  1.00 22.01  ? 16  HIS B CA  1 
ATOM   78   C C   . HIS A 1 10  ? -5.108  4.305   11.848  1.00 20.33  ? 16  HIS B C   1 
ATOM   79   O O   . HIS A 1 10  ? -4.625  3.545   12.720  1.00 25.46  ? 16  HIS B O   1 
ATOM   80   C CB  . HIS A 1 10  ? -6.421  5.798   13.410  1.00 22.40  ? 16  HIS B CB  1 
ATOM   81   C CG  . HIS A 1 10  ? -5.477  6.957   13.413  1.00 27.20  ? 16  HIS B CG  1 
ATOM   82   N ND1 . HIS A 1 10  ? -5.759  8.138   12.766  1.00 31.92  ? 16  HIS B ND1 1 
ATOM   83   C CD2 . HIS A 1 10  ? -4.248  7.112   13.968  1.00 32.25  ? 16  HIS B CD2 1 
ATOM   84   C CE1 . HIS A 1 10  ? -4.753  8.994   12.926  1.00 28.88  ? 16  HIS B CE1 1 
ATOM   85   N NE2 . HIS A 1 10  ? -3.803  8.382   13.667  1.00 35.06  ? 16  HIS B NE2 1 
ATOM   86   N N   . ILE A 1 11  ? -4.598  4.437   10.636  1.00 17.41  ? 17  ILE B N   1 
ATOM   87   C CA  . ILE A 1 11  ? -3.317  3.782   10.294  1.00 16.28  ? 17  ILE B CA  1 
ATOM   88   C C   . ILE A 1 11  ? -2.187  4.807   10.509  1.00 16.34  ? 17  ILE B C   1 
ATOM   89   O O   . ILE A 1 11  ? -2.359  5.979   10.189  1.00 17.47  ? 17  ILE B O   1 
ATOM   90   C CB  . ILE A 1 11  ? -3.368  3.284   8.835   1.00 16.98  ? 17  ILE B CB  1 
ATOM   91   C CG1 . ILE A 1 11  ? -4.503  2.267   8.637   1.00 18.44  ? 17  ILE B CG1 1 
ATOM   92   C CG2 . ILE A 1 11  ? -2.012  2.763   8.393   1.00 16.69  ? 17  ILE B CG2 1 
ATOM   93   C CD1 . ILE A 1 11  ? -4.480  1.052   9.574   1.00 17.73  ? 17  ILE B CD1 1 
ATOM   94   N N   . THR A 1 12  ? -1.083  4.311   11.015  1.00 15.03  ? 18  THR B N   1 
ATOM   95   C CA  . THR A 1 12  ? 0.165   5.113   11.095  1.00 15.91  ? 18  THR B CA  1 
ATOM   96   C C   . THR A 1 12  ? 1.290   4.284   10.502  1.00 16.79  ? 18  THR B C   1 
ATOM   97   O O   . THR A 1 12  ? 1.195   3.037   10.469  1.00 17.76  ? 18  THR B O   1 
ATOM   98   C CB  . THR A 1 12  ? 0.480   5.556   12.522  1.00 19.29  ? 18  THR B CB  1 
ATOM   99   O OG1 . THR A 1 12  ? 0.622   4.413   13.334  1.00 20.37  ? 18  THR B OG1 1 
ATOM   100  C CG2 . THR A 1 12  ? -0.556  6.504   13.092  1.00 21.74  ? 18  THR B CG2 1 
ATOM   101  N N   . LEU A 1 13  ? 2.328   4.960   10.030  1.00 14.52  ? 19  LEU B N   1 
ATOM   102  C CA  . LEU A 1 13  ? 3.455   4.265   9.375   1.00 15.19  ? 19  LEU B CA  1 
ATOM   103  C C   . LEU A 1 13  ? 4.523   3.860   10.385  1.00 15.49  ? 19  LEU B C   1 
ATOM   104  O O   . LEU A 1 13  ? 4.779   4.632   11.344  1.00 17.29  ? 19  LEU B O   1 
ATOM   105  C CB  . LEU A 1 13  ? 4.024   5.198   8.311   1.00 14.77  ? 19  LEU B CB  1 
ATOM   106  C CG  . LEU A 1 13  ? 3.025   5.567   7.227   1.00 15.28  ? 19  LEU B CG  1 
ATOM   107  C CD1 . LEU A 1 13  ? 3.588   6.638   6.311   1.00 16.36  ? 19  LEU B CD1 1 
ATOM   108  C CD2 . LEU A 1 13  ? 2.608   4.340   6.409   1.00 17.74  ? 19  LEU B CD2 1 
ATOM   109  N N   . ASP A 1 14  ? 5.142   2.734   10.166  1.00 15.00  ? 20  ASP B N   1 
ATOM   110  C CA  . ASP A 1 14  ? 6.204   2.171   11.037  1.00 15.72  ? 20  ASP B CA  1 
ATOM   111  C C   . ASP A 1 14  ? 7.588   2.503   10.422  1.00 16.20  ? 20  ASP B C   1 
ATOM   112  O O   . ASP A 1 14  ? 8.020   1.804   9.516   1.00 14.74  ? 20  ASP B O   1 
ATOM   113  C CB  . ASP A 1 14  ? 6.009   0.674   11.280  1.00 16.17  ? 20  ASP B CB  1 
ATOM   114  C CG  . ASP A 1 14  ? 7.023   0.021   12.205  1.00 19.82  ? 20  ASP B CG  1 
ATOM   115  O OD1 . ASP A 1 14  ? 8.047   0.681   12.515  1.00 21.11  ? 20  ASP B OD1 1 
ATOM   116  O OD2 . ASP A 1 14  ? 6.814   -1.186  12.526  1.00 22.14  ? 20  ASP B OD2 1 
ATOM   117  N N   A ARG A 1 15  ? 8.224   3.562   10.956  0.25 16.62  ? 21  ARG B N   1 
ATOM   118  N N   B ARG A 1 15  ? 8.256   3.535   10.948  0.25 17.01  ? 21  ARG B N   1 
ATOM   119  C CA  A ARG A 1 15  ? 9.589   4.054   10.613  0.25 18.40  ? 21  ARG B CA  1 
ATOM   120  C CA  B ARG A 1 15  ? 9.559   4.040   10.438  0.25 18.90  ? 21  ARG B CA  1 
ATOM   121  C C   A ARG A 1 15  ? 10.553  2.885   10.399  0.25 17.30  ? 21  ARG B C   1 
ATOM   122  C C   B ARG A 1 15  ? 10.646  2.951   10.468  0.25 17.78  ? 21  ARG B C   1 
ATOM   123  O O   A ARG A 1 15  ? 11.331  2.878   9.341   0.25 18.04  ? 21  ARG B O   1 
ATOM   124  O O   B ARG A 1 15  ? 11.665  3.096   9.687   0.25 18.21  ? 21  ARG B O   1 
ATOM   125  C CB  A ARG A 1 15  ? 10.191  4.900   11.748  0.25 19.10  ? 21  ARG B CB  1 
ATOM   126  C CB  B ARG A 1 15  ? 10.029  5.244   11.269  0.25 20.60  ? 21  ARG B CB  1 
ATOM   127  C CG  A ARG A 1 15  ? 9.260   5.945   12.342  0.25 20.87  ? 21  ARG B CG  1 
ATOM   128  C CG  B ARG A 1 15  ? 9.202   6.509   11.094  0.25 22.93  ? 21  ARG B CG  1 
ATOM   129  C CD  A ARG A 1 15  ? 10.022  7.122   12.927  0.25 20.04  ? 21  ARG B CD  1 
ATOM   130  C CD  B ARG A 1 15  ? 8.344   6.904   12.289  0.25 26.13  ? 21  ARG B CD  1 
ATOM   131  N NE  A ARG A 1 15  ? 9.240   8.338   12.792  0.25 19.63  ? 21  ARG B NE  1 
ATOM   132  N NE  B ARG A 1 15  ? 9.091   7.281   13.487  0.25 28.17  ? 21  ARG B NE  1 
ATOM   133  C CZ  A ARG A 1 15  ? 9.362   9.179   11.778  0.25 20.15  ? 21  ARG B CZ  1 
ATOM   134  C CZ  B ARG A 1 15  ? 8.939   6.717   14.683  0.25 30.68  ? 21  ARG B CZ  1 
ATOM   135  N NH1 A ARG A 1 15  ? 10.280  8.954   10.859  0.25 19.82  ? 21  ARG B NH1 1 
ATOM   136  N NH1 B ARG A 1 15  ? 8.051   5.756   14.864  0.25 34.03  ? 21  ARG B NH1 1 
ATOM   137  N NH2 A ARG A 1 15  ? 8.606   10.260  11.715  0.25 21.02  ? 21  ARG B NH2 1 
ATOM   138  N NH2 B ARG A 1 15  ? 9.665   7.128   15.705  0.25 32.54  ? 21  ARG B NH2 1 
ATOM   139  N N   . ASN A 1 16  ? 10.537  1.945   11.358  1.00 16.97  ? 22  ASN B N   1 
ATOM   140  C CA  . ASN A 1 16  ? 11.550  0.874   11.438  1.00 17.94  ? 22  ASN B CA  1 
ATOM   141  C C   . ASN A 1 16  ? 11.545  -0.043  10.215  1.00 15.55  ? 22  ASN B C   1 
ATOM   142  O O   . ASN A 1 16  ? 12.561  -0.690  9.889   1.00 15.57  ? 22  ASN B O   1 
ATOM   143  C CB  . ASN A 1 16  ? 11.428  0.103   12.747  1.00 21.25  ? 22  ASN B CB  1 
ATOM   144  C CG  . ASN A 1 16  ? 11.949  0.926   13.903  1.00 29.96  ? 22  ASN B CG  1 
ATOM   145  O OD1 . ASN A 1 16  ? 12.670  1.917   13.709  1.00 36.21  ? 22  ASN B OD1 1 
ATOM   146  N ND2 . ASN A 1 16  ? 11.602  0.518   15.111  1.00 38.24  ? 22  ASN B ND2 1 
ATOM   147  N N   . THR A 1 17  ? 10.400  -0.102  9.504   1.00 13.77  ? 23  THR B N   1 
ATOM   148  C CA  . THR A 1 17  ? 10.233  -0.957  8.335   1.00 13.23  ? 23  THR B CA  1 
ATOM   149  C C   . THR A 1 17  ? 10.585  -0.234  7.025   1.00 12.14  ? 23  THR B C   1 
ATOM   150  O O   . THR A 1 17  ? 10.693  -0.893  5.986   1.00 12.93  ? 23  THR B O   1 
ATOM   151  C CB  . THR A 1 17  ? 8.791   -1.487  8.202   1.00 13.76  ? 23  THR B CB  1 
ATOM   152  O OG1 . THR A 1 17  ? 7.880   -0.423  7.865   1.00 13.31  ? 23  THR B OG1 1 
ATOM   153  C CG2 . THR A 1 17  ? 8.311   -2.258  9.419   1.00 15.88  ? 23  THR B CG2 1 
ATOM   154  N N   . ALA A 1 18  ? 10.726  1.079   7.077   1.00 12.47  ? 24  ALA B N   1 
ATOM   155  C CA  . ALA A 1 18  ? 10.913  1.911   5.864   1.00 12.27  ? 24  ALA B CA  1 
ATOM   156  C C   . ALA A 1 18  ? 12.259  1.642   5.207   1.00 13.20  ? 24  ALA B C   1 
ATOM   157  O O   . ALA A 1 18  ? 13.329  1.578   5.875   1.00 13.45  ? 24  ALA B O   1 
ATOM   158  C CB  . ALA A 1 18  ? 10.771  3.356   6.215   1.00 12.95  ? 24  ALA B CB  1 
ATOM   159  N N   . ASN A 1 19  ? 12.250  1.603   3.901   1.00 12.10  ? 25  ASN B N   1 
ATOM   160  C CA  . ASN A 1 19  ? 13.491  1.793   3.121   1.00 12.15  ? 25  ASN B CA  1 
ATOM   161  C C   . ASN A 1 19  ? 14.182  3.051   3.631   1.00 11.48  ? 25  ASN B C   1 
ATOM   162  O O   . ASN A 1 19  ? 13.560  4.060   3.971   1.00 11.00  ? 25  ASN B O   1 
ATOM   163  C CB  . ASN A 1 19  ? 13.120  1.838   1.652   1.00 12.96  ? 25  ASN B CB  1 
ATOM   164  C CG  . ASN A 1 19  ? 14.313  2.135   0.789   1.00 15.00  ? 25  ASN B CG  1 
ATOM   165  O OD1 . ASN A 1 19  ? 14.726  3.276   0.609   1.00 15.09  ? 25  ASN B OD1 1 
ATOM   166  N ND2 . ASN A 1 19  ? 14.925  1.094   0.306   1.00 18.60  ? 25  ASN B ND2 1 
ATOM   167  N N   . SER A 1 20  ? 15.503  2.990   3.697   1.00 12.29  ? 26  SER B N   1 
ATOM   168  C CA  . SER A 1 20  ? 16.353  4.030   4.309   1.00 12.49  ? 26  SER B CA  1 
ATOM   169  C C   . SER A 1 20  ? 16.322  5.350   3.529   1.00 12.36  ? 26  SER B C   1 
ATOM   170  O O   . SER A 1 20  ? 16.820  6.331   4.111   1.00 13.19  ? 26  SER B O   1 
ATOM   171  C CB  . SER A 1 20  ? 17.763  3.506   4.412   1.00 14.23  ? 26  SER B CB  1 
ATOM   172  O OG  . SER A 1 20  ? 18.256  3.319   3.123   1.00 17.69  ? 26  SER B OG  1 
ATOM   173  N N   . TRP A 1 21  ? 15.753  5.456   2.332   1.00 11.01  ? 27  TRP B N   1 
ATOM   174  C CA  . TRP A 1 21  ? 15.616  6.746   1.622   1.00 11.58  ? 27  TRP B CA  1 
ATOM   175  C C   . TRP A 1 21  ? 14.280  7.425   1.894   1.00 12.31  ? 27  TRP B C   1 
ATOM   176  O O   . TRP A 1 21  ? 14.085  8.536   1.410   1.00 12.51  ? 27  TRP B O   1 
ATOM   177  C CB  . TRP A 1 21  ? 15.792  6.529   0.136   1.00 12.81  ? 27  TRP B CB  1 
ATOM   178  C CG  . TRP A 1 21  ? 17.221  6.262   -0.252  1.00 14.20  ? 27  TRP B CG  1 
ATOM   179  C CD1 . TRP A 1 21  ? 18.124  5.424   0.349   1.00 15.19  ? 27  TRP B CD1 1 
ATOM   180  C CD2 . TRP A 1 21  ? 17.894  6.853   -1.362  1.00 15.63  ? 27  TRP B CD2 1 
ATOM   181  N NE1 . TRP A 1 21  ? 19.330  5.462   -0.320  1.00 18.24  ? 27  TRP B NE1 1 
ATOM   182  C CE2 . TRP A 1 21  ? 19.201  6.321   -1.372  1.00 15.88  ? 27  TRP B CE2 1 
ATOM   183  C CE3 . TRP A 1 21  ? 17.511  7.783   -2.322  1.00 16.56  ? 27  TRP B CE3 1 
ATOM   184  C CZ2 . TRP A 1 21  ? 20.135  6.685   -2.361  1.00 19.48  ? 27  TRP B CZ2 1 
ATOM   185  C CZ3 . TRP A 1 21  ? 18.428  8.117   -3.307  1.00 19.12  ? 27  TRP B CZ3 1 
ATOM   186  C CH2 . TRP A 1 21  ? 19.695  7.546   -3.336  1.00 20.25  ? 27  TRP B CH2 1 
ATOM   187  N N   . LEU A 1 22  ? 13.374  6.763   2.621   1.00 11.78  ? 28  LEU B N   1 
ATOM   188  C CA  . LEU A 1 22  ? 12.039  7.349   2.831   1.00 11.65  ? 28  LEU B CA  1 
ATOM   189  C C   . LEU A 1 22  ? 12.086  8.368   3.982   1.00 12.01  ? 28  LEU B C   1 
ATOM   190  O O   . LEU A 1 22  ? 12.805  8.187   4.985   1.00 12.64  ? 28  LEU B O   1 
ATOM   191  C CB  . LEU A 1 22  ? 10.996  6.265   3.136   1.00 11.38  ? 28  LEU B CB  1 
ATOM   192  C CG  . LEU A 1 22  ? 10.759  5.278   2.002   1.00 12.86  ? 28  LEU B CG  1 
ATOM   193  C CD1 . LEU A 1 22  ? 9.679   4.290   2.374   1.00 13.48  ? 28  LEU B CD1 1 
ATOM   194  C CD2 . LEU A 1 22  ? 10.381  5.934   0.706   1.00 14.61  ? 28  LEU B CD2 1 
ATOM   195  N N   . ILE A 1 23  ? 11.194  9.334   3.874   1.00 11.38  ? 29  ILE B N   1 
ATOM   196  C CA  . ILE A 1 23  ? 10.953  10.365  4.913   1.00 12.45  ? 29  ILE B CA  1 
ATOM   197  C C   . ILE A 1 23  ? 9.492   10.252  5.332   1.00 13.11  ? 29  ILE B C   1 
ATOM   198  O O   . ILE A 1 23  ? 8.572   10.521  4.507   1.00 13.11  ? 29  ILE B O   1 
ATOM   199  C CB  . ILE A 1 23  ? 11.284  11.752  4.413   1.00 13.42  ? 29  ILE B CB  1 
ATOM   200  C CG1 . ILE A 1 23  ? 12.746  11.880  3.939   1.00 13.44  ? 29  ILE B CG1 1 
ATOM   201  C CG2 . ILE A 1 23  ? 10.943  12.813  5.465   1.00 14.36  ? 29  ILE B CG2 1 
ATOM   202  C CD1 . ILE A 1 23  ? 13.036  13.185  3.265   1.00 16.00  ? 29  ILE B CD1 1 
ATOM   203  N N   . ILE A 1 24  ? 9.309   9.850   6.580   1.00 14.27  ? 30  ILE B N   1 
ATOM   204  C CA  . ILE A 1 24  ? 7.962   9.712   7.199   1.00 14.76  ? 30  ILE B CA  1 
ATOM   205  C C   . ILE A 1 24  ? 7.705   10.968  8.024   1.00 15.56  ? 30  ILE B C   1 
ATOM   206  O O   . ILE A 1 24  ? 8.587   11.391  8.824   1.00 16.63  ? 30  ILE B O   1 
ATOM   207  C CB  . ILE A 1 24  ? 7.850   8.443   8.011   1.00 15.12  ? 30  ILE B CB  1 
ATOM   208  C CG1 . ILE A 1 24  ? 7.856   7.213   7.106   1.00 18.32  ? 30  ILE B CG1 1 
ATOM   209  C CG2 . ILE A 1 24  ? 6.580   8.428   8.852   1.00 15.38  ? 30  ILE B CG2 1 
ATOM   210  C CD1 . ILE A 1 24  ? 8.200   6.024   7.782   1.00 23.11  ? 30  ILE B CD1 1 
ATOM   211  N N   . SER A 1 25  ? 6.544   11.564  7.918   1.00 15.88  ? 31  SER B N   1 
ATOM   212  C CA  . SER A 1 25  ? 6.221   12.804  8.640   1.00 16.05  ? 31  SER B CA  1 
ATOM   213  C C   . SER A 1 25  ? 6.136   12.538  10.148  1.00 14.99  ? 31  SER B C   1 
ATOM   214  O O   . SER A 1 25  ? 5.996   11.430  10.608  1.00 15.40  ? 31  SER B O   1 
ATOM   215  C CB  . SER A 1 25  ? 4.968   13.364  8.074   1.00 16.24  ? 31  SER B CB  1 
ATOM   216  O OG  . SER A 1 25  ? 3.878   12.456  8.293   1.00 16.45  ? 31  SER B OG  1 
ATOM   217  N N   . LYS A 1 26  ? 6.226   13.644  10.911  1.00 19.26  ? 32  LYS B N   1 
ATOM   218  C CA  . LYS A 1 26  ? 6.138   13.623  12.383  1.00 19.88  ? 32  LYS B CA  1 
ATOM   219  C C   . LYS A 1 26  ? 4.883   12.882  12.848  1.00 18.48  ? 32  LYS B C   1 
ATOM   220  O O   . LYS A 1 26  ? 4.988   12.145  13.805  1.00 19.85  ? 32  LYS B O   1 
ATOM   221  C CB  . LYS A 1 26  ? 6.111   15.078  12.875  1.00 23.00  ? 32  LYS B CB  1 
ATOM   222  C CG  . LYS A 1 26  ? 5.952   15.200  14.367  1.00 26.93  ? 32  LYS B CG  1 
ATOM   223  C CD  . LYS A 1 26  ? 6.499   16.497  14.813  1.00 25.78  ? 32  LYS B CD  1 
ATOM   224  C CE  . LYS A 1 26  ? 5.764   17.647  14.195  1.00 32.45  ? 32  LYS B CE  1 
ATOM   225  N NZ  . LYS A 1 26  ? 6.360   18.875  14.731  1.00 37.88  ? 32  LYS B NZ  1 
ATOM   226  N N   . ASP A 1 27  ? 3.743   13.124  12.202  1.00 18.16  ? 33  ASP B N   1 
ATOM   227  C CA  . ASP A 1 27  ? 2.459   12.485  12.601  1.00 16.70  ? 33  ASP B CA  1 
ATOM   228  C C   . ASP A 1 27  ? 2.371   11.028  12.105  1.00 16.35  ? 33  ASP B C   1 
ATOM   229  O O   . ASP A 1 27  ? 1.389   10.363  12.421  1.00 17.04  ? 33  ASP B O   1 
ATOM   230  C CB  . ASP A 1 27  ? 1.257   13.322  12.170  1.00 18.80  ? 33  ASP B CB  1 
ATOM   231  C CG  . ASP A 1 27  ? 1.018   13.415  10.674  1.00 19.98  ? 33  ASP B CG  1 
ATOM   232  O OD1 . ASP A 1 27  ? 1.819   12.806  9.905   1.00 19.85  ? 33  ASP B OD1 1 
ATOM   233  O OD2 . ASP A 1 27  ? 0.041   14.104  10.280  1.00 23.82  ? 33  ASP B OD2 1 
ATOM   234  N N   . ARG A 1 28  ? 3.370   10.512  11.398  1.00 15.34  ? 34  ARG B N   1 
ATOM   235  C CA  . ARG A 1 28  ? 3.432   9.136   10.846  1.00 14.89  ? 34  ARG B CA  1 
ATOM   236  C C   . ARG A 1 28  ? 2.247   8.892   9.890   1.00 13.62  ? 34  ARG B C   1 
ATOM   237  O O   . ARG A 1 28  ? 1.896   7.702   9.717   1.00 14.37  ? 34  ARG B O   1 
ATOM   238  C CB  . ARG A 1 28  ? 3.530   8.120   11.993  1.00 18.25  ? 34  ARG B CB  1 
ATOM   239  C CG  . ARG A 1 28  ? 4.791   8.312   12.826  1.00 22.94  ? 34  ARG B CG  1 
ATOM   240  C CD  . ARG A 1 28  ? 4.993   7.385   14.010  1.00 29.43  ? 34  ARG B CD  1 
ATOM   241  N NE  . ARG A 1 28  ? 3.811   7.066   14.794  1.00 42.11  ? 34  ARG B NE  1 
ATOM   242  C CZ  . ARG A 1 28  ? 3.120   5.899   14.775  1.00 50.92  ? 34  ARG B CZ  1 
ATOM   243  N NH1 . ARG A 1 28  ? 3.448   4.883   13.972  1.00 42.41  ? 34  ARG B NH1 1 
ATOM   244  N NH2 . ARG A 1 28  ? 2.076   5.764   15.584  1.00 54.31  ? 34  ARG B NH2 1 
ATOM   245  N N   . ARG A 1 29  ? 1.741   9.919   9.235   1.00 12.43  ? 35  ARG B N   1 
ATOM   246  C CA  . ARG A 1 29  ? 0.612   9.783   8.278   1.00 13.62  ? 35  ARG B CA  1 
ATOM   247  C C   . ARG A 1 29  ? 1.042   10.024  6.842   1.00 13.94  ? 35  ARG B C   1 
ATOM   248  O O   . ARG A 1 29  ? 0.204   9.792   5.957   1.00 14.99  ? 35  ARG B O   1 
ATOM   249  C CB  . ARG A 1 29  ? -0.538  10.709  8.678   1.00 14.92  ? 35  ARG B CB  1 
ATOM   250  C CG  . ARG A 1 29  ? -1.103  10.352  10.043  1.00 18.21  ? 35  ARG B CG  1 
ATOM   251  C CD  . ARG A 1 29  ? -2.087  9.230   10.020  1.00 19.98  ? 35  ARG B CD  1 
ATOM   252  N NE  . ARG A 1 29  ? -3.382  9.742   9.570   1.00 22.07  ? 35  ARG B NE  1 
ATOM   253  C CZ  . ARG A 1 29  ? -4.469  9.008   9.362   1.00 21.88  ? 35  ARG B CZ  1 
ATOM   254  N NH1 . ARG A 1 29  ? -4.437  7.713   9.549   1.00 20.70  ? 35  ARG B NH1 1 
ATOM   255  N NH2 . ARG A 1 29  ? -5.563  9.573   8.913   1.00 22.06  ? 35  ARG B NH2 1 
ATOM   256  N N   . GLN A 1 30  ? 2.253   10.514  6.577   1.00 12.62  ? 36  GLN B N   1 
ATOM   257  C CA  . GLN A 1 30  ? 2.727   10.808  5.214   1.00 13.15  ? 36  GLN B CA  1 
ATOM   258  C C   . GLN A 1 30  ? 4.111   10.193  5.009   1.00 12.82  ? 36  GLN B C   1 
ATOM   259  O O   . GLN A 1 30  ? 4.903   10.090  5.964   1.00 13.01  ? 36  GLN B O   1 
ATOM   260  C CB  . GLN A 1 30  ? 2.810   12.312  4.941   1.00 14.60  ? 36  GLN B CB  1 
ATOM   261  C CG  . GLN A 1 30  ? 1.539   13.069  5.276   1.00 19.10  ? 36  GLN B CG  1 
ATOM   262  C CD  . GLN A 1 30  ? 1.610   14.487  4.755   1.00 22.61  ? 36  GLN B CD  1 
ATOM   263  O OE1 . GLN A 1 30  ? 2.392   14.813  3.857   1.00 26.36  ? 36  GLN B OE1 1 
ATOM   264  N NE2 . GLN A 1 30  ? 0.746   15.337  5.276   1.00 26.69  ? 36  GLN B NE2 1 
ATOM   265  N N   . VAL A 1 31  ? 4.385   9.789   3.770   1.00 11.49  ? 37  VAL B N   1 
ATOM   266  C CA  . VAL A 1 31  ? 5.705   9.262   3.394   1.00 12.11  ? 37  VAL B CA  1 
ATOM   267  C C   . VAL A 1 31  ? 6.026   9.714   1.984   1.00 12.05  ? 37  VAL B C   1 
ATOM   268  O O   . VAL A 1 31  ? 5.194   9.678   1.093   1.00 11.73  ? 37  VAL B O   1 
ATOM   269  C CB  . VAL A 1 31  ? 5.773   7.747   3.593   1.00 11.60  ? 37  VAL B CB  1 
ATOM   270  C CG1 . VAL A 1 31  ? 4.702   7.019   2.801   1.00 11.67  ? 37  VAL B CG1 1 
ATOM   271  C CG2 . VAL A 1 31  ? 7.140   7.206   3.249   1.00 12.51  ? 37  VAL B CG2 1 
ATOM   272  N N   . ARG A 1 32  ? 7.287   10.094  1.798   1.00 11.89  ? 38  ARG B N   1 
ATOM   273  C CA  . ARG A 1 32  ? 7.816   10.406  0.450   1.00 12.67  ? 38  ARG B CA  1 
ATOM   274  C C   . ARG A 1 32  ? 9.241   9.907   0.299   1.00 12.71  ? 38  ARG B C   1 
ATOM   275  O O   . ARG A 1 32  ? 9.926   9.637   1.296   1.00 11.83  ? 38  ARG B O   1 
ATOM   276  C CB  . ARG A 1 32  ? 7.746   11.913  0.211   1.00 13.14  ? 38  ARG B CB  1 
ATOM   277  C CG  . ARG A 1 32  ? 8.705   12.719  1.067   1.00 15.63  ? 38  ARG B CG  1 
ATOM   278  C CD  . ARG A 1 32  ? 8.468   14.222  0.851   1.00 17.87  ? 38  ARG B CD  1 
ATOM   279  N NE  . ARG A 1 32  ? 9.330   15.055  1.678   1.00 21.28  ? 38  ARG B NE  1 
ATOM   280  C CZ  . ARG A 1 32  ? 10.550  15.409  1.376   1.00 18.94  ? 38  ARG B CZ  1 
ATOM   281  N NH1 . ARG A 1 32  ? 11.113  15.054  0.243   1.00 23.37  ? 38  ARG B NH1 1 
ATOM   282  N NH2 . ARG A 1 32  ? 11.219  16.176  2.258   1.00 23.39  ? 38  ARG B NH2 1 
ATOM   283  N N   A MET A 1 33  ? 9.662   9.859   -0.963  0.25 12.77  ? 39  MET B N   1 
ATOM   284  N N   B MET A 1 33  ? 9.696   9.736   -0.943  0.25 13.24  ? 39  MET B N   1 
ATOM   285  C CA  A MET A 1 33  ? 11.045  9.512   -1.369  0.25 13.95  ? 39  MET B CA  1 
ATOM   286  C CA  B MET A 1 33  ? 11.091  9.270   -1.183  0.25 14.41  ? 39  MET B CA  1 
ATOM   287  C C   A MET A 1 33  ? 11.955  10.705  -1.069  0.25 13.88  ? 39  MET B C   1 
ATOM   288  C C   B MET A 1 33  ? 12.016  10.485  -1.218  0.25 13.84  ? 39  MET B C   1 
ATOM   289  O O   A MET A 1 33  ? 11.624  11.849  -1.401  0.25 13.53  ? 39  MET B O   1 
ATOM   290  O O   B MET A 1 33  ? 11.779  11.366  -2.085  0.25 11.98  ? 39  MET B O   1 
ATOM   291  C CB  A MET A 1 33  ? 11.075  9.140   -2.856  0.25 14.92  ? 39  MET B CB  1 
ATOM   292  C CB  B MET A 1 33  ? 11.265  8.479   -2.486  0.25 16.31  ? 39  MET B CB  1 
ATOM   293  C CG  A MET A 1 33  ? 12.398  8.513   -3.330  0.25 17.64  ? 39  MET B CG  1 
ATOM   294  C CG  B MET A 1 33  ? 12.725  7.974   -2.687  0.25 18.77  ? 39  MET B CG  1 
ATOM   295  S SD  A MET A 1 33  ? 12.817  6.982   -2.414  0.25 19.13  ? 39  MET B SD  1 
ATOM   296  S SD  B MET A 1 33  ? 12.777  6.686   -3.947  0.25 21.99  ? 39  MET B SD  1 
ATOM   297  C CE  A MET A 1 33  ? 14.071  6.242   -3.454  0.25 19.26  ? 39  MET B CE  1 
ATOM   298  C CE  B MET A 1 33  ? 14.518  6.268   -3.884  0.25 22.33  ? 39  MET B CE  1 
ATOM   299  N N   . GLY A 1 34  ? 13.014  10.477  -0.318  1.00 13.47  ? 40  GLY B N   1 
ATOM   300  C CA  . GLY A 1 34  ? 14.052  11.512  -0.203  1.00 15.43  ? 40  GLY B CA  1 
ATOM   301  C C   . GLY A 1 34  ? 15.036  11.436  -1.353  1.00 16.99  ? 40  GLY B C   1 
ATOM   302  O O   . GLY A 1 34  ? 14.984  10.526  -2.171  1.00 17.41  ? 40  GLY B O   1 
ATOM   303  N N   . ASP A 1 35  ? 15.872  12.469  -1.450  1.00 21.35  ? 41  ASP B N   1 
ATOM   304  C CA  . ASP A 1 35  ? 16.814  12.551  -2.608  1.00 24.92  ? 41  ASP B CA  1 
ATOM   305  C C   . ASP A 1 35  ? 18.095  11.768  -2.246  1.00 23.15  ? 41  ASP B C   1 
ATOM   306  O O   . ASP A 1 35  ? 18.962  11.606  -3.138  1.00 23.66  ? 41  ASP B O   1 
ATOM   307  C CB  . ASP A 1 35  ? 16.999  14.008  -3.080  1.00 27.21  ? 41  ASP B CB  1 
ATOM   308  C CG  . ASP A 1 35  ? 15.860  14.549  -3.975  1.00 35.02  ? 41  ASP B CG  1 
ATOM   309  O OD1 . ASP A 1 35  ? 15.079  13.728  -4.529  1.00 38.75  ? 41  ASP B OD1 1 
ATOM   310  O OD2 . ASP A 1 35  ? 15.773  15.798  -4.174  1.00 38.30  ? 41  ASP B OD2 1 
ATOM   311  N N   . THR A 1 36  ? 18.193  11.210  -1.046  1.00 18.52  ? 42  THR B N   1 
ATOM   312  C CA  . THR A 1 36  ? 19.405  10.504  -0.548  1.00 18.35  ? 42  THR B CA  1 
ATOM   313  C C   . THR A 1 36  ? 19.044  9.550   0.591   1.00 15.95  ? 42  THR B C   1 
ATOM   314  O O   . THR A 1 36  ? 17.891  9.599   1.155   1.00 13.95  ? 42  THR B O   1 
ATOM   315  C CB  . THR A 1 36  ? 20.427  11.568  -0.142  1.00 20.14  ? 42  THR B CB  1 
ATOM   316  O OG1 . THR A 1 36  ? 21.652  10.908  0.122   1.00 23.36  ? 42  THR B OG1 1 
ATOM   317  C CG2 . THR A 1 36  ? 19.994  12.316  1.100   1.00 23.19  ? 42  THR B CG2 1 
ATOM   318  N N   . HIS A 1 37  ? 19.973  8.750   1.079   1.00 16.35  ? 43  HIS B N   1 
ATOM   319  C CA  . HIS A 1 37  ? 19.873  8.006   2.367   1.00 15.14  ? 43  HIS B CA  1 
ATOM   320  C C   . HIS A 1 37  ? 19.530  8.948   3.509   1.00 17.33  ? 43  HIS B C   1 
ATOM   321  O O   . HIS A 1 37  ? 20.206  9.986   3.649   1.00 16.90  ? 43  HIS B O   1 
ATOM   322  C CB  . HIS A 1 37  ? 21.188  7.240   2.602   1.00 15.11  ? 43  HIS B CB  1 
ATOM   323  C CG  . HIS A 1 37  ? 21.227  6.286   3.737   1.00 15.44  ? 43  HIS B CG  1 
ATOM   324  N ND1 . HIS A 1 37  ? 21.188  6.653   5.073   1.00 15.17  ? 43  HIS B ND1 1 
ATOM   325  C CD2 . HIS A 1 37  ? 21.388  4.946   3.710   1.00 14.32  ? 43  HIS B CD2 1 
ATOM   326  C CE1 . HIS A 1 37  ? 21.292  5.568   5.811   1.00 15.34  ? 43  HIS B CE1 1 
ATOM   327  N NE2 . HIS A 1 37  ? 21.401  4.489   4.976   1.00 15.00  ? 43  HIS B NE2 1 
ATOM   328  N N   . GLN A 1 38  ? 18.594  8.575   4.376   1.00 14.79  ? 44  GLN B N   1 
ATOM   329  C CA  . GLN A 1 38  ? 18.041  9.459   5.425   1.00 14.53  ? 44  GLN B CA  1 
ATOM   330  C C   . GLN A 1 38  ? 18.743  9.298   6.790   1.00 15.51  ? 44  GLN B C   1 
ATOM   331  O O   . GLN A 1 38  ? 18.196  9.745   7.830   1.00 16.82  ? 44  GLN B O   1 
ATOM   332  C CB  . GLN A 1 38  ? 16.534  9.248   5.503   1.00 14.00  ? 44  GLN B CB  1 
ATOM   333  C CG  . GLN A 1 38  ? 15.849  9.768   4.285   1.00 14.38  ? 44  GLN B CG  1 
ATOM   334  C CD  . GLN A 1 38  ? 16.205  11.180  3.920   1.00 15.25  ? 44  GLN B CD  1 
ATOM   335  O OE1 . GLN A 1 38  ? 16.539  11.532  2.786   1.00 18.31  ? 44  GLN B OE1 1 
ATOM   336  N NE2 . GLN A 1 38  ? 16.090  12.055  4.892   1.00 14.00  ? 44  GLN B NE2 1 
ATOM   337  N N   . ASN A 1 39  ? 19.917  8.690   6.809   1.00 14.60  ? 45  ASN B N   1 
ATOM   338  C CA  . ASN A 1 39  ? 20.849  8.747   7.975   1.00 13.89  ? 45  ASN B CA  1 
ATOM   339  C C   . ASN A 1 39  ? 20.332  7.923   9.135   1.00 14.55  ? 45  ASN B C   1 
ATOM   340  O O   . ASN A 1 39  ? 20.571  8.252   10.308  1.00 17.22  ? 45  ASN B O   1 
ATOM   341  C CB  . ASN A 1 39  ? 21.181  10.181  8.432   1.00 14.38  ? 45  ASN B CB  1 
ATOM   342  C CG  . ASN A 1 39  ? 22.498  10.230  9.183   1.00 14.55  ? 45  ASN B CG  1 
ATOM   343  O OD1 . ASN A 1 39  ? 23.396  9.458   8.888   1.00 14.19  ? 45  ASN B OD1 1 
ATOM   344  N ND2 . ASN A 1 39  ? 22.653  11.175  10.102  1.00 14.61  ? 45  ASN B ND2 1 
ATOM   345  N N   . VAL A 1 40  ? 19.717  6.793   8.819   1.00 16.16  ? 46  VAL B N   1 
ATOM   346  C CA  . VAL A 1 40  ? 19.242  5.781   9.794   1.00 17.65  ? 46  VAL B CA  1 
ATOM   347  C C   . VAL A 1 40  ? 20.126  4.536   9.725   1.00 15.99  ? 46  VAL B C   1 
ATOM   348  O O   . VAL A 1 40  ? 20.684  4.261   8.687   1.00 17.00  ? 46  VAL B O   1 
ATOM   349  C CB  . VAL A 1 40  ? 17.776  5.398   9.543   1.00 18.69  ? 46  VAL B CB  1 
ATOM   350  C CG1 . VAL A 1 40  ? 16.855  6.581   9.814   1.00 22.80  ? 46  VAL B CG1 1 
ATOM   351  C CG2 . VAL A 1 40  ? 17.534  4.863   8.142   1.00 18.82  ? 46  VAL B CG2 1 
ATOM   352  N N   . SER A 1 41  ? 20.198  3.780   10.827  1.00 18.24  ? 47  SER B N   1 
ATOM   353  C CA  . SER A 1 41  ? 20.869  2.468   10.849  1.00 19.41  ? 47  SER B CA  1 
ATOM   354  C C   . SER A 1 41  ? 20.063  1.446   10.048  1.00 18.81  ? 47  SER B C   1 
ATOM   355  O O   . SER A 1 41  ? 18.822  1.585   9.953   1.00 17.08  ? 47  SER B O   1 
ATOM   356  C CB  . SER A 1 41  ? 21.089  2.008   12.270  1.00 22.23  ? 47  SER B CB  1 
ATOM   357  O OG  . SER A 1 41  ? 19.852  1.882   12.952  1.00 24.22  ? 47  SER B OG  1 
ATOM   358  N N   . ASP A 1 42  ? 20.724  0.448   9.488   1.00 19.52  ? 48  ASP B N   1 
ATOM   359  C CA  . ASP A 1 42  ? 20.058  -0.689  8.825   1.00 18.31  ? 48  ASP B CA  1 
ATOM   360  C C   . ASP A 1 42  ? 19.487  -1.612  9.906   1.00 19.44  ? 48  ASP B C   1 
ATOM   361  O O   . ASP A 1 42  ? 19.963  -1.634  11.042  1.00 19.80  ? 48  ASP B O   1 
ATOM   362  C CB  . ASP A 1 42  ? 20.994  -1.400  7.858   1.00 20.75  ? 48  ASP B CB  1 
ATOM   363  C CG  . ASP A 1 42  ? 20.237  -2.395  7.011   1.00 27.34  ? 48  ASP B CG  1 
ATOM   364  O OD1 . ASP A 1 42  ? 19.070  -2.087  6.547   1.00 20.17  ? 48  ASP B OD1 1 
ATOM   365  O OD2 . ASP A 1 42  ? 20.741  -3.547  6.969   1.00 33.02  ? 48  ASP B OD2 1 
ATOM   366  N N   . ASN A 1 43  ? 18.465  -2.392  9.550   1.00 17.44  ? 49  ASN B N   1 
ATOM   367  C CA  . ASN A 1 43  ? 17.878  -3.416  10.446  1.00 18.80  ? 49  ASN B CA  1 
ATOM   368  C C   . ASN A 1 43  ? 17.161  -4.434  9.568   1.00 18.43  ? 49  ASN B C   1 
ATOM   369  O O   . ASN A 1 43  ? 17.031  -4.225  8.337   1.00 18.92  ? 49  ASN B O   1 
ATOM   370  C CB  . ASN A 1 43  ? 16.969  -2.836  11.507  1.00 18.55  ? 49  ASN B CB  1 
ATOM   371  C CG  . ASN A 1 43  ? 15.681  -2.283  10.932  1.00 19.24  ? 49  ASN B CG  1 
ATOM   372  O OD1 . ASN A 1 43  ? 14.968  -3.003  10.228  1.00 21.18  ? 49  ASN B OD1 1 
ATOM   373  N ND2 . ASN A 1 43  ? 15.392  -1.042  11.170  1.00 18.50  ? 49  ASN B ND2 1 
ATOM   374  N N   . LYS A 1 44  ? 16.821  -5.572  10.157  1.00 18.46  ? 50  LYS B N   1 
ATOM   375  C CA  . LYS A 1 44  ? 16.290  -6.705  9.369   1.00 20.00  ? 50  LYS B CA  1 
ATOM   376  C C   . LYS A 1 44  ? 14.855  -6.433  8.872   1.00 18.59  ? 50  LYS B C   1 
ATOM   377  O O   . LYS A 1 44  ? 14.455  -7.140  7.911   1.00 20.71  ? 50  LYS B O   1 
ATOM   378  C CB  . LYS A 1 44  ? 16.262  -7.991  10.207  1.00 24.20  ? 50  LYS B CB  1 
ATOM   379  C CG  . LYS A 1 44  ? 15.373  -7.921  11.432  1.00 29.20  ? 50  LYS B CG  1 
ATOM   380  C CD  . LYS A 1 44  ? 15.608  -9.064  12.409  1.00 39.42  ? 50  LYS B CD  1 
ATOM   381  C CE  . LYS A 1 44  ? 14.343  -9.430  13.152  1.00 44.31  ? 50  LYS B CE  1 
ATOM   382  N NZ  . LYS A 1 44  ? 14.558  -10.639 13.981  1.00 52.21  ? 50  LYS B NZ  1 
ATOM   383  N N   . GLU A 1 45  ? 14.157  -5.451  9.430   1.00 17.22  ? 51  GLU B N   1 
ATOM   384  C CA  . GLU A 1 45  ? 12.763  -5.129  8.991   1.00 17.67  ? 51  GLU B CA  1 
ATOM   385  C C   . GLU A 1 45  ? 12.765  -4.275  7.714   1.00 16.64  ? 51  GLU B C   1 
ATOM   386  O O   . GLU A 1 45  ? 11.742  -4.271  6.998   1.00 17.25  ? 51  GLU B O   1 
ATOM   387  C CB  . GLU A 1 45  ? 12.000  -4.382  10.065  1.00 19.50  ? 51  GLU B CB  1 
ATOM   388  C CG  . GLU A 1 45  ? 11.906  -5.076  11.417  1.00 26.03  ? 51  GLU B CG  1 
ATOM   389  C CD  . GLU A 1 45  ? 11.135  -4.172  12.370  1.00 32.10  ? 51  GLU B CD  1 
ATOM   390  O OE1 . GLU A 1 45  ? 11.790  -3.522  13.235  1.00 44.35  ? 51  GLU B OE1 1 
ATOM   391  O OE2 . GLU A 1 45  ? 9.890   -4.034  12.220  1.00 33.54  ? 51  GLU B OE2 1 
ATOM   392  N N   . ARG A 1 46  ? 13.821  -3.512  7.408   1.00 15.20  ? 52  ARG B N   1 
ATOM   393  C CA  . ARG A 1 46  ? 13.736  -2.483  6.335   1.00 14.91  ? 52  ARG B CA  1 
ATOM   394  C C   . ARG A 1 46  ? 13.641  -3.127  4.973   1.00 14.64  ? 52  ARG B C   1 
ATOM   395  O O   . ARG A 1 46  ? 14.456  -3.996  4.604   1.00 15.49  ? 52  ARG B O   1 
ATOM   396  C CB  . ARG A 1 46  ? 14.960  -1.548  6.358   1.00 13.46  ? 52  ARG B CB  1 
ATOM   397  C CG  . ARG A 1 46  ? 15.035  -0.671  7.578   1.00 14.79  ? 52  ARG B CG  1 
ATOM   398  C CD  . ARG A 1 46  ? 16.030  0.500   7.324   1.00 14.37  ? 52  ARG B CD  1 
ATOM   399  N NE  . ARG A 1 46  ? 16.254  1.217   8.556   1.00 16.22  ? 52  ARG B NE  1 
ATOM   400  C CZ  . ARG A 1 46  ? 15.365  1.973   9.164   1.00 15.29  ? 52  ARG B CZ  1 
ATOM   401  N NH1 . ARG A 1 46  ? 14.208  2.289   8.581   1.00 15.07  ? 52  ARG B NH1 1 
ATOM   402  N NH2 . ARG A 1 46  ? 15.601  2.479   10.365  1.00 18.47  ? 52  ARG B NH2 1 
ATOM   403  N N   . PHE A 1 47  ? 12.727  -2.678  4.112   1.00 13.32  ? 53  PHE B N   1 
ATOM   404  C CA  . PHE A 1 47  ? 12.738  -3.059  2.700   1.00 13.08  ? 53  PHE B CA  1 
ATOM   405  C C   . PHE A 1 47  ? 14.009  -2.476  2.035   1.00 14.37  ? 53  PHE B C   1 
ATOM   406  O O   . PHE A 1 47  ? 14.201  -1.266  2.033   1.00 14.73  ? 53  PHE B O   1 
ATOM   407  C CB  . PHE A 1 47  ? 11.491  -2.562  1.969   1.00 12.38  ? 53  PHE B CB  1 
ATOM   408  C CG  . PHE A 1 47  ? 10.250  -3.339  2.380   1.00 11.80  ? 53  PHE B CG  1 
ATOM   409  C CD1 . PHE A 1 47  ? 9.982   -4.585  1.832   1.00 12.02  ? 53  PHE B CD1 1 
ATOM   410  C CD2 . PHE A 1 47  ? 9.362   -2.822  3.316   1.00 12.04  ? 53  PHE B CD2 1 
ATOM   411  C CE1 . PHE A 1 47  ? 8.869   -5.312  2.204   1.00 12.77  ? 53  PHE B CE1 1 
ATOM   412  C CE2 . PHE A 1 47  ? 8.222   -3.560  3.646   1.00 12.99  ? 53  PHE B CE2 1 
ATOM   413  C CZ  . PHE A 1 47  ? 7.992   -4.796  3.095   1.00 12.39  ? 53  PHE B CZ  1 
ATOM   414  N N   . SER A 1 48  ? 14.872  -3.310  1.491   1.00 14.49  ? 54  SER B N   1 
ATOM   415  C CA  . SER A 1 48  ? 16.200  -2.864  1.014   1.00 15.25  ? 54  SER B CA  1 
ATOM   416  C C   . SER A 1 48  ? 16.141  -2.367  -0.419  1.00 15.58  ? 54  SER B C   1 
ATOM   417  O O   . SER A 1 48  ? 16.891  -1.422  -0.738  1.00 18.66  ? 54  SER B O   1 
ATOM   418  C CB  . SER A 1 48  ? 17.208  -3.981  1.150   1.00 16.42  ? 54  SER B CB  1 
ATOM   419  O OG  . SER A 1 48  ? 16.886  -5.138  0.407   1.00 15.66  ? 54  SER B OG  1 
ATOM   420  N N   . ASN A 1 49  ? 15.372  -2.965  -1.307  1.00 14.02  ? 55  ASN B N   1 
ATOM   421  C CA  . ASN A 1 49  ? 15.505  -2.799  -2.782  1.00 15.25  ? 55  ASN B CA  1 
ATOM   422  C C   . ASN A 1 49  ? 14.503  -1.799  -3.360  1.00 14.52  ? 55  ASN B C   1 
ATOM   423  O O   . ASN A 1 49  ? 14.649  -1.384  -4.516  1.00 16.47  ? 55  ASN B O   1 
ATOM   424  C CB  . ASN A 1 49  ? 15.401  -4.109  -3.553  1.00 16.14  ? 55  ASN B CB  1 
ATOM   425  C CG  . ASN A 1 49  ? 16.619  -5.025  -3.387  1.00 18.65  ? 55  ASN B CG  1 
ATOM   426  O OD1 . ASN A 1 49  ? 17.162  -5.195  -2.294  1.00 21.65  ? 55  ASN B OD1 1 
ATOM   427  N ND2 . ASN A 1 49  ? 17.049  -5.576  -4.516  1.00 24.04  ? 55  ASN B ND2 1 
ATOM   428  N N   . TYR A 1 50  ? 13.432  -1.505  -2.610  1.00 13.35  ? 56  TYR B N   1 
ATOM   429  C CA  . TYR A 1 50  ? 12.296  -0.709  -3.138  1.00 12.58  ? 56  TYR B CA  1 
ATOM   430  C C   . TYR A 1 50  ? 11.826  0.273   -2.069  1.00 11.20  ? 56  TYR B C   1 
ATOM   431  O O   . TYR A 1 50  ? 12.018  0.058   -0.877  1.00 12.49  ? 56  TYR B O   1 
ATOM   432  C CB  . TYR A 1 50  ? 11.115  -1.637  -3.467  1.00 12.87  ? 56  TYR B CB  1 
ATOM   433  C CG  . TYR A 1 50  ? 11.481  -2.877  -4.267  1.00 14.42  ? 56  TYR B CG  1 
ATOM   434  C CD1 . TYR A 1 50  ? 11.800  -2.763  -5.610  1.00 15.65  ? 56  TYR B CD1 1 
ATOM   435  C CD2 . TYR A 1 50  ? 11.501  -4.157  -3.705  1.00 14.78  ? 56  TYR B CD2 1 
ATOM   436  C CE1 . TYR A 1 50  ? 12.135  -3.885  -6.380  1.00 16.17  ? 56  TYR B CE1 1 
ATOM   437  C CE2 . TYR A 1 50  ? 11.862  -5.282  -4.444  1.00 15.66  ? 56  TYR B CE2 1 
ATOM   438  C CZ  . TYR A 1 50  ? 12.142  -5.138  -5.795  1.00 16.36  ? 56  TYR B CZ  1 
ATOM   439  O OH  . TYR A 1 50  ? 12.452  -6.267  -6.523  1.00 18.24  ? 56  TYR B OH  1 
ATOM   440  N N   . PRO A 1 51  ? 11.177  1.384   -2.501  1.00 11.80  ? 57  PRO B N   1 
ATOM   441  C CA  . PRO A 1 51  ? 10.768  2.448   -1.572  1.00 11.51  ? 57  PRO B CA  1 
ATOM   442  C C   . PRO A 1 51  ? 9.452   2.148   -0.831  1.00 10.50  ? 57  PRO B C   1 
ATOM   443  O O   . PRO A 1 51  ? 8.450   2.793   -1.009  1.00 12.11  ? 57  PRO B O   1 
ATOM   444  C CB  . PRO A 1 51  ? 10.683  3.719   -2.468  1.00 12.99  ? 57  PRO B CB  1 
ATOM   445  C CG  . PRO A 1 51  ? 10.836  3.255   -3.864  1.00 16.18  ? 57  PRO B CG  1 
ATOM   446  C CD  . PRO A 1 51  ? 11.010  1.773   -3.893  1.00 13.57  ? 57  PRO B CD  1 
ATOM   447  N N   . MET A 1 52  ? 9.528   1.121   0.009   1.00 11.59  ? 58  MET B N   1 
ATOM   448  C CA  . MET A 1 52  ? 8.363   0.512   0.675   1.00 10.35  ? 58  MET B CA  1 
ATOM   449  C C   . MET A 1 52  ? 8.422   0.733   2.180   1.00 11.22  ? 58  MET B C   1 
ATOM   450  O O   . MET A 1 52  ? 9.487   0.886   2.801   1.00 11.08  ? 58  MET B O   1 
ATOM   451  C CB  . MET A 1 52  ? 8.336   -0.981  0.407   1.00 11.32  ? 58  MET B CB  1 
ATOM   452  C CG  . MET A 1 52  ? 8.099   -1.354  -1.038  1.00 11.10  ? 58  MET B CG  1 
ATOM   453  S SD  . MET A 1 52  ? 8.467   -3.112  -1.330  1.00 12.74  ? 58  MET B SD  1 
ATOM   454  C CE  . MET A 1 52  ? 8.052   -3.327  -3.052  1.00 13.90  ? 58  MET B CE  1 
ATOM   455  N N   . VAL A 1 53  ? 7.243   0.734   2.802   1.00 10.88  ? 59  VAL B N   1 
ATOM   456  C CA  . VAL A 1 53  ? 7.077   0.873   4.262   1.00 10.44  ? 59  VAL B CA  1 
ATOM   457  C C   . VAL A 1 53  ? 5.769   0.184   4.646   1.00 11.24  ? 59  VAL B C   1 
ATOM   458  O O   . VAL A 1 53  ? 4.811   0.167   3.833   1.00 11.63  ? 59  VAL B O   1 
ATOM   459  C CB  . VAL A 1 53  ? 7.127   2.361   4.694   1.00 10.98  ? 59  VAL B CB  1 
ATOM   460  C CG1 . VAL A 1 53  ? 6.026   3.188   4.047   1.00 11.02  ? 59  VAL B CG1 1 
ATOM   461  C CG2 . VAL A 1 53  ? 7.136   2.532   6.222   1.00 11.76  ? 59  VAL B CG2 1 
ATOM   462  N N   . LEU A 1 54  ? 5.715   -0.300  5.878   1.00 10.81  ? 60  LEU B N   1 
ATOM   463  C CA  . LEU A 1 54  ? 4.474   -0.911  6.426   1.00 10.89  ? 60  LEU B CA  1 
ATOM   464  C C   . LEU A 1 54  ? 3.780   0.038   7.373   1.00 12.06  ? 60  LEU B C   1 
ATOM   465  O O   . LEU A 1 54  ? 4.418   0.870   8.105   1.00 12.69  ? 60  LEU B O   1 
ATOM   466  C CB  . LEU A 1 54  ? 4.795   -2.201  7.181   1.00 11.84  ? 60  LEU B CB  1 
ATOM   467  C CG  . LEU A 1 54  ? 5.521   -3.233  6.357   1.00 12.18  ? 60  LEU B CG  1 
ATOM   468  C CD1 . LEU A 1 54  ? 5.726   -4.517  7.168   1.00 14.79  ? 60  LEU B CD1 1 
ATOM   469  C CD2 . LEU A 1 54  ? 4.827   -3.496  5.037   1.00 12.62  ? 60  LEU B CD2 1 
ATOM   470  N N   . GLY A 1 55  ? 2.474   -0.145  7.524   1.00 12.13  ? 61  GLY B N   1 
ATOM   471  C CA  . GLY A 1 55  ? 1.764   0.396   8.688   1.00 12.87  ? 61  GLY B CA  1 
ATOM   472  C C   . GLY A 1 55  ? 2.164   -0.305  9.988   1.00 11.81  ? 61  GLY B C   1 
ATOM   473  O O   . GLY A 1 55  ? 2.549   -1.455  9.949   1.00 13.44  ? 61  GLY B O   1 
ATOM   474  N N   . ALA A 1 56  ? 1.993   0.390   11.093  1.00 13.52  ? 62  ALA B N   1 
ATOM   475  C CA  . ALA A 1 56  ? 2.315   -0.133  12.441  1.00 15.92  ? 62  ALA B CA  1 
ATOM   476  C C   . ALA A 1 56  ? 1.256   -1.152  12.871  1.00 17.98  ? 62  ALA B C   1 
ATOM   477  O O   . ALA A 1 56  ? 1.598   -2.123  13.605  1.00 21.52  ? 62  ALA B O   1 
ATOM   478  C CB  . ALA A 1 56  ? 2.392   1.032   13.369  1.00 17.13  ? 62  ALA B CB  1 
ATOM   479  N N   . GLN A 1 57  ? 0.037   -0.994  12.368  1.00 15.79  ? 63  GLN B N   1 
ATOM   480  C CA  . GLN A 1 57  ? -1.101  -1.821  12.845  1.00 16.32  ? 63  GLN B CA  1 
ATOM   481  C C   . GLN A 1 57  ? -0.951  -3.230  12.260  1.00 17.26  ? 63  GLN B C   1 
ATOM   482  O O   . GLN A 1 57  ? -0.455  -3.413  11.121  1.00 19.43  ? 63  GLN B O   1 
ATOM   483  C CB  . GLN A 1 57  ? -2.430  -1.153  12.473  1.00 18.30  ? 63  GLN B CB  1 
ATOM   484  C CG  . GLN A 1 57  ? -2.689  0.108   13.277  1.00 20.64  ? 63  GLN B CG  1 
ATOM   485  C CD  . GLN A 1 57  ? -1.828  1.282   12.857  1.00 19.55  ? 63  GLN B CD  1 
ATOM   486  O OE1 . GLN A 1 57  ? -1.476  1.407   11.694  1.00 18.22  ? 63  GLN B OE1 1 
ATOM   487  N NE2 . GLN A 1 57  ? -1.462  2.139   13.777  1.00 22.15  ? 63  GLN B NE2 1 
ATOM   488  N N   . ARG A 1 58  ? -1.305  -4.229  13.053  1.00 18.62  ? 64  ARG B N   1 
ATOM   489  C CA  . ARG A 1 58  ? -1.384  -5.659  12.659  1.00 18.72  ? 64  ARG B CA  1 
ATOM   490  C C   . ARG A 1 58  ? -2.821  -6.151  12.815  1.00 17.06  ? 64  ARG B C   1 
ATOM   491  O O   . ARG A 1 58  ? -3.467  -5.783  13.821  1.00 19.74  ? 64  ARG B O   1 
ATOM   492  C CB  . ARG A 1 58  ? -0.521  -6.588  13.534  1.00 23.88  ? 64  ARG B CB  1 
ATOM   493  C CG  . ARG A 1 58  ? 0.991   -6.569  13.335  1.00 32.00  ? 64  ARG B CG  1 
ATOM   494  C CD  . ARG A 1 58  ? 1.597   -5.186  13.206  1.00 34.65  ? 64  ARG B CD  1 
ATOM   495  N NE  . ARG A 1 58  ? 2.919   -4.856  13.761  1.00 39.72  ? 64  ARG B NE  1 
ATOM   496  C CZ  . ARG A 1 58  ? 3.938   -5.678  14.049  1.00 42.35  ? 64  ARG B CZ  1 
ATOM   497  N NH1 . ARG A 1 58  ? 5.060   -5.154  14.518  1.00 45.90  ? 64  ARG B NH1 1 
ATOM   498  N NH2 . ARG A 1 58  ? 3.879   -6.985  13.866  1.00 41.11  ? 64  ARG B NH2 1 
ATOM   499  N N   . PHE A 1 59  ? -3.334  -6.847  11.826  1.00 17.16  ? 65  PHE B N   1 
ATOM   500  C CA  . PHE A 1 59  ? -4.753  -7.310  11.817  1.00 16.62  ? 65  PHE B CA  1 
ATOM   501  C C   . PHE A 1 59  ? -4.781  -8.820  11.597  1.00 15.23  ? 65  PHE B C   1 
ATOM   502  O O   . PHE A 1 59  ? -4.188  -9.323  10.652  1.00 15.28  ? 65  PHE B O   1 
ATOM   503  C CB  . PHE A 1 59  ? -5.538  -6.604  10.674  1.00 18.21  ? 65  PHE B CB  1 
ATOM   504  C CG  . PHE A 1 59  ? -5.505  -5.099  10.724  1.00 22.19  ? 65  PHE B CG  1 
ATOM   505  C CD1 . PHE A 1 59  ? -6.043  -4.452  11.835  1.00 23.88  ? 65  PHE B CD1 1 
ATOM   506  C CD2 . PHE A 1 59  ? -5.014  -4.331  9.698   1.00 28.48  ? 65  PHE B CD2 1 
ATOM   507  C CE1 . PHE A 1 59  ? -6.076  -3.068  11.938  1.00 26.21  ? 65  PHE B CE1 1 
ATOM   508  C CE2 . PHE A 1 59  ? -5.060  -2.941  9.792   1.00 25.80  ? 65  PHE B CE2 1 
ATOM   509  C CZ  . PHE A 1 59  ? -5.577  -2.319  10.908  1.00 25.68  ? 65  PHE B CZ  1 
ATOM   510  N N   A SER A 1 60  ? -5.498  -9.550  12.466  0.25 14.71  ? 66  SER B N   1 
ATOM   511  N N   B SER A 1 60  ? -5.520  -9.555  12.437  0.25 15.92  ? 66  SER B N   1 
ATOM   512  C CA  A SER A 1 60  ? -5.668  -11.026 12.370  0.25 14.58  ? 66  SER B CA  1 
ATOM   513  C CA  B SER A 1 60  ? -5.718  -11.020 12.288  0.25 16.50  ? 66  SER B CA  1 
ATOM   514  C C   A SER A 1 60  ? -7.154  -11.416 12.369  0.25 14.46  ? 66  SER B C   1 
ATOM   515  C C   B SER A 1 60  ? -7.193  -11.378 12.425  0.25 16.51  ? 66  SER B C   1 
ATOM   516  O O   A SER A 1 60  ? -7.449  -12.624 12.213  0.25 13.65  ? 66  SER B O   1 
ATOM   517  O O   B SER A 1 60  ? -7.495  -12.543 12.690  0.25 15.42  ? 66  SER B O   1 
ATOM   518  C CB  A SER A 1 60  ? -4.877  -11.720 13.464  0.25 14.40  ? 66  SER B CB  1 
ATOM   519  C CB  B SER A 1 60  ? -4.936  -11.754 13.316  0.25 17.08  ? 66  SER B CB  1 
ATOM   520  O OG  A SER A 1 60  ? -3.474  -11.717 13.154  0.25 14.81  ? 66  SER B OG  1 
ATOM   521  O OG  B SER A 1 60  ? -5.360  -11.327 14.589  0.25 18.87  ? 66  SER B OG  1 
ATOM   522  N N   A SER A 1 61  ? -8.067  -10.442 12.416  0.25 14.12  ? 67  SER B N   1 
ATOM   523  N N   B SER A 1 61  ? -8.087  -10.416 12.244  0.25 16.60  ? 67  SER B N   1 
ATOM   524  C CA  A SER A 1 61  ? -9.531  -10.678 12.398  0.25 15.21  ? 67  SER B CA  1 
ATOM   525  C CA  B SER A 1 61  ? -9.534  -10.633 12.440  0.25 18.32  ? 67  SER B CA  1 
ATOM   526  C C   A SER A 1 61  ? -10.259 -9.401  11.973  0.25 16.30  ? 67  SER B C   1 
ATOM   527  C C   B SER A 1 61  ? -10.292 -9.361  12.076  0.25 18.07  ? 67  SER B C   1 
ATOM   528  O O   A SER A 1 61  ? -9.611  -8.360  11.936  0.25 16.04  ? 67  SER B O   1 
ATOM   529  O O   B SER A 1 61  ? -9.702  -8.272  12.198  0.25 17.73  ? 67  SER B O   1 
ATOM   530  C CB  A SER A 1 61  ? -10.017 -11.119 13.760  0.25 15.39  ? 67  SER B CB  1 
ATOM   531  C CB  B SER A 1 61  ? -9.796  -11.038 13.870  0.25 19.75  ? 67  SER B CB  1 
ATOM   532  O OG  A SER A 1 61  ? -9.876  -10.066 14.696  0.25 15.84  ? 67  SER B OG  1 
ATOM   533  O OG  B SER A 1 61  ? -11.163 -11.346 14.053  0.25 23.75  ? 67  SER B OG  1 
ATOM   534  N N   . GLY A 1 62  ? -11.553 -9.508  11.681  1.00 18.48  ? 68  GLY B N   1 
ATOM   535  C CA  . GLY A 1 62  ? -12.438 -8.341  11.528  1.00 19.97  ? 68  GLY B CA  1 
ATOM   536  C C   . GLY A 1 62  ? -12.371 -7.701  10.151  1.00 16.40  ? 68  GLY B C   1 
ATOM   537  O O   . GLY A 1 62  ? -11.778 -8.247  9.201   1.00 17.62  ? 68  GLY B O   1 
ATOM   538  N N   . LYS A 1 63  ? -13.027 -6.562  10.092  1.00 16.57  ? 69  LYS B N   1 
ATOM   539  C CA  . LYS A 1 63  ? -13.159 -5.719  8.891   1.00 16.96  ? 69  LYS B CA  1 
ATOM   540  C C   . LYS A 1 63  ? -12.445 -4.419  9.194   1.00 17.38  ? 69  LYS B C   1 
ATOM   541  O O   . LYS A 1 63  ? -12.727 -3.774  10.269  1.00 19.66  ? 69  LYS B O   1 
ATOM   542  C CB  . LYS A 1 63  ? -14.635 -5.500  8.563   1.00 18.54  ? 69  LYS B CB  1 
ATOM   543  C CG  . LYS A 1 63  ? -15.388 -6.742  8.114   1.00 19.12  ? 69  LYS B CG  1 
ATOM   544  C CD  . LYS A 1 63  ? -16.928 -6.524  7.910   1.00 22.66  ? 69  LYS B CD  1 
ATOM   545  C CE  . LYS A 1 63  ? -17.647 -7.722  7.323   1.00 25.87  ? 69  LYS B CE  1 
ATOM   546  N NZ  . LYS A 1 63  ? -19.113 -7.479  7.236   1.00 28.00  ? 69  LYS B NZ  1 
ATOM   547  N N   . MET A 1 64  ? -11.617 -3.957  8.258   1.00 15.00  ? 70  MET B N   1 
ATOM   548  C CA  . MET A 1 64  ? -10.803 -2.728  8.382   1.00 15.42  ? 70  MET B CA  1 
ATOM   549  C C   . MET A 1 64  ? -10.880 -1.914  7.083   1.00 14.66  ? 70  MET B C   1 
ATOM   550  O O   . MET A 1 64  ? -10.918 -2.509  6.012   1.00 14.89  ? 70  MET B O   1 
ATOM   551  C CB  . MET A 1 64  ? -9.332  -3.084  8.553   1.00 16.83  ? 70  MET B CB  1 
ATOM   552  C CG  . MET A 1 64  ? -8.936  -3.699  9.889   1.00 17.47  ? 70  MET B CG  1 
ATOM   553  S SD  . MET A 1 64  ? -9.554  -5.353  10.337  1.00 19.73  ? 70  MET B SD  1 
ATOM   554  C CE  . MET A 1 64  ? -8.959  -6.347  8.984   1.00 20.11  ? 70  MET B CE  1 
ATOM   555  N N   . TYR A 1 65  ? -10.861 -0.604  7.176   1.00 14.80  ? 71  TYR B N   1 
ATOM   556  C CA  . TYR A 1 65  ? -10.963 0.310   6.014   1.00 14.44  ? 71  TYR B CA  1 
ATOM   557  C C   . TYR A 1 65  ? -10.066 1.509   6.269   1.00 14.96  ? 71  TYR B C   1 
ATOM   558  O O   . TYR A 1 65  ? -10.063 2.106   7.363   1.00 15.74  ? 71  TYR B O   1 
ATOM   559  C CB  . TYR A 1 65  ? -12.401 0.748   5.835   1.00 15.46  ? 71  TYR B CB  1 
ATOM   560  C CG  . TYR A 1 65  ? -12.583 1.672   4.665   1.00 14.38  ? 71  TYR B CG  1 
ATOM   561  C CD1 . TYR A 1 65  ? -12.568 1.182   3.368   1.00 14.98  ? 71  TYR B CD1 1 
ATOM   562  C CD2 . TYR A 1 65  ? -12.707 3.044   4.863   1.00 14.91  ? 71  TYR B CD2 1 
ATOM   563  C CE1 . TYR A 1 65  ? -12.723 2.027   2.271   1.00 15.69  ? 71  TYR B CE1 1 
ATOM   564  C CE2 . TYR A 1 65  ? -12.847 3.894   3.779   1.00 15.56  ? 71  TYR B CE2 1 
ATOM   565  C CZ  . TYR A 1 65  ? -12.848 3.392   2.498   1.00 15.56  ? 71  TYR B CZ  1 
ATOM   566  O OH  . TYR A 1 65  ? -13.001 4.247   1.435   1.00 16.55  ? 71  TYR B OH  1 
ATOM   567  N N   . TRP A 1 66  ? -9.305  1.912   5.261   1.00 12.70  ? 72  TRP B N   1 
ATOM   568  C CA  . TRP A 1 66  ? -8.541  3.179   5.324   1.00 12.69  ? 72  TRP B CA  1 
ATOM   569  C C   . TRP A 1 66  ? -8.450  3.765   3.902   1.00 12.95  ? 72  TRP B C   1 
ATOM   570  O O   . TRP A 1 66  ? -8.714  3.072   2.900   1.00 13.13  ? 72  TRP B O   1 
ATOM   571  C CB  . TRP A 1 66  ? -7.163  2.989   5.998   1.00 12.98  ? 72  TRP B CB  1 
ATOM   572  C CG  . TRP A 1 66  ? -6.204  2.066   5.321   1.00 11.57  ? 72  TRP B CG  1 
ATOM   573  C CD1 . TRP A 1 66  ? -5.195  2.408   4.453   1.00 12.17  ? 72  TRP B CD1 1 
ATOM   574  C CD2 . TRP A 1 66  ? -6.108  0.643   5.453   1.00 13.19  ? 72  TRP B CD2 1 
ATOM   575  N NE1 . TRP A 1 66  ? -4.499  1.300   4.053   1.00 12.32  ? 72  TRP B NE1 1 
ATOM   576  C CE2 . TRP A 1 66  ? -5.053  0.199   4.636   1.00 12.51  ? 72  TRP B CE2 1 
ATOM   577  C CE3 . TRP A 1 66  ? -6.849  -0.305  6.167   1.00 15.13  ? 72  TRP B CE3 1 
ATOM   578  C CZ2 . TRP A 1 66  ? -4.691  -1.131  4.550   1.00 12.98  ? 72  TRP B CZ2 1 
ATOM   579  C CZ3 . TRP A 1 66  ? -6.465  -1.625  6.111   1.00 15.39  ? 72  TRP B CZ3 1 
ATOM   580  C CH2 . TRP A 1 66  ? -5.440  -2.043  5.280   1.00 14.57  ? 72  TRP B CH2 1 
ATOM   581  N N   . GLU A 1 67  ? -8.042  5.024   3.822   1.00 12.28  ? 73  GLU B N   1 
ATOM   582  C CA  . GLU A 1 67  ? -7.923  5.789   2.557   1.00 11.98  ? 73  GLU B CA  1 
ATOM   583  C C   . GLU A 1 67  ? -6.558  6.428   2.422   1.00 11.90  ? 73  GLU B C   1 
ATOM   584  O O   . GLU A 1 67  ? -5.992  6.851   3.415   1.00 12.76  ? 73  GLU B O   1 
ATOM   585  C CB  . GLU A 1 67  ? -9.007  6.853   2.458   1.00 13.50  ? 73  GLU B CB  1 
ATOM   586  C CG  . GLU A 1 67  ? -10.397 6.240   2.269   1.00 15.53  ? 73  GLU B CG  1 
ATOM   587  C CD  . GLU A 1 67  ? -11.547 7.228   2.229   1.00 19.64  ? 73  GLU B CD  1 
ATOM   588  O OE1 . GLU A 1 67  ? -11.276 8.467   2.296   1.00 21.31  ? 73  GLU B OE1 1 
ATOM   589  O OE2 . GLU A 1 67  ? -12.725 6.777   2.043   1.00 18.39  ? 73  GLU B OE2 1 
ATOM   590  N N   . VAL A 1 68  ? -6.045  6.436   1.197   1.00 12.43  ? 74  VAL B N   1 
ATOM   591  C CA  . VAL A 1 68  ? -4.729  6.991   0.856   1.00 12.47  ? 74  VAL B CA  1 
ATOM   592  C C   . VAL A 1 68  ? -4.844  7.971   -0.296  1.00 12.44  ? 74  VAL B C   1 
ATOM   593  O O   . VAL A 1 68  ? -5.474  7.647   -1.327  1.00 12.79  ? 74  VAL B O   1 
ATOM   594  C CB  . VAL A 1 68  ? -3.742  5.863   0.513   1.00 12.26  ? 74  VAL B CB  1 
ATOM   595  C CG1 . VAL A 1 68  ? -2.354  6.443   0.302   1.00 13.15  ? 74  VAL B CG1 1 
ATOM   596  C CG2 . VAL A 1 68  ? -3.740  4.754   1.556   1.00 13.58  ? 74  VAL B CG2 1 
ATOM   597  N N   . ASP A 1 69  ? -4.207  9.134   -0.133  1.00 12.51  ? 75  ASP B N   1 
ATOM   598  C CA  . ASP A 1 69  ? -4.094  10.177  -1.184  1.00 13.96  ? 75  ASP B CA  1 
ATOM   599  C C   . ASP A 1 69  ? -2.892  9.868   -2.067  1.00 12.01  ? 75  ASP B C   1 
ATOM   600  O O   . ASP A 1 69  ? -1.754  9.679   -1.515  1.00 13.31  ? 75  ASP B O   1 
ATOM   601  C CB  . ASP A 1 69  ? -3.963  11.564  -0.535  1.00 15.50  ? 75  ASP B CB  1 
ATOM   602  C CG  . ASP A 1 69  ? -4.203  12.703  -1.526  1.00 18.43  ? 75  ASP B CG  1 
ATOM   603  O OD1 . ASP A 1 69  ? -3.471  12.809  -2.444  1.00 17.66  ? 75  ASP B OD1 1 
ATOM   604  O OD2 . ASP A 1 69  ? -5.279  13.355  -1.464  1.00 25.63  ? 75  ASP B OD2 1 
ATOM   605  N N   . VAL A 1 70  ? -3.122  9.793   -3.368  1.00 12.51  ? 76  VAL B N   1 
ATOM   606  C CA  . VAL A 1 70  ? -2.098  9.501   -4.414  1.00 13.63  ? 76  VAL B CA  1 
ATOM   607  C C   . VAL A 1 70  ? -1.970  10.682  -5.397  1.00 15.05  ? 76  VAL B C   1 
ATOM   608  O O   . VAL A 1 70  ? -1.412  10.510  -6.463  1.00 15.13  ? 76  VAL B O   1 
ATOM   609  C CB  . VAL A 1 70  ? -2.431  8.174   -5.131  1.00 13.11  ? 76  VAL B CB  1 
ATOM   610  C CG1 . VAL A 1 70  ? -2.419  6.984   -4.144  1.00 13.99  ? 76  VAL B CG1 1 
ATOM   611  C CG2 . VAL A 1 70  ? -3.747  8.210   -5.877  1.00 13.47  ? 76  VAL B CG2 1 
ATOM   612  N N   . THR A 1 71  ? -2.495  11.848  -5.061  1.00 14.37  ? 77  THR B N   1 
ATOM   613  C CA  . THR A 1 71  ? -2.476  13.067  -5.915  1.00 16.24  ? 77  THR B CA  1 
ATOM   614  C C   . THR A 1 71  ? -1.075  13.303  -6.486  1.00 15.49  ? 77  THR B C   1 
ATOM   615  O O   . THR A 1 71  ? -0.066  13.239  -5.738  1.00 15.92  ? 77  THR B O   1 
ATOM   616  C CB  . THR A 1 71  ? -2.894  14.295  -5.097  1.00 17.00  ? 77  THR B CB  1 
ATOM   617  O OG1 . THR A 1 71  ? -4.253  14.141  -4.670  1.00 21.34  ? 77  THR B OG1 1 
ATOM   618  C CG2 . THR A 1 71  ? -2.752  15.565  -5.927  1.00 21.32  ? 77  THR B CG2 1 
ATOM   619  N N   . GLN A 1 72  ? -1.046  13.532  -7.790  1.00 17.12  ? 78  GLN B N   1 
ATOM   620  C CA  . GLN A 1 72  ? 0.145   13.968  -8.584  1.00 21.06  ? 78  GLN B CA  1 
ATOM   621  C C   . GLN A 1 72  ? 1.253   12.917  -8.635  1.00 21.09  ? 78  GLN B C   1 
ATOM   622  O O   . GLN A 1 72  ? 2.327   13.212  -9.168  1.00 25.60  ? 78  GLN B O   1 
ATOM   623  C CB  . GLN A 1 72  ? 0.715   15.314  -8.116  1.00 30.04  ? 78  GLN B CB  1 
ATOM   624  C CG  . GLN A 1 72  ? 1.392   15.303  -6.764  1.00 37.42  ? 78  GLN B CG  1 
ATOM   625  C CD  . GLN A 1 72  ? 2.171   16.564  -6.440  1.00 43.85  ? 78  GLN B CD  1 
ATOM   626  O OE1 . GLN A 1 72  ? 1.920   17.224  -5.429  1.00 45.39  ? 78  GLN B OE1 1 
ATOM   627  N NE2 . GLN A 1 72  ? 3.196   16.842  -7.230  1.00 45.28  ? 78  GLN B NE2 1 
ATOM   628  N N   . LYS A 1 73  ? 1.018   11.677  -8.258  1.00 13.78  ? 79  LYS B N   1 
ATOM   629  C CA  . LYS A 1 73  ? 2.044   10.648  -8.418  1.00 13.43  ? 79  LYS B CA  1 
ATOM   630  C C   . LYS A 1 73  ? 1.945   9.962   -9.775  1.00 13.61  ? 79  LYS B C   1 
ATOM   631  O O   . LYS A 1 73  ? 0.811   9.680   -10.270 1.00 16.09  ? 79  LYS B O   1 
ATOM   632  C CB  . LYS A 1 73  ? 1.951   9.656   -7.253  1.00 14.10  ? 79  LYS B CB  1 
ATOM   633  C CG  . LYS A 1 73  ? 2.355   10.282  -5.904  1.00 14.83  ? 79  LYS B CG  1 
ATOM   634  C CD  . LYS A 1 73  ? 2.573   9.340   -4.804  1.00 15.42  ? 79  LYS B CD  1 
ATOM   635  C CE  . LYS A 1 73  ? 3.773   8.417   -4.955  1.00 13.11  ? 79  LYS B CE  1 
ATOM   636  N NZ  . LYS A 1 73  ? 5.070   9.114   -5.150  1.00 11.65  ? 79  LYS B NZ  1 
ATOM   637  N N   . GLU A 1 74  ? 3.080   9.579   -10.295 1.00 12.24  ? 80  GLU B N   1 
ATOM   638  C CA  . GLU A 1 74  ? 3.206   8.805   -11.538 1.00 11.97  ? 80  GLU B CA  1 
ATOM   639  C C   . GLU A 1 74  ? 3.301   7.293   -11.301 1.00 11.49  ? 80  GLU B C   1 
ATOM   640  O O   . GLU A 1 74  ? 3.104   6.516   -12.225 1.00 12.65  ? 80  GLU B O   1 
ATOM   641  C CB  . GLU A 1 74  ? 4.469   9.212   -12.305 1.00 13.69  ? 80  GLU B CB  1 
ATOM   642  C CG  . GLU A 1 74  ? 4.548   10.659  -12.749 1.00 15.90  ? 80  GLU B CG  1 
ATOM   643  C CD  . GLU A 1 74  ? 5.895   10.999  -13.391 1.00 16.09  ? 80  GLU B CD  1 
ATOM   644  O OE1 . GLU A 1 74  ? 5.941   12.049  -14.041 1.00 19.28  ? 80  GLU B OE1 1 
ATOM   645  O OE2 . GLU A 1 74  ? 6.869   10.251  -13.203 1.00 16.93  ? 80  GLU B OE2 1 
ATOM   646  N N   . ALA A 1 75  ? 3.719   6.886   -10.105 1.00 10.99  ? 81  ALA B N   1 
ATOM   647  C CA  . ALA A 1 75  ? 3.935   5.473   -9.802  1.00 10.63  ? 81  ALA B CA  1 
ATOM   648  C C   . ALA A 1 75  ? 3.771   5.263   -8.307  1.00 11.18  ? 81  ALA B C   1 
ATOM   649  O O   . ALA A 1 75  ? 4.264   6.073   -7.492  1.00 11.31  ? 81  ALA B O   1 
ATOM   650  C CB  . ALA A 1 75  ? 5.281   5.025   -10.266 1.00 11.42  ? 81  ALA B CB  1 
ATOM   651  N N   . TRP A 1 76  ? 3.092   4.190   -7.917  1.00 10.97  ? 82  TRP B N   1 
ATOM   652  C CA  . TRP A 1 76  ? 2.864   3.793   -6.505  1.00 10.88  ? 82  TRP B CA  1 
ATOM   653  C C   . TRP A 1 76  ? 2.284   2.407   -6.486  1.00 10.58  ? 82  TRP B C   1 
ATOM   654  O O   . TRP A 1 76  ? 1.708   1.951   -7.490  1.00 11.12  ? 82  TRP B O   1 
ATOM   655  C CB  . TRP A 1 76  ? 1.934   4.790   -5.792  1.00 11.00  ? 82  TRP B CB  1 
ATOM   656  C CG  . TRP A 1 76  ? 0.646   5.117   -6.465  1.00 11.39  ? 82  TRP B CG  1 
ATOM   657  C CD1 . TRP A 1 76  ? 0.370   6.213   -7.230  1.00 13.12  ? 82  TRP B CD1 1 
ATOM   658  C CD2 . TRP A 1 76  ? -0.587  4.362   -6.524  1.00 11.32  ? 82  TRP B CD2 1 
ATOM   659  N NE1 . TRP A 1 76  ? -0.888  6.198   -7.739  1.00 12.98  ? 82  TRP B NE1 1 
ATOM   660  C CE2 . TRP A 1 76  ? -1.513  5.043   -7.332  1.00 12.96  ? 82  TRP B CE2 1 
ATOM   661  C CE3 . TRP A 1 76  ? -1.003  3.128   -5.971  1.00 12.06  ? 82  TRP B CE3 1 
ATOM   662  C CZ2 . TRP A 1 76  ? -2.799  4.603   -7.537  1.00 12.40  ? 82  TRP B CZ2 1 
ATOM   663  C CZ3 . TRP A 1 76  ? -2.278  2.653   -6.210  1.00 12.71  ? 82  TRP B CZ3 1 
ATOM   664  C CH2 . TRP A 1 76  ? -3.155  3.386   -7.023  1.00 13.37  ? 82  TRP B CH2 1 
ATOM   665  N N   . ASP A 1 77  ? 2.305   1.819   -5.311  0.62 9.97   ? 83  ASP B N   1 
ATOM   666  C CA  . ASP A 1 77  ? 1.559   0.565   -5.067  0.62 10.05  ? 83  ASP B CA  1 
ATOM   667  C C   . ASP A 1 77  ? 1.027   0.614   -3.645  0.62 10.26  ? 83  ASP B C   1 
ATOM   668  O O   . ASP A 1 77  ? 1.766   1.040   -2.728  0.62 9.82   ? 83  ASP B O   1 
ATOM   669  C CB  . ASP A 1 77  ? 2.419   -0.651  -5.379  0.62 10.50  ? 83  ASP B CB  1 
ATOM   670  C CG  . ASP A 1 77  ? 1.813   -1.971  -4.942  0.62 10.78  ? 83  ASP B CG  1 
ATOM   671  O OD1 . ASP A 1 77  ? 1.488   -2.778  -5.847  0.62 11.89  ? 83  ASP B OD1 1 
ATOM   672  O OD2 . ASP A 1 77  ? 1.665   -2.164  -3.723  0.62 11.59  ? 83  ASP B OD2 1 
ATOM   673  N N   . LEU A 1 78  ? -0.189  0.112   -3.481  1.00 9.82   ? 84  LEU B N   1 
ATOM   674  C CA  . LEU A 1 78  ? -0.935  0.165   -2.200  1.00 10.63  ? 84  LEU B CA  1 
ATOM   675  C C   . LEU A 1 78  ? -1.633  -1.166  -1.978  1.00 10.68  ? 84  LEU B C   1 
ATOM   676  O O   . LEU A 1 78  ? -2.181  -1.754  -2.902  1.00 10.39  ? 84  LEU B O   1 
ATOM   677  C CB  . LEU A 1 78  ? -2.007  1.270   -2.245  1.00 12.35  ? 84  LEU B CB  1 
ATOM   678  C CG  . LEU A 1 78  ? -1.541  2.703   -2.188  1.00 13.29  ? 84  LEU B CG  1 
ATOM   679  C CD1 . LEU A 1 78  ? -2.720  3.650   -2.417  1.00 13.49  ? 84  LEU B CD1 1 
ATOM   680  C CD2 . LEU A 1 78  ? -0.840  2.959   -0.876  1.00 13.80  ? 84  LEU B CD2 1 
ATOM   681  N N   . GLY A 1 79  ? -1.731  -1.529  -0.712  1.00 9.34   ? 85  GLY B N   1 
ATOM   682  C CA  . GLY A 1 79  ? -2.641  -2.611  -0.304  1.00 10.30  ? 85  GLY B CA  1 
ATOM   683  C C   . GLY A 1 79  ? -2.308  -3.094  1.085   1.00 9.51   ? 85  GLY B C   1 
ATOM   684  O O   . GLY A 1 79  ? -2.148  -2.306  2.015   1.00 9.88   ? 85  GLY B O   1 
ATOM   685  N N   A VAL A 1 80  ? -2.307  -4.424  1.224   0.25 10.25  ? 86  VAL B N   1 
ATOM   686  N N   B VAL A 1 80  ? -2.246  -4.408  1.235   0.25 10.03  ? 86  VAL B N   1 
ATOM   687  C CA  A VAL A 1 80  ? -1.917  -5.139  2.478   0.25 10.45  ? 86  VAL B CA  1 
ATOM   688  C CA  B VAL A 1 80  ? -2.004  -5.060  2.555   0.25 10.03  ? 86  VAL B CA  1 
ATOM   689  C C   A VAL A 1 80  ? -0.925  -6.246  2.170   0.25 10.41  ? 86  VAL B C   1 
ATOM   690  C C   B VAL A 1 80  ? -1.078  -6.255  2.264   0.25 10.23  ? 86  VAL B C   1 
ATOM   691  O O   A VAL A 1 80  ? -0.856  -6.761  1.034   0.25 10.56  ? 86  VAL B O   1 
ATOM   692  O O   B VAL A 1 80  ? -1.120  -6.755  1.142   0.25 10.40  ? 86  VAL B O   1 
ATOM   693  C CB  A VAL A 1 80  ? -3.095  -5.778  3.228   0.25 11.22  ? 86  VAL B CB  1 
ATOM   694  C CB  B VAL A 1 80  ? -3.363  -5.419  3.205   0.25 10.49  ? 86  VAL B CB  1 
ATOM   695  C CG1 A VAL A 1 80  ? -3.966  -4.695  3.799   0.25 11.47  ? 86  VAL B CG1 1 
ATOM   696  C CG1 B VAL A 1 80  ? -4.031  -6.582  2.495   0.25 10.61  ? 86  VAL B CG1 1 
ATOM   697  C CG2 A VAL A 1 80  ? -3.885  -6.753  2.367   0.25 11.11  ? 86  VAL B CG2 1 
ATOM   698  C CG2 B VAL A 1 80  ? -3.251  -5.694  4.696   0.25 10.58  ? 86  VAL B CG2 1 
ATOM   699  N N   . CYS A 1 81  ? -0.226  -6.655  3.219   1.00 10.68  ? 87  CYS B N   1 
ATOM   700  C CA  . CYS A 1 81  ? 0.671   -7.788  3.065   1.00 11.47  ? 87  CYS B CA  1 
ATOM   701  C C   . CYS A 1 81  ? 0.795   -8.563  4.373   1.00 11.52  ? 87  CYS B C   1 
ATOM   702  O O   . CYS A 1 81  ? 0.448   -8.072  5.444   1.00 11.07  ? 87  CYS B O   1 
ATOM   703  C CB  . CYS A 1 81  ? 2.058   -7.331  2.600   1.00 12.83  ? 87  CYS B CB  1 
ATOM   704  S SG  . CYS A 1 81  ? 2.999   -6.328  3.792   1.00 12.98  ? 87  CYS B SG  1 
ATOM   705  N N   A ARG A 1 82  ? 1.328   -9.766  4.246   0.25 10.78  ? 88  ARG B N   1 
ATOM   706  N N   B ARG A 1 82  ? 1.282   -9.800  4.254   0.25 12.30  ? 88  ARG B N   1 
ATOM   707  C CA  A ARG A 1 82  ? 1.654   -10.551 5.457   0.25 11.27  ? 88  ARG B CA  1 
ATOM   708  C CA  B ARG A 1 82  ? 1.594   -10.669 5.427   0.25 14.00  ? 88  ARG B CA  1 
ATOM   709  C C   A ARG A 1 82  ? 2.706   -9.843  6.296   0.25 12.07  ? 88  ARG B C   1 
ATOM   710  C C   B ARG A 1 82  ? 2.734   -10.038 6.246   0.25 13.60  ? 88  ARG B C   1 
ATOM   711  O O   A ARG A 1 82  ? 3.619   -9.177  5.766   0.25 11.48  ? 88  ARG B O   1 
ATOM   712  O O   B ARG A 1 82  ? 3.729   -9.566  5.604   0.25 12.80  ? 88  ARG B O   1 
ATOM   713  C CB  A ARG A 1 82  ? 2.192   -11.920 5.081   0.25 10.68  ? 88  ARG B CB  1 
ATOM   714  C CB  B ARG A 1 82  ? 1.964   -12.077 4.938   0.25 15.80  ? 88  ARG B CB  1 
ATOM   715  C CG  A ARG A 1 82  ? 1.185   -12.701 4.257   0.25 9.86   ? 88  ARG B CG  1 
ATOM   716  C CG  B ARG A 1 82  ? 1.874   -13.182 5.985   0.25 16.78  ? 88  ARG B CG  1 
ATOM   717  C CD  A ARG A 1 82  ? 1.617   -14.136 4.105   0.25 10.01  ? 88  ARG B CD  1 
ATOM   718  C CD  B ARG A 1 82  ? 2.200   -14.562 5.432   0.25 17.33  ? 88  ARG B CD  1 
ATOM   719  N NE  A ARG A 1 82  ? 0.737   -14.909 3.233   0.25 9.56   ? 88  ARG B NE  1 
ATOM   720  N NE  B ARG A 1 82  ? 1.279   -14.982 4.382   0.25 18.12  ? 88  ARG B NE  1 
ATOM   721  C CZ  A ARG A 1 82  ? 1.152   -15.698 2.257   0.25 10.00  ? 88  ARG B CZ  1 
ATOM   722  C CZ  B ARG A 1 82  ? 1.634   -15.384 3.158   0.25 17.32  ? 88  ARG B CZ  1 
ATOM   723  N NH1 A ARG A 1 82  ? 2.439   -15.841 2.001   0.25 10.71  ? 88  ARG B NH1 1 
ATOM   724  N NH1 B ARG A 1 82  ? 2.907   -15.463 2.815   0.25 18.34  ? 88  ARG B NH1 1 
ATOM   725  N NH2 A ARG A 1 82  ? 0.252   -16.327 1.531   0.25 10.75  ? 88  ARG B NH2 1 
ATOM   726  N NH2 B ARG A 1 82  ? 0.716   -15.755 2.291   0.25 17.25  ? 88  ARG B NH2 1 
ATOM   727  N N   . ASP A 1 83  ? 2.639   -10.055 7.599   1.00 13.27  ? 89  ASP B N   1 
ATOM   728  C CA  . ASP A 1 83  ? 3.713   -9.557  8.485   1.00 15.12  ? 89  ASP B CA  1 
ATOM   729  C C   . ASP A 1 83  ? 5.028   -10.249 8.125   1.00 15.49  ? 89  ASP B C   1 
ATOM   730  O O   . ASP A 1 83  ? 6.084   -9.621  8.391   1.00 18.68  ? 89  ASP B O   1 
ATOM   731  C CB  . ASP A 1 83  ? 3.343   -9.733  9.949   1.00 18.19  ? 89  ASP B CB  1 
ATOM   732  C CG  . ASP A 1 83  ? 3.158   -11.137 10.431  1.00 22.88  ? 89  ASP B CG  1 
ATOM   733  O OD1 . ASP A 1 83  ? 3.112   -12.078 9.606   1.00 29.44  ? 89  ASP B OD1 1 
ATOM   734  O OD2 . ASP A 1 83  ? 3.126   -11.271 11.700  1.00 32.17  ? 89  ASP B OD2 1 
ATOM   735  N N   . SER A 1 84  ? 5.014   -11.460 7.583   1.00 15.08  ? 90  SER B N   1 
ATOM   736  C CA  . SER A 1 84  ? 6.187   -12.300 7.296   1.00 16.50  ? 90  SER B CA  1 
ATOM   737  C C   . SER A 1 84  ? 6.759   -12.103 5.881   1.00 15.66  ? 90  SER B C   1 
ATOM   738  O O   . SER A 1 84  ? 7.599   -12.883 5.494   1.00 16.55  ? 90  SER B O   1 
ATOM   739  C CB  . SER A 1 84  ? 5.796   -13.779 7.540   1.00 17.16  ? 90  SER B CB  1 
ATOM   740  O OG  . SER A 1 84  ? 4.716   -14.141 6.742   1.00 19.89  ? 90  SER B OG  1 
ATOM   741  N N   . VAL A 1 85  ? 6.299   -11.102 5.107   1.00 14.26  ? 91  VAL B N   1 
ATOM   742  C CA  . VAL A 1 85  ? 6.887   -10.908 3.761   1.00 13.53  ? 91  VAL B CA  1 
ATOM   743  C C   . VAL A 1 85  ? 8.408   -10.687 3.812   1.00 12.60  ? 91  VAL B C   1 
ATOM   744  O O   . VAL A 1 85  ? 8.905   -10.048 4.740   1.00 14.23  ? 91  VAL B O   1 
ATOM   745  C CB  . VAL A 1 85  ? 6.223   -9.776  2.937   1.00 13.40  ? 91  VAL B CB  1 
ATOM   746  C CG1 . VAL A 1 85  ? 4.780   -10.113 2.599   1.00 13.72  ? 91  VAL B CG1 1 
ATOM   747  C CG2 . VAL A 1 85  ? 6.380   -8.424  3.548   1.00 13.43  ? 91  VAL B CG2 1 
ATOM   748  N N   . GLN A 1 86  ? 9.046   -11.171 2.769   1.00 13.42  ? 92  GLN B N   1 
ATOM   749  C CA  . GLN A 1 86  ? 10.477  -10.890 2.466   1.00 15.40  ? 92  GLN B CA  1 
ATOM   750  C C   . GLN A 1 86  ? 10.716  -9.380  2.508   1.00 14.99  ? 92  GLN B C   1 
ATOM   751  O O   . GLN A 1 86  ? 9.952   -8.631  1.901   1.00 15.62  ? 92  GLN B O   1 
ATOM   752  C CB  . GLN A 1 86  ? 10.766  -11.493 1.087   1.00 16.74  ? 92  GLN B CB  1 
ATOM   753  C CG  . GLN A 1 86  ? 12.185  -11.291 0.522   1.00 19.74  ? 92  GLN B CG  1 
ATOM   754  C CD  . GLN A 1 86  ? 12.329  -11.857 -0.875  1.00 23.60  ? 92  GLN B CD  1 
ATOM   755  O OE1 . GLN A 1 86  ? 11.490  -12.623 -1.382  1.00 24.12  ? 92  GLN B OE1 1 
ATOM   756  N NE2 . GLN A 1 86  ? 13.418  -11.502 -1.556  1.00 24.71  ? 92  GLN B NE2 1 
ATOM   757  N N   . ARG A 1 87  ? 11.828  -8.966  3.109   1.00 14.84  ? 93  ARG B N   1 
ATOM   758  C CA  . ARG A 1 87  ? 12.263  -7.538  3.157   1.00 13.08  ? 93  ARG B CA  1 
ATOM   759  C C   . ARG A 1 87  ? 13.463  -7.300  2.256   1.00 13.97  ? 93  ARG B C   1 
ATOM   760  O O   . ARG A 1 87  ? 13.609  -6.159  1.786   1.00 15.01  ? 93  ARG B O   1 
ATOM   761  C CB  . ARG A 1 87  ? 12.594  -7.126  4.578   1.00 14.97  ? 93  ARG B CB  1 
ATOM   762  C CG  . ARG A 1 87  ? 11.498  -7.418  5.589   1.00 14.66  ? 93  ARG B CG  1 
ATOM   763  C CD  . ARG A 1 87  ? 10.135  -6.852  5.223   1.00 15.06  ? 93  ARG B CD  1 
ATOM   764  N NE  . ARG A 1 87  ? 9.076   -7.368  6.130   1.00 15.28  ? 93  ARG B NE  1 
ATOM   765  C CZ  . ARG A 1 87  ? 8.792   -6.886  7.317   1.00 15.01  ? 93  ARG B CZ  1 
ATOM   766  N NH1 . ARG A 1 87  ? 9.409   -5.829  7.778   1.00 17.06  ? 93  ARG B NH1 1 
ATOM   767  N NH2 . ARG A 1 87  ? 7.873   -7.445  8.065   1.00 18.79  ? 93  ARG B NH2 1 
ATOM   768  N N   . LYS A 1 88  ? 14.333  -8.282  2.058   1.00 15.33  ? 94  LYS B N   1 
ATOM   769  C CA  . LYS A 1 88  ? 15.650  -8.050  1.409   1.00 15.97  ? 94  LYS B CA  1 
ATOM   770  C C   . LYS A 1 88  ? 15.672  -8.626  0.016   1.00 17.59  ? 94  LYS B C   1 
ATOM   771  O O   . LYS A 1 88  ? 15.092  -9.719  -0.203  1.00 19.61  ? 94  LYS B O   1 
ATOM   772  C CB  . LYS A 1 88  ? 16.755  -8.656  2.268   1.00 16.61  ? 94  LYS B CB  1 
ATOM   773  C CG  . LYS A 1 88  ? 16.714  -8.219  3.708   1.00 17.28  ? 94  LYS B CG  1 
ATOM   774  C CD  . LYS A 1 88  ? 16.819  -6.715  3.920   1.00 18.75  ? 94  LYS B CD  1 
ATOM   775  C CE  . LYS A 1 88  ? 16.866  -6.369  5.370   1.00 17.37  ? 94  LYS B CE  1 
ATOM   776  N NZ  . LYS A 1 88  ? 16.966  -4.901  5.598   1.00 18.75  ? 94  LYS B NZ  1 
ATOM   777  N N   . GLY A 1 89  ? 16.321  -7.962  -0.915  1.00 18.28  ? 95  GLY B N   1 
ATOM   778  C CA  . GLY A 1 89  ? 16.474  -8.459  -2.279  1.00 17.83  ? 95  GLY B CA  1 
ATOM   779  C C   . GLY A 1 89  ? 15.267  -8.207  -3.153  1.00 20.82  ? 95  GLY B C   1 
ATOM   780  O O   . GLY A 1 89  ? 14.363  -7.395  -2.770  1.00 18.51  ? 95  GLY B O   1 
ATOM   781  N N   . GLN A 1 90  ? 15.242  -8.874  -4.298  1.00 20.31  ? 96  GLN B N   1 
ATOM   782  C CA  . GLN A 1 90  ? 14.231  -8.702  -5.340  1.00 21.16  ? 96  GLN B CA  1 
ATOM   783  C C   . GLN A 1 90  ? 13.088  -9.684  -5.119  1.00 19.86  ? 96  GLN B C   1 
ATOM   784  O O   . GLN A 1 90  ? 13.317  -10.832 -4.625  1.00 21.23  ? 96  GLN B O   1 
ATOM   785  C CB  . GLN A 1 90  ? 14.877  -8.896  -6.713  1.00 26.58  ? 96  GLN B CB  1 
ATOM   786  C CG  . GLN A 1 90  ? 15.857  -7.772  -7.013  1.00 32.99  ? 96  GLN B CG  1 
ATOM   787  C CD  . GLN A 1 90  ? 16.621  -7.960  -8.289  1.00 41.80  ? 96  GLN B CD  1 
ATOM   788  O OE1 . GLN A 1 90  ? 16.267  -7.395  -9.322  1.00 51.23  ? 96  GLN B OE1 1 
ATOM   789  N NE2 . GLN A 1 90  ? 17.683  -8.751  -8.207  1.00 45.94  ? 96  GLN B NE2 1 
ATOM   790  N N   . PHE A 1 91  ? 11.881  -9.224  -5.398  1.00 17.30  ? 97  PHE B N   1 
ATOM   791  C CA  . PHE A 1 91  ? 10.658  -10.050 -5.366  1.00 16.39  ? 97  PHE B CA  1 
ATOM   792  C C   . PHE A 1 91  ? 9.533   -9.365  -6.112  1.00 16.45  ? 97  PHE B C   1 
ATOM   793  O O   . PHE A 1 91  ? 9.560   -8.131  -6.297  1.00 18.11  ? 97  PHE B O   1 
ATOM   794  C CB  . PHE A 1 91  ? 10.208  -10.317 -3.932  1.00 15.86  ? 97  PHE B CB  1 
ATOM   795  C CG  . PHE A 1 91  ? 10.012  -9.076  -3.091  1.00 16.11  ? 97  PHE B CG  1 
ATOM   796  C CD1 . PHE A 1 91  ? 8.789   -8.433  -3.092  1.00 16.28  ? 97  PHE B CD1 1 
ATOM   797  C CD2 . PHE A 1 91  ? 11.018  -8.547  -2.286  1.00 15.99  ? 97  PHE B CD2 1 
ATOM   798  C CE1 . PHE A 1 91  ? 8.565   -7.310  -2.313  1.00 15.84  ? 97  PHE B CE1 1 
ATOM   799  C CE2 . PHE A 1 91  ? 10.800  -7.418  -1.510  1.00 15.48  ? 97  PHE B CE2 1 
ATOM   800  C CZ  . PHE A 1 91  ? 9.565   -6.821  -1.515  1.00 15.59  ? 97  PHE B CZ  1 
ATOM   801  N N   A SER A 1 92  ? 8.555   -10.138 -6.600  0.25 18.01  ? 98  SER B N   1 
ATOM   802  N N   B SER A 1 92  ? 8.564   -10.169 -6.555  0.25 16.69  ? 98  SER B N   1 
ATOM   803  C CA  A SER A 1 92  ? 7.351   -9.572  -7.263  0.25 18.25  ? 98  SER B CA  1 
ATOM   804  C CA  B SER A 1 92  ? 7.322   -9.683  -7.201  0.25 16.23  ? 98  SER B CA  1 
ATOM   805  C C   A SER A 1 92  ? 6.216   -9.423  -6.242  0.25 17.49  ? 98  SER B C   1 
ATOM   806  C C   B SER A 1 92  ? 6.274   -9.359  -6.130  0.25 16.16  ? 98  SER B C   1 
ATOM   807  O O   A SER A 1 92  ? 6.066   -10.299 -5.360  0.25 16.61  ? 98  SER B O   1 
ATOM   808  O O   B SER A 1 92  ? 6.260   -10.033 -5.059  0.25 15.33  ? 98  SER B O   1 
ATOM   809  C CB  A SER A 1 92  ? 6.911   -10.373 -8.455  0.25 21.29  ? 98  SER B CB  1 
ATOM   810  C CB  B SER A 1 92  ? 6.816   -10.682 -8.200  0.25 17.45  ? 98  SER B CB  1 
ATOM   811  O OG  A SER A 1 92  ? 6.392   -11.626 -8.055  0.25 24.38  ? 98  SER B OG  1 
ATOM   812  O OG  B SER A 1 92  ? 7.748   -10.804 -9.272  0.25 17.99  ? 98  SER B OG  1 
ATOM   813  N N   . LEU A 1 93  ? 5.427   -8.361  -6.404  1.00 16.07  ? 99  LEU B N   1 
ATOM   814  C CA  . LEU A 1 93  ? 4.257   -8.074  -5.556  1.00 17.17  ? 99  LEU B CA  1 
ATOM   815  C C   . LEU A 1 93  ? 3.132   -8.984  -6.029  1.00 17.67  ? 99  LEU B C   1 
ATOM   816  O O   . LEU A 1 93  ? 2.488   -8.696  -7.071  1.00 20.47  ? 99  LEU B O   1 
ATOM   817  C CB  . LEU A 1 93  ? 3.882   -6.599  -5.651  1.00 17.07  ? 99  LEU B CB  1 
ATOM   818  C CG  . LEU A 1 93  ? 4.890   -5.674  -5.017  1.00 17.17  ? 99  LEU B CG  1 
ATOM   819  C CD1 . LEU A 1 93  ? 4.559   -4.218  -5.335  1.00 21.10  ? 99  LEU B CD1 1 
ATOM   820  C CD2 . LEU A 1 93  ? 4.956   -5.858  -3.496  1.00 19.06  ? 99  LEU B CD2 1 
ATOM   821  N N   . SER A 1 94  ? 2.895   -10.100 -5.332  1.00 15.84  ? 100 SER B N   1 
ATOM   822  C CA  . SER A 1 94  ? 1.923   -11.122 -5.741  1.00 15.84  ? 100 SER B CA  1 
ATOM   823  C C   . SER A 1 94  ? 1.325   -11.771 -4.502  1.00 14.36  ? 100 SER B C   1 
ATOM   824  O O   . SER A 1 94  ? 2.016   -11.817 -3.470  1.00 13.78  ? 100 SER B O   1 
ATOM   825  C CB  . SER A 1 94  ? 2.584   -12.186 -6.605  1.00 19.31  ? 100 SER B CB  1 
ATOM   826  O OG  . SER A 1 94  ? 3.493   -12.947 -5.837  1.00 21.77  ? 100 SER B OG  1 
ATOM   827  N N   . PRO A 1 95  ? 0.117   -12.351 -4.567  1.00 13.95  ? 101 PRO B N   1 
ATOM   828  C CA  . PRO A 1 95  ? -0.430  -13.110 -3.443  1.00 14.50  ? 101 PRO B CA  1 
ATOM   829  C C   . PRO A 1 95  ? 0.465   -14.296 -3.045  1.00 15.11  ? 101 PRO B C   1 
ATOM   830  O O   . PRO A 1 95  ? 0.563   -14.560 -1.841  1.00 14.28  ? 101 PRO B O   1 
ATOM   831  C CB  . PRO A 1 95  ? -1.829  -13.558 -3.919  1.00 15.11  ? 101 PRO B CB  1 
ATOM   832  C CG  . PRO A 1 95  ? -2.181  -12.451 -4.941  1.00 15.09  ? 101 PRO B CG  1 
ATOM   833  C CD  . PRO A 1 95  ? -0.876  -12.162 -5.636  1.00 15.12  ? 101 PRO B CD  1 
ATOM   834  N N   . GLU A 1 96  ? 1.164   -14.899 -4.015  1.00 15.38  ? 102 GLU B N   1 
ATOM   835  C CA  . GLU A 1 96  ? 2.084   -16.032 -3.706  1.00 18.20  ? 102 GLU B CA  1 
ATOM   836  C C   . GLU A 1 96  ? 3.177   -15.568 -2.739  1.00 18.22  ? 102 GLU B C   1 
ATOM   837  O O   . GLU A 1 96  ? 3.650   -16.356 -1.897  1.00 20.29  ? 102 GLU B O   1 
ATOM   838  C CB  . GLU A 1 96  ? 2.630   -16.556 -5.037  1.00 23.17  ? 102 GLU B CB  1 
ATOM   839  C CG  . GLU A 1 96  ? 1.528   -17.148 -5.921  1.00 31.41  ? 102 GLU B CG  1 
ATOM   840  C CD  . GLU A 1 96  ? 0.873   -16.307 -7.026  1.00 36.77  ? 102 GLU B CD  1 
ATOM   841  O OE1 . GLU A 1 96  ? 0.563   -15.098 -6.832  1.00 25.91  ? 102 GLU B OE1 1 
ATOM   842  O OE2 . GLU A 1 96  ? 0.606   -16.905 -8.111  1.00 44.78  ? 102 GLU B OE2 1 
ATOM   843  N N   . ASN A 1 97  ? 3.601   -14.305 -2.843  1.00 15.31  ? 103 ASN B N   1 
ATOM   844  C CA  . ASN A 1 97  ? 4.653   -13.724 -1.992  1.00 15.29  ? 103 ASN B CA  1 
ATOM   845  C C   . ASN A 1 97  ? 4.048   -13.017 -0.781  1.00 13.91  ? 103 ASN B C   1 
ATOM   846  O O   . ASN A 1 97  ? 4.806   -12.470 0.020   1.00 14.98  ? 103 ASN B O   1 
ATOM   847  C CB  . ASN A 1 97  ? 5.571   -12.803 -2.797  1.00 15.65  ? 103 ASN B CB  1 
ATOM   848  C CG  . ASN A 1 97  ? 6.492   -13.544 -3.738  1.00 18.27  ? 103 ASN B CG  1 
ATOM   849  O OD1 . ASN A 1 97  ? 6.761   -14.739 -3.556  1.00 21.49  ? 103 ASN B OD1 1 
ATOM   850  N ND2 . ASN A 1 97  ? 6.918   -12.871 -4.797  1.00 19.71  ? 103 ASN B ND2 1 
ATOM   851  N N   . GLY A 1 98  ? 2.730   -13.032 -0.599  1.00 12.85  ? 104 GLY B N   1 
ATOM   852  C CA  . GLY A 1 98  ? 2.087   -12.449 0.587   1.00 11.90  ? 104 GLY B CA  1 
ATOM   853  C C   . GLY A 1 98  ? 1.660   -10.987 0.452   1.00 11.35  ? 104 GLY B C   1 
ATOM   854  O O   . GLY A 1 98  ? 1.557   -10.302 1.434   1.00 11.88  ? 104 GLY B O   1 
ATOM   855  N N   . PHE A 1 99  ? 1.397   -10.558 -0.808  1.00 11.52  ? 105 PHE B N   1 
ATOM   856  C CA  . PHE A 1 99  ? 0.951   -9.169  -1.056  1.00 12.23  ? 105 PHE B CA  1 
ATOM   857  C C   . PHE A 1 99  ? -0.372  -9.134  -1.820  1.00 11.47  ? 105 PHE B C   1 
ATOM   858  O O   . PHE A 1 99  ? -0.482  -9.837  -2.862  1.00 12.92  ? 105 PHE B O   1 
ATOM   859  C CB  . PHE A 1 99  ? 1.982   -8.393  -1.892  1.00 11.77  ? 105 PHE B CB  1 
ATOM   860  C CG  . PHE A 1 99  ? 3.367   -8.291  -1.296  1.00 11.26  ? 105 PHE B CG  1 
ATOM   861  C CD1 . PHE A 1 99  ? 4.314   -9.271  -1.526  1.00 11.94  ? 105 PHE B CD1 1 
ATOM   862  C CD2 . PHE A 1 99  ? 3.711   -7.210  -0.532  1.00 11.45  ? 105 PHE B CD2 1 
ATOM   863  C CE1 . PHE A 1 99  ? 5.582   -9.179  -0.958  1.00 12.36  ? 105 PHE B CE1 1 
ATOM   864  C CE2 . PHE A 1 99  ? 4.984   -7.097  0.002   1.00 12.30  ? 105 PHE B CE2 1 
ATOM   865  C CZ  . PHE A 1 99  ? 5.907   -8.078  -0.219  1.00 12.24  ? 105 PHE B CZ  1 
ATOM   866  N N   . TRP A 1 100 ? -1.304  -8.278  -1.391  1.00 10.14  ? 106 TRP B N   1 
ATOM   867  C CA  . TRP A 1 100 ? -2.595  -8.031  -2.058  1.00 10.36  ? 106 TRP B CA  1 
ATOM   868  C C   . TRP A 1 100 ? -2.664  -6.535  -2.332  1.00 9.68   ? 106 TRP B C   1 
ATOM   869  O O   . TRP A 1 100 ? -2.962  -5.763  -1.422  1.00 10.12  ? 106 TRP B O   1 
ATOM   870  C CB  . TRP A 1 100 ? -3.784  -8.544  -1.220  1.00 10.39  ? 106 TRP B CB  1 
ATOM   871  C CG  . TRP A 1 100 ? -3.709  -10.039 -1.006  1.00 10.63  ? 106 TRP B CG  1 
ATOM   872  C CD1 . TRP A 1 100 ? -4.250  -11.025 -1.775  1.00 11.45  ? 106 TRP B CD1 1 
ATOM   873  C CD2 . TRP A 1 100 ? -2.967  -10.725 0.053   1.00 10.69  ? 106 TRP B CD2 1 
ATOM   874  N NE1 . TRP A 1 100 ? -3.905  -12.268 -1.272  1.00 11.55  ? 106 TRP B NE1 1 
ATOM   875  C CE2 . TRP A 1 100 ? -3.094  -12.105 -0.174  1.00 11.16  ? 106 TRP B CE2 1 
ATOM   876  C CE3 . TRP A 1 100 ? -2.191  -10.274 1.120   1.00 11.65  ? 106 TRP B CE3 1 
ATOM   877  C CZ2 . TRP A 1 100 ? -2.451  -13.050 0.649   1.00 12.04  ? 106 TRP B CZ2 1 
ATOM   878  C CZ3 . TRP A 1 100 ? -1.585  -11.209 1.934   1.00 12.10  ? 106 TRP B CZ3 1 
ATOM   879  C CH2 . TRP A 1 100 ? -1.696  -12.559 1.683   1.00 12.23  ? 106 TRP B CH2 1 
ATOM   880  N N   . THR A 1 101 ? -2.311  -6.162  -3.571  1.00 10.00  ? 107 THR B N   1 
ATOM   881  C CA  . THR A 1 101 ? -2.022  -4.731  -3.882  1.00 9.86   ? 107 THR B CA  1 
ATOM   882  C C   . THR A 1 101 ? -2.544  -4.394  -5.290  1.00 9.74   ? 107 THR B C   1 
ATOM   883  O O   . THR A 1 101 ? -2.711  -5.278  -6.121  1.00 10.21  ? 107 THR B O   1 
ATOM   884  C CB  . THR A 1 101 ? -0.530  -4.411  -3.819  1.00 10.95  ? 107 THR B CB  1 
ATOM   885  O OG1 . THR A 1 101 ? 0.161   -5.084  -4.837  1.00 12.69  ? 107 THR B OG1 1 
ATOM   886  C CG2 . THR A 1 101 ? 0.073   -4.757  -2.457  1.00 11.17  ? 107 THR B CG2 1 
ATOM   887  N N   . ILE A 1 102 ? -2.631  -3.075  -5.517  1.00 9.97   ? 108 ILE B N   1 
ATOM   888  C CA  . ILE A 1 102 ? -2.820  -2.513  -6.900  1.00 10.37  ? 108 ILE B CA  1 
ATOM   889  C C   . ILE A 1 102 ? -1.733  -1.460  -7.074  1.00 10.89  ? 108 ILE B C   1 
ATOM   890  O O   . ILE A 1 102 ? -1.155  -0.971  -6.067  1.00 10.55  ? 108 ILE B O   1 
ATOM   891  C CB  . ILE A 1 102 ? -4.233  -1.934  -7.163  1.00 10.21  ? 108 ILE B CB  1 
ATOM   892  C CG1 . ILE A 1 102 ? -4.510  -0.675  -6.336  1.00 11.30  ? 108 ILE B CG1 1 
ATOM   893  C CG2 . ILE A 1 102 ? -5.259  -3.031  -6.907  1.00 10.62  ? 108 ILE B CG2 1 
ATOM   894  C CD1 . ILE A 1 102 ? -5.795  0.016   -6.668  1.00 12.76  ? 108 ILE B CD1 1 
ATOM   895  N N   . TRP A 1 103 ? -1.501  -1.089  -8.320  1.00 9.84   ? 109 TRP B N   1 
ATOM   896  C CA  . TRP A 1 103 ? -0.453  -0.095  -8.627  1.00 10.10  ? 109 TRP B CA  1 
ATOM   897  C C   . TRP A 1 103 ? -0.839  0.750   -9.820  1.00 10.56  ? 109 TRP B C   1 
ATOM   898  O O   . TRP A 1 103 ? -1.668  0.402   -10.663 1.00 11.19  ? 109 TRP B O   1 
ATOM   899  C CB  . TRP A 1 103 ? 0.896   -0.731  -8.824  1.00 11.78  ? 109 TRP B CB  1 
ATOM   900  C CG  . TRP A 1 103 ? 1.074   -1.613  -10.014 1.00 12.70  ? 109 TRP B CG  1 
ATOM   901  C CD1 . TRP A 1 103 ? 1.073   -1.235  -11.327 1.00 12.90  ? 109 TRP B CD1 1 
ATOM   902  C CD2 . TRP A 1 103 ? 1.494   -2.986  -9.981  1.00 13.73  ? 109 TRP B CD2 1 
ATOM   903  N NE1 . TRP A 1 103 ? 1.459   -2.288  -12.109 1.00 14.37  ? 109 TRP B NE1 1 
ATOM   904  C CE2 . TRP A 1 103 ? 1.732   -3.362  -11.320 1.00 14.12  ? 109 TRP B CE2 1 
ATOM   905  C CE3 . TRP A 1 103 ? 1.733   -3.917  -8.965  1.00 15.12  ? 109 TRP B CE3 1 
ATOM   906  C CZ2 . TRP A 1 103 ? 2.115   -4.646  -11.686 1.00 16.49  ? 109 TRP B CZ2 1 
ATOM   907  C CZ3 . TRP A 1 103 ? 2.124   -5.190  -9.333  1.00 16.19  ? 109 TRP B CZ3 1 
ATOM   908  C CH2 . TRP A 1 103 ? 2.317   -5.529  -10.665 1.00 16.83  ? 109 TRP B CH2 1 
ATOM   909  N N   . LEU A 1 104 ? -0.156  1.901   -9.899  1.00 10.36  ? 110 LEU B N   1 
ATOM   910  C CA  . LEU A 1 104 ? -0.043  2.754   -11.097 1.00 10.80  ? 110 LEU B CA  1 
ATOM   911  C C   . LEU A 1 104 ? 1.397   2.679   -11.589 1.00 10.05  ? 110 LEU B C   1 
ATOM   912  O O   . LEU A 1 104 ? 2.331   2.861   -10.811 1.00 10.78  ? 110 LEU B O   1 
ATOM   913  C CB  . LEU A 1 104 ? -0.355  4.200   -10.756 1.00 10.82  ? 110 LEU B CB  1 
ATOM   914  C CG  . LEU A 1 104 ? -0.121  5.226   -11.874 1.00 11.88  ? 110 LEU B CG  1 
ATOM   915  C CD1 . LEU A 1 104 ? -0.956  4.926   -13.097 1.00 13.25  ? 110 LEU B CD1 1 
ATOM   916  C CD2 . LEU A 1 104 ? -0.389  6.640   -11.386 1.00 13.83  ? 110 LEU B CD2 1 
ATOM   917  N N   . TRP A 1 105 ? 1.573   2.429   -12.884 1.00 10.61  ? 111 TRP B N   1 
ATOM   918  C CA  . TRP A 1 105 ? 2.901   2.354   -13.516 1.00 11.53  ? 111 TRP B CA  1 
ATOM   919  C C   . TRP A 1 105 ? 2.747   2.705   -14.996 1.00 12.58  ? 111 TRP B C   1 
ATOM   920  O O   . TRP A 1 105 ? 1.941   2.097   -15.704 1.00 13.34  ? 111 TRP B O   1 
ATOM   921  C CB  . TRP A 1 105 ? 3.439   0.942   -13.383 1.00 14.27  ? 111 TRP B CB  1 
ATOM   922  C CG  . TRP A 1 105 ? 4.688   0.672   -14.111 1.00 16.49  ? 111 TRP B CG  1 
ATOM   923  C CD1 . TRP A 1 105 ? 4.905   -0.155  -15.182 1.00 17.95  ? 111 TRP B CD1 1 
ATOM   924  C CD2 . TRP A 1 105 ? 5.958   1.221   -13.755 1.00 17.35  ? 111 TRP B CD2 1 
ATOM   925  N NE1 . TRP A 1 105 ? 6.212   -0.108  -15.551 1.00 18.56  ? 111 TRP B NE1 1 
ATOM   926  C CE2 . TRP A 1 105 ? 6.884   0.713   -14.689 1.00 16.40  ? 111 TRP B CE2 1 
ATOM   927  C CE3 . TRP A 1 105 ? 6.413   2.080   -12.760 1.00 18.43  ? 111 TRP B CE3 1 
ATOM   928  C CZ2 . TRP A 1 105 ? 8.238   1.023   -14.648 1.00 20.66  ? 111 TRP B CZ2 1 
ATOM   929  C CZ3 . TRP A 1 105 ? 7.749   2.413   -12.733 1.00 21.93  ? 111 TRP B CZ3 1 
ATOM   930  C CH2 . TRP A 1 105 ? 8.643   1.935   -13.692 1.00 20.95  ? 111 TRP B CH2 1 
ATOM   931  N N   . GLN A 1 106 ? 3.500   3.695   -15.464 1.00 11.92  ? 112 GLN B N   1 
ATOM   932  C CA  . GLN A 1 106 ? 3.525   4.024   -16.924 1.00 12.29  ? 112 GLN B CA  1 
ATOM   933  C C   . GLN A 1 106 ? 2.116   4.187   -17.457 1.00 13.52  ? 112 GLN B C   1 
ATOM   934  O O   . GLN A 1 106 ? 1.786   3.610   -18.541 1.00 14.35  ? 112 GLN B O   1 
ATOM   935  C CB  . GLN A 1 106 ? 4.384   3.011   -17.682 1.00 14.02  ? 112 GLN B CB  1 
ATOM   936  C CG  . GLN A 1 106 ? 5.807   2.991   -17.167 1.00 13.92  ? 112 GLN B CG  1 
ATOM   937  C CD  . GLN A 1 106 ? 6.780   2.216   -18.024 1.00 15.86  ? 112 GLN B CD  1 
ATOM   938  O OE1 . GLN A 1 106 ? 8.004   2.336   -17.831 1.00 19.70  ? 112 GLN B OE1 1 
ATOM   939  N NE2 . GLN A 1 106 ? 6.265   1.397   -18.916 1.00 14.39  ? 112 GLN B NE2 1 
ATOM   940  N N   . ASP A 1 107 ? 1.300   4.980   -16.784 1.00 14.07  ? 113 ASP B N   1 
ATOM   941  C CA  . ASP A 1 107 ? -0.031  5.385   -17.279 1.00 17.74  ? 113 ASP B CA  1 
ATOM   942  C C   . ASP A 1 107 ? -1.027  4.221   -17.282 1.00 18.33  ? 113 ASP B C   1 
ATOM   943  O O   . ASP A 1 107 ? -2.157  4.452   -17.792 1.00 23.47  ? 113 ASP B O   1 
ATOM   944  C CB  . ASP A 1 107 ? 0.125   5.999   -18.674 1.00 21.31  ? 113 ASP B CB  1 
ATOM   945  C CG  . ASP A 1 107 ? -0.894  7.018   -19.069 1.00 31.91  ? 113 ASP B CG  1 
ATOM   946  O OD1 . ASP A 1 107 ? -1.425  7.736   -18.172 1.00 36.01  ? 113 ASP B OD1 1 
ATOM   947  O OD2 . ASP A 1 107 ? -1.145  7.092   -20.309 1.00 38.25  ? 113 ASP B OD2 1 
ATOM   948  N N   . SER A 1 108 ? -0.716  3.095   -16.664 1.00 14.79  ? 114 SER B N   1 
ATOM   949  C CA  . SER A 1 108 ? -1.657  1.948   -16.513 1.00 16.01  ? 114 SER B CA  1 
ATOM   950  C C   . SER A 1 108 ? -1.859  1.606   -15.034 1.00 13.41  ? 114 SER B C   1 
ATOM   951  O O   . SER A 1 108 ? -0.892  1.532   -14.258 1.00 13.74  ? 114 SER B O   1 
ATOM   952  C CB  . SER A 1 108 ? -1.266  0.783   -17.336 1.00 21.75  ? 114 SER B CB  1 
ATOM   953  O OG  . SER A 1 108 ? -0.123  0.140   -16.863 1.00 31.30  ? 114 SER B OG  1 
ATOM   954  N N   . TYR A 1 109 ? -3.093  1.316   -14.671 1.00 12.67  ? 115 TYR B N   1 
ATOM   955  C CA  . TYR A 1 109 ? -3.470  0.767   -13.341 1.00 12.51  ? 115 TYR B CA  1 
ATOM   956  C C   . TYR A 1 109 ? -3.588  -0.748  -13.460 1.00 11.76  ? 115 TYR B C   1 
ATOM   957  O O   . TYR A 1 109 ? -4.244  -1.250  -14.403 1.00 13.12  ? 115 TYR B O   1 
ATOM   958  C CB  . TYR A 1 109 ? -4.767  1.381   -12.827 1.00 13.10  ? 115 TYR B CB  1 
ATOM   959  C CG  . TYR A 1 109 ? -4.711  2.892   -12.636 1.00 13.40  ? 115 TYR B CG  1 
ATOM   960  C CD1 . TYR A 1 109 ? -5.163  3.775   -13.614 1.00 15.11  ? 115 TYR B CD1 1 
ATOM   961  C CD2 . TYR A 1 109 ? -4.248  3.429   -11.452 1.00 13.17  ? 115 TYR B CD2 1 
ATOM   962  C CE1 . TYR A 1 109 ? -5.094  5.155   -13.437 1.00 15.97  ? 115 TYR B CE1 1 
ATOM   963  C CE2 . TYR A 1 109 ? -4.194  4.803   -11.258 1.00 13.39  ? 115 TYR B CE2 1 
ATOM   964  C CZ  . TYR A 1 109 ? -4.629  5.658   -12.244 1.00 14.61  ? 115 TYR B CZ  1 
ATOM   965  O OH  . TYR A 1 109 ? -4.559  7.021   -12.073 1.00 15.60  ? 115 TYR B OH  1 
ATOM   966  N N   A GLU A 1 110 ? -2.946  -1.490  -12.557 0.32 11.15  ? 116 GLU B N   1 
ATOM   967  N N   B GLU A 1 110 ? -2.910  -1.481  -12.575 0.30 11.97  ? 116 GLU B N   1 
ATOM   968  C CA  A GLU A 1 110 ? -2.942  -2.972  -12.601 0.32 11.29  ? 116 GLU B CA  1 
ATOM   969  C CA  B GLU A 1 110 ? -2.877  -2.964  -12.573 0.30 12.58  ? 116 GLU B CA  1 
ATOM   970  C C   A GLU A 1 110 ? -3.029  -3.546  -11.185 0.32 10.34  ? 116 GLU B C   1 
ATOM   971  C C   B GLU A 1 110 ? -3.151  -3.475  -11.154 0.30 10.93  ? 116 GLU B C   1 
ATOM   972  O O   A GLU A 1 110 ? -2.492  -2.960  -10.250 0.32 10.50  ? 116 GLU B O   1 
ATOM   973  O O   B GLU A 1 110 ? -2.904  -2.737  -10.175 0.30 10.42  ? 116 GLU B O   1 
ATOM   974  C CB  A GLU A 1 110 ? -1.709  -3.487  -13.331 0.32 12.05  ? 116 GLU B CB  1 
ATOM   975  C CB  B GLU A 1 110 ? -1.530  -3.485  -13.067 0.30 14.59  ? 116 GLU B CB  1 
ATOM   976  C CG  A GLU A 1 110 ? -1.624  -3.006  -14.781 0.32 12.77  ? 116 GLU B CG  1 
ATOM   977  C CG  B GLU A 1 110 ? -1.106  -2.956  -14.439 0.30 17.00  ? 116 GLU B CG  1 
ATOM   978  C CD  A GLU A 1 110 ? -0.288  -3.235  -15.469 0.32 13.14  ? 116 GLU B CD  1 
ATOM   979  C CD  B GLU A 1 110 ? -1.525  -3.775  -15.650 0.30 19.41  ? 116 GLU B CD  1 
ATOM   980  O OE1 A GLU A 1 110 ? 0.758   -2.958  -14.852 0.32 14.86  ? 116 GLU B OE1 1 
ATOM   981  O OE1 B GLU A 1 110 ? -2.167  -4.818  -15.467 0.30 22.78  ? 116 GLU B OE1 1 
ATOM   982  O OE2 A GLU A 1 110 ? -0.274  -3.729  -16.615 0.32 13.75  ? 116 GLU B OE2 1 
ATOM   983  O OE2 B GLU A 1 110 ? -1.153  -3.383  -16.789 0.30 22.83  ? 116 GLU B OE2 1 
ATOM   984  N N   . ALA A 1 111 ? -3.704  -4.693  -11.062 1.00 11.09  ? 117 ALA B N   1 
ATOM   985  C CA  . ALA A 1 111 ? -3.722  -5.440  -9.792  1.00 11.41  ? 117 ALA B CA  1 
ATOM   986  C C   . ALA A 1 111 ? -2.484  -6.321  -9.785  1.00 12.01  ? 117 ALA B C   1 
ATOM   987  O O   . ALA A 1 111 ? -2.086  -6.946  -10.806 1.00 12.54  ? 117 ALA B O   1 
ATOM   988  C CB  . ALA A 1 111 ? -4.981  -6.268  -9.619  1.00 11.55  ? 117 ALA B CB  1 
ATOM   989  N N   . GLY A 1 112 ? -1.837  -6.389  -8.613  1.00 12.04  ? 118 GLY B N   1 
ATOM   990  C CA  . GLY A 1 112 ? -0.611  -7.174  -8.373  1.00 14.18  ? 118 GLY B CA  1 
ATOM   991  C C   . GLY A 1 112 ? -0.895  -8.657  -8.268  1.00 15.92  ? 118 GLY B C   1 
ATOM   992  O O   . GLY A 1 112 ? -0.672  -9.282  -7.238  1.00 19.00  ? 118 GLY B O   1 
ATOM   993  N N   . THR A 1 113 ? -1.505  -9.255  -9.265  1.00 18.49  ? 119 THR B N   1 
ATOM   994  C CA  . THR A 1 113 ? -1.563  -10.724 -9.436  1.00 17.03  ? 119 THR B CA  1 
ATOM   995  C C   . THR A 1 113 ? -0.317  -11.176 -10.212 1.00 17.34  ? 119 THR B C   1 
ATOM   996  O O   . THR A 1 113 ? 0.450   -10.346 -10.672 1.00 21.08  ? 119 THR B O   1 
ATOM   997  C CB  . THR A 1 113 ? -2.858  -11.098 -10.158 1.00 14.94  ? 119 THR B CB  1 
ATOM   998  O OG1 . THR A 1 113 ? -2.923  -10.312 -11.358 1.00 15.13  ? 119 THR B OG1 1 
ATOM   999  C CG2 . THR A 1 113 ? -4.107  -10.849 -9.365  1.00 17.05  ? 119 THR B CG2 1 
ATOM   1000 N N   . SER A 1 114 ? -0.103  -12.487 -10.345 1.00 20.74  ? 120 SER B N   1 
ATOM   1001 C CA  . SER A 1 114 ? 1.023   -13.050 -11.133 1.00 23.95  ? 120 SER B CA  1 
ATOM   1002 C C   . SER A 1 114 ? 0.467   -13.931 -12.248 1.00 25.13  ? 120 SER B C   1 
ATOM   1003 O O   . SER A 1 114 ? -0.073  -14.989 -11.966 1.00 27.23  ? 120 SER B O   1 
ATOM   1004 C CB  . SER A 1 114 ? 1.975   -13.862 -10.262 1.00 29.97  ? 120 SER B CB  1 
ATOM   1005 O OG  . SER A 1 114 ? 3.056   -14.300 -11.069 1.00 36.26  ? 120 SER B OG  1 
ATOM   1006 N N   . PRO A 1 115 ? 0.449   -13.494 -13.518 1.00 22.06  ? 121 PRO B N   1 
ATOM   1007 C CA  . PRO A 1 115 ? 0.889   -12.166 -13.956 1.00 20.51  ? 121 PRO B CA  1 
ATOM   1008 C C   . PRO A 1 115 ? -0.137  -11.085 -13.586 1.00 17.26  ? 121 PRO B C   1 
ATOM   1009 O O   . PRO A 1 115 ? -1.254  -11.387 -13.191 1.00 17.24  ? 121 PRO B O   1 
ATOM   1010 C CB  . PRO A 1 115 ? 0.960   -12.310 -15.480 1.00 24.10  ? 121 PRO B CB  1 
ATOM   1011 C CG  . PRO A 1 115 ? -0.118  -13.337 -15.796 1.00 26.11  ? 121 PRO B CG  1 
ATOM   1012 C CD  . PRO A 1 115 ? -0.134  -14.290 -14.619 1.00 26.01  ? 121 PRO B CD  1 
ATOM   1013 N N   . GLN A 1 116 ? 0.242   -9.829  -13.760 1.00 17.50  ? 122 GLN B N   1 
ATOM   1014 C CA  . GLN A 1 116 ? -0.592  -8.688  -13.323 1.00 16.19  ? 122 GLN B CA  1 
ATOM   1015 C C   . GLN A 1 116 ? -1.857  -8.603  -14.177 1.00 15.73  ? 122 GLN B C   1 
ATOM   1016 O O   . GLN A 1 116 ? -1.911  -9.093  -15.315 1.00 16.43  ? 122 GLN B O   1 
ATOM   1017 C CB  . GLN A 1 116 ? 0.185   -7.361  -13.317 1.00 17.91  ? 122 GLN B CB  1 
ATOM   1018 C CG  . GLN A 1 116 ? 0.509   -6.769  -14.674 1.00 22.47  ? 122 GLN B CG  1 
ATOM   1019 C CD  . GLN A 1 116 ? 1.837   -7.203  -15.248 1.00 28.78  ? 122 GLN B CD  1 
ATOM   1020 O OE1 . GLN A 1 116 ? 2.251   -8.356  -15.134 1.00 31.64  ? 122 GLN B OE1 1 
ATOM   1021 N NE2 . GLN A 1 116 ? 2.510   -6.272  -15.914 1.00 30.47  ? 122 GLN B NE2 1 
ATOM   1022 N N   . THR A 1 117 ? -2.872  -8.006  -13.603 1.00 13.27  ? 123 THR B N   1 
ATOM   1023 C CA  . THR A 1 117 ? -4.223  -7.882  -14.194 1.00 12.63  ? 123 THR B CA  1 
ATOM   1024 C C   . THR A 1 117 ? -4.498  -6.419  -14.533 1.00 12.31  ? 123 THR B C   1 
ATOM   1025 O O   . THR A 1 117 ? -4.458  -5.539  -13.653 1.00 13.18  ? 123 THR B O   1 
ATOM   1026 C CB  . THR A 1 117 ? -5.294  -8.452  -13.255 1.00 12.61  ? 123 THR B CB  1 
ATOM   1027 O OG1 . THR A 1 117 ? -4.997  -9.817  -12.989 1.00 13.47  ? 123 THR B OG1 1 
ATOM   1028 C CG2 . THR A 1 117 ? -6.685  -8.275  -13.827 1.00 12.86  ? 123 THR B CG2 1 
ATOM   1029 N N   . THR A 1 118 ? -4.937  -6.157  -15.759 1.00 12.37  ? 124 THR B N   1 
ATOM   1030 C CA  . THR A 1 118 ? -5.339  -4.818  -16.197 1.00 12.82  ? 124 THR B CA  1 
ATOM   1031 C C   . THR A 1 118 ? -6.563  -4.330  -15.450 1.00 13.13  ? 124 THR B C   1 
ATOM   1032 O O   . THR A 1 118 ? -7.576  -5.083  -15.367 1.00 14.57  ? 124 THR B O   1 
ATOM   1033 C CB  . THR A 1 118 ? -5.654  -4.873  -17.703 1.00 15.84  ? 124 THR B CB  1 
ATOM   1034 O OG1 . THR A 1 118 ? -4.466  -5.209  -18.392 1.00 17.31  ? 124 THR B OG1 1 
ATOM   1035 C CG2 . THR A 1 118 ? -6.259  -3.590  -18.236 1.00 18.24  ? 124 THR B CG2 1 
ATOM   1036 N N   . LEU A 1 119 ? -6.578  -3.128  -14.910 1.00 12.72  ? 125 LEU B N   1 
ATOM   1037 C CA  . LEU A 1 119 ? -7.733  -2.490  -14.267 1.00 12.94  ? 125 LEU B CA  1 
ATOM   1038 C C   . LEU A 1 119 ? -8.382  -1.562  -15.300 1.00 15.38  ? 125 LEU B C   1 
ATOM   1039 O O   . LEU A 1 119 ? -7.732  -1.212  -16.296 1.00 19.93  ? 125 LEU B O   1 
ATOM   1040 C CB  . LEU A 1 119 ? -7.347  -1.732  -13.003 1.00 12.22  ? 125 LEU B CB  1 
ATOM   1041 C CG  . LEU A 1 119 ? -6.645  -2.588  -11.947 1.00 11.90  ? 125 LEU B CG  1 
ATOM   1042 C CD1 . LEU A 1 119 ? -6.128  -1.780  -10.765 1.00 12.67  ? 125 LEU B CD1 1 
ATOM   1043 C CD2 . LEU A 1 119 ? -7.592  -3.682  -11.447 1.00 14.28  ? 125 LEU B CD2 1 
ATOM   1044 N N   . HIS A 1 120 ? -9.667  -1.324  -15.141 1.00 15.09  ? 126 HIS B N   1 
ATOM   1045 C CA  . HIS A 1 120 ? -10.504 -0.476  -16.025 1.00 16.61  ? 126 HIS B CA  1 
ATOM   1046 C C   . HIS A 1 120 ? -11.022 0.657   -15.160 1.00 19.39  ? 126 HIS B C   1 
ATOM   1047 O O   . HIS A 1 120 ? -12.025 0.445   -14.434 1.00 24.49  ? 126 HIS B O   1 
ATOM   1048 C CB  . HIS A 1 120 ? -11.613 -1.356  -16.646 1.00 19.50  ? 126 HIS B CB  1 
ATOM   1049 C CG  . HIS A 1 120 ? -11.089 -2.506  -17.454 1.00 19.77  ? 126 HIS B CG  1 
ATOM   1050 N ND1 . HIS A 1 120 ? -10.952 -3.799  -16.953 1.00 24.66  ? 126 HIS B ND1 1 
ATOM   1051 C CD2 . HIS A 1 120 ? -10.613 -2.538  -18.710 1.00 23.42  ? 126 HIS B CD2 1 
ATOM   1052 C CE1 . HIS A 1 120 ? -10.383 -4.558  -17.884 1.00 22.30  ? 126 HIS B CE1 1 
ATOM   1053 N NE2 . HIS A 1 120 ? -10.211 -3.817  -18.970 1.00 23.16  ? 126 HIS B NE2 1 
ATOM   1054 N N   . ILE A 1 121 ? -10.359 1.796   -15.163 1.00 19.06  ? 127 ILE B N   1 
ATOM   1055 C CA  . ILE A 1 121 ? -10.783 2.934   -14.299 1.00 20.06  ? 127 ILE B CA  1 
ATOM   1056 C C   . ILE A 1 121 ? -11.147 4.122   -15.210 1.00 24.45  ? 127 ILE B C   1 
ATOM   1057 O O   . ILE A 1 121 ? -10.277 4.559   -15.908 1.00 26.58  ? 127 ILE B O   1 
ATOM   1058 C CB  . ILE A 1 121 ? -9.692  3.261   -13.264 1.00 19.76  ? 127 ILE B CB  1 
ATOM   1059 C CG1 . ILE A 1 121 ? -9.229  2.026   -12.465 1.00 18.79  ? 127 ILE B CG1 1 
ATOM   1060 C CG2 . ILE A 1 121 ? -10.209 4.331   -12.322 1.00 21.81  ? 127 ILE B CG2 1 
ATOM   1061 C CD1 . ILE A 1 121 ? -8.183  2.323   -11.407 1.00 18.30  ? 127 ILE B CD1 1 
ATOM   1062 N N   . GLN A 1 122 ? -12.382 4.620   -15.153 1.00 26.22  ? 128 GLN B N   1 
ATOM   1063 C CA  . GLN A 1 122 ? -12.781 5.725   -16.084 1.00 31.10  ? 128 GLN B CA  1 
ATOM   1064 C C   . GLN A 1 122 ? -12.271 7.079   -15.553 1.00 28.50  ? 128 GLN B C   1 
ATOM   1065 O O   . GLN A 1 122 ? -11.938 7.930   -16.371 1.00 29.04  ? 128 GLN B O   1 
ATOM   1066 C CB  . GLN A 1 122 ? -14.281 5.710   -16.351 1.00 37.20  ? 128 GLN B CB  1 
ATOM   1067 C CG  . GLN A 1 122 ? -14.780 6.885   -17.204 1.00 47.34  ? 128 GLN B CG  1 
ATOM   1068 C CD  . GLN A 1 122 ? -14.044 7.165   -18.505 1.00 53.92  ? 128 GLN B CD  1 
ATOM   1069 O OE1 . GLN A 1 122 ? -13.514 6.277   -19.177 1.00 58.75  ? 128 GLN B OE1 1 
ATOM   1070 N NE2 . GLN A 1 122 ? -14.031 8.430   -18.899 1.00 57.66  ? 128 GLN B NE2 1 
ATOM   1071 N N   . VAL A 1 123 ? -12.176 7.249   -14.237 1.00 24.27  ? 129 VAL B N   1 
ATOM   1072 C CA  . VAL A 1 123 ? -11.794 8.531   -13.550 1.00 21.92  ? 129 VAL B CA  1 
ATOM   1073 C C   . VAL A 1 123 ? -10.488 8.303   -12.779 1.00 21.83  ? 129 VAL B C   1 
ATOM   1074 O O   . VAL A 1 123 ? -10.514 7.587   -11.757 1.00 20.66  ? 129 VAL B O   1 
ATOM   1075 C CB  . VAL A 1 123 ? -12.918 8.981   -12.603 1.00 23.41  ? 129 VAL B CB  1 
ATOM   1076 C CG1 . VAL A 1 123 ? -12.523 10.238  -11.818 1.00 23.67  ? 129 VAL B CG1 1 
ATOM   1077 C CG2 . VAL A 1 123 ? -14.243 9.192   -13.332 1.00 26.14  ? 129 VAL B CG2 1 
ATOM   1078 N N   . PRO A 1 124 ? -9.314  8.790   -13.241 1.00 20.80  ? 130 PRO B N   1 
ATOM   1079 C CA  . PRO A 1 124 ? -8.053  8.575   -12.531 1.00 20.71  ? 130 PRO B CA  1 
ATOM   1080 C C   . PRO A 1 124 ? -8.200  8.961   -11.067 1.00 18.86  ? 130 PRO B C   1 
ATOM   1081 O O   . PRO A 1 124 ? -8.616  10.048  -10.733 1.00 20.43  ? 130 PRO B O   1 
ATOM   1082 C CB  . PRO A 1 124 ? -7.061  9.486   -13.259 1.00 23.20  ? 130 PRO B CB  1 
ATOM   1083 C CG  . PRO A 1 124 ? -7.599  9.492   -14.672 1.00 23.27  ? 130 PRO B CG  1 
ATOM   1084 C CD  . PRO A 1 124 ? -9.101  9.509   -14.522 1.00 23.53  ? 130 PRO B CD  1 
ATOM   1085 N N   . PRO A 1 125 ? -7.906  8.059   -10.109 1.00 16.09  ? 131 PRO B N   1 
ATOM   1086 C CA  . PRO A 1 125 ? -8.126  8.369   -8.709  1.00 15.68  ? 131 PRO B CA  1 
ATOM   1087 C C   . PRO A 1 125 ? -7.097  9.328   -8.101  1.00 14.93  ? 131 PRO B C   1 
ATOM   1088 O O   . PRO A 1 125 ? -5.917  9.147   -8.342  1.00 15.97  ? 131 PRO B O   1 
ATOM   1089 C CB  . PRO A 1 125 ? -8.117  6.986   -8.030  1.00 15.68  ? 131 PRO B CB  1 
ATOM   1090 C CG  . PRO A 1 125 ? -7.435  6.087   -9.012  1.00 18.18  ? 131 PRO B CG  1 
ATOM   1091 C CD  . PRO A 1 125 ? -7.588  6.660   -10.385 1.00 16.54  ? 131 PRO B CD  1 
ATOM   1092 N N   . CYS A 1 126 ? -7.562  10.220  -7.243  1.00 16.05  ? 132 CYS B N   1 
ATOM   1093 C CA  . CYS A 1 126 ? -6.664  10.995  -6.358  1.00 17.16  ? 132 CYS B CA  1 
ATOM   1094 C C   . CYS A 1 126 ? -6.642  10.418  -4.952  1.00 15.27  ? 132 CYS B C   1 
ATOM   1095 O O   . CYS A 1 126 ? -5.737  10.693  -4.215  1.00 15.03  ? 132 CYS B O   1 
ATOM   1096 C CB  . CYS A 1 126 ? -7.049  12.467  -6.282  1.00 19.63  ? 132 CYS B CB  1 
ATOM   1097 S SG  . CYS A 1 126 ? -7.114  13.273  -7.914  1.00 28.71  ? 132 CYS B SG  1 
ATOM   1098 N N   A GLN A 1 127 ? -7.668  9.645   -4.553  0.25 15.10  ? 133 GLN B N   1 
ATOM   1099 N N   B GLN A 1 127 ? -7.609  9.545   -4.657  0.25 15.20  ? 133 GLN B N   1 
ATOM   1100 C CA  A GLN A 1 127 ? -7.685  8.923   -3.248  0.25 15.13  ? 133 GLN B CA  1 
ATOM   1101 C CA  B GLN A 1 127 ? -7.789  8.923   -3.326  0.25 15.55  ? 133 GLN B CA  1 
ATOM   1102 C C   A GLN A 1 127 ? -8.304  7.532   -3.437  0.25 14.13  ? 133 GLN B C   1 
ATOM   1103 C C   B GLN A 1 127 ? -8.256  7.482   -3.546  0.25 14.28  ? 133 GLN B C   1 
ATOM   1104 O O   A GLN A 1 127 ? -9.347  7.402   -4.124  0.25 13.24  ? 133 GLN B O   1 
ATOM   1105 O O   B GLN A 1 127 ? -9.090  7.245   -4.459  0.25 13.32  ? 133 GLN B O   1 
ATOM   1106 C CB  A GLN A 1 127 ? -8.445  9.653   -2.133  0.25 17.04  ? 133 GLN B CB  1 
ATOM   1107 C CB  B GLN A 1 127 ? -8.765  9.757   -2.496  0.25 17.91  ? 133 GLN B CB  1 
ATOM   1108 C CG  A GLN A 1 127 ? -7.846  10.979  -1.695  0.25 19.11  ? 133 GLN B CG  1 
ATOM   1109 C CG  B GLN A 1 127 ? -8.236  11.132  -2.138  0.25 20.47  ? 133 GLN B CG  1 
ATOM   1110 C CD  A GLN A 1 127 ? -8.564  12.103  -2.394  0.25 21.12  ? 133 GLN B CD  1 
ATOM   1111 C CD  B GLN A 1 127 ? -8.933  11.715  -0.935  0.25 21.44  ? 133 GLN B CD  1 
ATOM   1112 O OE1 A GLN A 1 127 ? -9.756  12.001  -2.678  0.25 22.09  ? 133 GLN B OE1 1 
ATOM   1113 O OE1 B GLN A 1 127 ? -9.983  11.245  -0.522  0.25 26.48  ? 133 GLN B OE1 1 
ATOM   1114 N NE2 A GLN A 1 127 ? -7.840  13.174  -2.698  0.25 21.18  ? 133 GLN B NE2 1 
ATOM   1115 N NE2 B GLN A 1 127 ? -8.351  12.752  -0.375  0.25 22.97  ? 133 GLN B NE2 1 
ATOM   1116 N N   . ILE A 1 128 ? -7.683  6.554   -2.770  1.00 13.10  ? 134 ILE B N   1 
ATOM   1117 C CA  . ILE A 1 128 ? -7.970  5.093   -2.894  1.00 12.95  ? 134 ILE B CA  1 
ATOM   1118 C C   . ILE A 1 128 ? -8.461  4.662   -1.511  1.00 12.54  ? 134 ILE B C   1 
ATOM   1119 O O   . ILE A 1 128 ? -7.787  4.934   -0.503  1.00 12.59  ? 134 ILE B O   1 
ATOM   1120 C CB  . ILE A 1 128 ? -6.712  4.311   -3.301  1.00 13.59  ? 134 ILE B CB  1 
ATOM   1121 C CG1 . ILE A 1 128 ? -6.100  4.764   -4.631  1.00 16.66  ? 134 ILE B CG1 1 
ATOM   1122 C CG2 . ILE A 1 128 ? -7.010  2.796   -3.267  1.00 14.29  ? 134 ILE B CG2 1 
ATOM   1123 C CD1 . ILE A 1 128 ? -6.897  4.385   -5.789  1.00 17.69  ? 134 ILE B CD1 1 
ATOM   1124 N N   . GLY A 1 129 ? -9.574  3.933   -1.458  1.00 12.59  ? 135 GLY B N   1 
ATOM   1125 C CA  . GLY A 1 129 ? -10.059 3.230   -0.256  1.00 13.10  ? 135 GLY B CA  1 
ATOM   1126 C C   . GLY A 1 129 ? -9.678  1.755   -0.296  1.00 13.01  ? 135 GLY B C   1 
ATOM   1127 O O   . GLY A 1 129 ? -9.756  1.120   -1.351  1.00 13.29  ? 135 GLY B O   1 
ATOM   1128 N N   . ILE A 1 130 ? -9.128  1.250   0.810   1.00 12.59  ? 136 ILE B N   1 
ATOM   1129 C CA  . ILE A 1 130 ? -8.685  -0.175  0.940   1.00 12.25  ? 136 ILE B CA  1 
ATOM   1130 C C   . ILE A 1 130 ? -9.522  -0.817  2.034   1.00 12.98  ? 136 ILE B C   1 
ATOM   1131 O O   . ILE A 1 130 ? -9.584  -0.292  3.160   1.00 13.32  ? 136 ILE B O   1 
ATOM   1132 C CB  . ILE A 1 130 ? -7.193  -0.270  1.272   1.00 12.93  ? 136 ILE B CB  1 
ATOM   1133 C CG1 . ILE A 1 130 ? -6.392  0.438   0.186   1.00 14.86  ? 136 ILE B CG1 1 
ATOM   1134 C CG2 . ILE A 1 130 ? -6.743  -1.707  1.416   1.00 13.22  ? 136 ILE B CG2 1 
ATOM   1135 C CD1 . ILE A 1 130 ? -4.976  0.522   0.478   1.00 21.80  ? 136 ILE B CD1 1 
ATOM   1136 N N   . PHE A 1 131 ? -10.188 -1.895  1.690   1.00 12.38  ? 137 PHE B N   1 
ATOM   1137 C CA  . PHE A 1 131 ? -11.092 -2.624  2.606   1.00 12.43  ? 137 PHE B CA  1 
ATOM   1138 C C   . PHE A 1 131 ? -10.581 -4.061  2.721   1.00 12.11  ? 137 PHE B C   1 
ATOM   1139 O O   . PHE A 1 131 ? -10.328 -4.731  1.708   1.00 13.41  ? 137 PHE B O   1 
ATOM   1140 C CB  . PHE A 1 131 ? -12.515 -2.645  2.064   1.00 13.00  ? 137 PHE B CB  1 
ATOM   1141 C CG  . PHE A 1 131 ? -13.469 -3.499  2.874   1.00 14.70  ? 137 PHE B CG  1 
ATOM   1142 C CD1 . PHE A 1 131 ? -13.830 -3.132  4.150   1.00 16.78  ? 137 PHE B CD1 1 
ATOM   1143 C CD2 . PHE A 1 131 ? -13.980 -4.684  2.380   1.00 15.82  ? 137 PHE B CD2 1 
ATOM   1144 C CE1 . PHE A 1 131 ? -14.753 -3.877  4.874   1.00 18.06  ? 137 PHE B CE1 1 
ATOM   1145 C CE2 . PHE A 1 131 ? -14.873 -5.466  3.118   1.00 17.98  ? 137 PHE B CE2 1 
ATOM   1146 C CZ  . PHE A 1 131 ? -15.241 -5.049  4.366   1.00 17.85  ? 137 PHE B CZ  1 
ATOM   1147 N N   . VAL A 1 132 ? -10.394 -4.514  3.969   1.00 12.66  ? 138 VAL B N   1 
ATOM   1148 C CA  . VAL A 1 132 ? -9.988  -5.905  4.280   1.00 12.70  ? 138 VAL B CA  1 
ATOM   1149 C C   . VAL A 1 132 ? -11.057 -6.566  5.149   1.00 12.41  ? 138 VAL B C   1 
ATOM   1150 O O   . VAL A 1 132 ? -11.404 -6.006  6.190   1.00 14.15  ? 138 VAL B O   1 
ATOM   1151 C CB  . VAL A 1 132 ? -8.625  -5.969  4.984   1.00 12.75  ? 138 VAL B CB  1 
ATOM   1152 C CG1 . VAL A 1 132 ? -8.258  -7.427  5.253   1.00 14.51  ? 138 VAL B CG1 1 
ATOM   1153 C CG2 . VAL A 1 132 ? -7.553  -5.276  4.147   1.00 13.87  ? 138 VAL B CG2 1 
ATOM   1154 N N   . ASP A 1 133 ? -11.547 -7.697  4.694   1.00 12.56  ? 139 ASP B N   1 
ATOM   1155 C CA  . ASP A 1 133 ? -12.432 -8.560  5.532   1.00 14.01  ? 139 ASP B CA  1 
ATOM   1156 C C   . ASP A 1 133 ? -11.654 -9.847  5.824   1.00 11.89  ? 139 ASP B C   1 
ATOM   1157 O O   . ASP A 1 133 ? -11.496 -10.664 4.914   1.00 12.67  ? 139 ASP B O   1 
ATOM   1158 C CB  . ASP A 1 133 ? -13.774 -8.808  4.877   1.00 14.48  ? 139 ASP B CB  1 
ATOM   1159 C CG  . ASP A 1 133 ? -14.742 -9.618  5.733   1.00 18.31  ? 139 ASP B CG  1 
ATOM   1160 O OD1 . ASP A 1 133 ? -14.263 -10.400 6.604   1.00 17.73  ? 139 ASP B OD1 1 
ATOM   1161 O OD2 . ASP A 1 133 ? -15.959 -9.479  5.452   1.00 22.25  ? 139 ASP B OD2 1 
ATOM   1162 N N   . TYR A 1 134 ? -11.079 -9.902  7.023   1.00 13.30  ? 140 TYR B N   1 
ATOM   1163 C CA  . TYR A 1 134 ? -10.152 -11.009 7.347   1.00 13.32  ? 140 TYR B CA  1 
ATOM   1164 C C   . TYR A 1 134 ? -10.849 -12.371 7.248   1.00 14.23  ? 140 TYR B C   1 
ATOM   1165 O O   . TYR A 1 134 ? -10.407 -13.258 6.597   1.00 15.03  ? 140 TYR B O   1 
ATOM   1166 C CB  . TYR A 1 134 ? -9.509  -10.843 8.734   1.00 13.92  ? 140 TYR B CB  1 
ATOM   1167 C CG  . TYR A 1 134 ? -8.276  -11.713 8.849   1.00 13.82  ? 140 TYR B CG  1 
ATOM   1168 C CD1 . TYR A 1 134 ? -8.348  -13.086 9.016   1.00 14.43  ? 140 TYR B CD1 1 
ATOM   1169 C CD2 . TYR A 1 134 ? -6.993  -11.175 8.690   1.00 13.68  ? 140 TYR B CD2 1 
ATOM   1170 C CE1 . TYR A 1 134 ? -7.226  -13.876 9.049   1.00 13.21  ? 140 TYR B CE1 1 
ATOM   1171 C CE2 . TYR A 1 134 ? -5.861  -11.969 8.737   1.00 13.45  ? 140 TYR B CE2 1 
ATOM   1172 C CZ  . TYR A 1 134 ? -5.956  -13.338 8.915   1.00 12.58  ? 140 TYR B CZ  1 
ATOM   1173 O OH  . TYR A 1 134 ? -4.851  -14.141 8.909   1.00 13.61  ? 140 TYR B OH  1 
ATOM   1174 N N   . GLU A 1 135 ? -12.006 -12.465 7.879   1.00 16.31  ? 141 GLU B N   1 
ATOM   1175 C CA  . GLU A 1 135 ? -12.733 -13.761 7.940   1.00 16.93  ? 141 GLU B CA  1 
ATOM   1176 C C   . GLU A 1 135 ? -13.189 -14.178 6.549   1.00 16.84  ? 141 GLU B C   1 
ATOM   1177 O O   . GLU A 1 135 ? -13.061 -15.360 6.230   1.00 19.32  ? 141 GLU B O   1 
ATOM   1178 C CB  . GLU A 1 135 ? -13.894 -13.672 8.921   1.00 18.92  ? 141 GLU B CB  1 
ATOM   1179 C CG  . GLU A 1 135 ? -13.378 -13.906 10.361  1.00 23.22  ? 141 GLU B CG  1 
ATOM   1180 C CD  . GLU A 1 135 ? -12.566 -12.774 10.924  1.00 27.71  ? 141 GLU B CD  1 
ATOM   1181 O OE1 . GLU A 1 135 ? -11.737 -13.011 11.758  1.00 25.56  ? 141 GLU B OE1 1 
ATOM   1182 O OE2 . GLU A 1 135 ? -12.851 -11.604 10.548  1.00 28.03  ? 141 GLU B OE2 1 
ATOM   1183 N N   . ALA A 1 136 ? -13.668 -13.244 5.722   1.00 15.51  ? 142 ALA B N   1 
ATOM   1184 C CA  . ALA A 1 136 ? -14.143 -13.545 4.370   1.00 16.23  ? 142 ALA B CA  1 
ATOM   1185 C C   . ALA A 1 136 ? -12.979 -13.837 3.395   1.00 15.69  ? 142 ALA B C   1 
ATOM   1186 O O   . ALA A 1 136 ? -13.227 -14.430 2.320   1.00 18.27  ? 142 ALA B O   1 
ATOM   1187 C CB  . ALA A 1 136 ? -14.980 -12.399 3.837   1.00 18.53  ? 142 ALA B CB  1 
ATOM   1188 N N   . GLY A 1 137 ? -11.741 -13.436 3.704   1.00 14.97  ? 143 GLY B N   1 
ATOM   1189 C CA  . GLY A 1 137 ? -10.633 -13.617 2.769   1.00 13.68  ? 143 GLY B CA  1 
ATOM   1190 C C   . GLY A 1 137 ? -10.725 -12.609 1.605   1.00 13.10  ? 143 GLY B C   1 
ATOM   1191 O O   . GLY A 1 137 ? -10.506 -13.050 0.495   1.00 14.42  ? 143 GLY B O   1 
ATOM   1192 N N   . VAL A 1 138 ? -11.068 -11.358 1.892   1.00 13.10  ? 144 VAL B N   1 
ATOM   1193 C CA  . VAL A 1 138 ? -11.323 -10.325 0.844   1.00 12.67  ? 144 VAL B CA  1 
ATOM   1194 C C   . VAL A 1 138 ? -10.424 -9.121  1.057   1.00 12.41  ? 144 VAL B C   1 
ATOM   1195 O O   . VAL A 1 138 ? -10.358 -8.608  2.180   1.00 12.53  ? 144 VAL B O   1 
ATOM   1196 C CB  . VAL A 1 138 ? -12.808 -9.931  0.840   1.00 13.99  ? 144 VAL B CB  1 
ATOM   1197 C CG1 . VAL A 1 138 ? -13.052 -8.675  -0.010  1.00 14.85  ? 144 VAL B CG1 1 
ATOM   1198 C CG2 . VAL A 1 138 ? -13.635 -11.116 0.321   1.00 15.15  ? 144 VAL B CG2 1 
ATOM   1199 N N   . VAL A 1 139 ? -9.866  -8.605  -0.049  1.00 11.63  ? 145 VAL B N   1 
ATOM   1200 C CA  . VAL A 1 139 ? -9.230  -7.245  -0.084  1.00 11.46  ? 145 VAL B CA  1 
ATOM   1201 C C   . VAL A 1 139 ? -9.823  -6.514  -1.296  1.00 10.68  ? 145 VAL B C   1 
ATOM   1202 O O   . VAL A 1 139 ? -9.670  -7.020  -2.406  1.00 11.67  ? 145 VAL B O   1 
ATOM   1203 C CB  . VAL A 1 139 ? -7.714  -7.346  -0.213  1.00 11.09  ? 145 VAL B CB  1 
ATOM   1204 C CG1 . VAL A 1 139 ? -7.103  -5.955  -0.137  1.00 11.54  ? 145 VAL B CG1 1 
ATOM   1205 C CG2 . VAL A 1 139 ? -7.098  -8.256  0.833   1.00 11.70  ? 145 VAL B CG2 1 
ATOM   1206 N N   . SER A 1 140 ? -10.451 -5.381  -1.037  1.00 11.00  ? 146 SER B N   1 
ATOM   1207 C CA  . SER A 1 140 ? -11.100 -4.594  -2.098  1.00 11.11  ? 146 SER B CA  1 
ATOM   1208 C C   . SER A 1 140 ? -10.526 -3.172  -2.121  1.00 11.21  ? 146 SER B C   1 
ATOM   1209 O O   . SER A 1 140 ? -10.216 -2.599  -1.095  1.00 11.92  ? 146 SER B O   1 
ATOM   1210 C CB  . SER A 1 140 ? -12.608 -4.580  -1.967  1.00 11.76  ? 146 SER B CB  1 
ATOM   1211 O OG  . SER A 1 140 ? -13.153 -5.886  -2.167  1.00 13.18  ? 146 SER B OG  1 
ATOM   1212 N N   . PHE A 1 141 ? -10.580 -2.573  -3.298  1.00 10.16  ? 147 PHE B N   1 
ATOM   1213 C CA  . PHE A 1 141 ? -10.052 -1.238  -3.580  1.00 10.16  ? 147 PHE B CA  1 
ATOM   1214 C C   . PHE A 1 141 ? -11.169 -0.413  -4.204  1.00 10.53  ? 147 PHE B C   1 
ATOM   1215 O O   . PHE A 1 141 ? -11.818 -0.873  -5.163  1.00 11.35  ? 147 PHE B O   1 
ATOM   1216 C CB  . PHE A 1 141 ? -8.839  -1.348  -4.529  1.00 10.50  ? 147 PHE B CB  1 
ATOM   1217 C CG  . PHE A 1 141 ? -7.670  -2.068  -3.909  1.00 10.26  ? 147 PHE B CG  1 
ATOM   1218 C CD1 . PHE A 1 141 ? -7.621  -3.467  -3.936  1.00 10.36  ? 147 PHE B CD1 1 
ATOM   1219 C CD2 . PHE A 1 141 ? -6.627  -1.380  -3.299  1.00 10.99  ? 147 PHE B CD2 1 
ATOM   1220 C CE1 . PHE A 1 141 ? -6.568  -4.139  -3.329  1.00 11.37  ? 147 PHE B CE1 1 
ATOM   1221 C CE2 . PHE A 1 141 ? -5.584  -2.086  -2.711  1.00 10.15  ? 147 PHE B CE2 1 
ATOM   1222 C CZ  . PHE A 1 141 ? -5.537  -3.464  -2.746  1.00 10.92  ? 147 PHE B CZ  1 
ATOM   1223 N N   . TYR A 1 142 ? -11.285 0.830   -3.757  1.00 11.43  ? 148 TYR B N   1 
ATOM   1224 C CA  . TYR A 1 142 ? -12.386 1.754   -4.135  1.00 12.40  ? 148 TYR B CA  1 
ATOM   1225 C C   . TYR A 1 142 ? -11.798 3.087   -4.592  1.00 13.42  ? 148 TYR B C   1 
ATOM   1226 O O   . TYR A 1 142 ? -10.831 3.627   -4.057  1.00 13.65  ? 148 TYR B O   1 
ATOM   1227 C CB  . TYR A 1 142 ? -13.372 1.930   -2.981  1.00 13.51  ? 148 TYR B CB  1 
ATOM   1228 C CG  . TYR A 1 142 ? -14.045 0.638   -2.599  1.00 13.16  ? 148 TYR B CG  1 
ATOM   1229 C CD1 . TYR A 1 142 ? -15.146 0.172   -3.289  1.00 13.92  ? 148 TYR B CD1 1 
ATOM   1230 C CD2 . TYR A 1 142 ? -13.545 -0.178  -1.608  1.00 14.83  ? 148 TYR B CD2 1 
ATOM   1231 C CE1 . TYR A 1 142 ? -15.748 -1.035  -3.004  1.00 15.07  ? 148 TYR B CE1 1 
ATOM   1232 C CE2 . TYR A 1 142 ? -14.138 -1.386  -1.295  1.00 15.22  ? 148 TYR B CE2 1 
ATOM   1233 C CZ  . TYR A 1 142 ? -15.260 -1.807  -1.981  1.00 14.79  ? 148 TYR B CZ  1 
ATOM   1234 O OH  . TYR A 1 142 ? -15.853 -3.026  -1.735  1.00 18.05  ? 148 TYR B OH  1 
ATOM   1235 N N   . ASN A 1 143 ? -12.459 3.668   -5.583  1.00 13.83  ? 149 ASN B N   1 
ATOM   1236 C CA  . ASN A 1 143 ? -12.044 4.957   -6.194  1.00 13.68  ? 149 ASN B CA  1 
ATOM   1237 C C   . ASN A 1 143 ? -12.813 6.085   -5.498  1.00 13.48  ? 149 ASN B C   1 
ATOM   1238 O O   . ASN A 1 143 ? -14.009 6.347   -5.851  1.00 15.92  ? 149 ASN B O   1 
ATOM   1239 C CB  . ASN A 1 143 ? -12.324 4.928   -7.692  1.00 13.23  ? 149 ASN B CB  1 
ATOM   1240 C CG  . ASN A 1 143 ? -11.878 6.164   -8.440  1.00 14.09  ? 149 ASN B CG  1 
ATOM   1241 O OD1 . ASN A 1 143 ? -11.617 7.198   -7.781  1.00 15.01  ? 149 ASN B OD1 1 
ATOM   1242 N ND2 . ASN A 1 143 ? -11.732 6.027   -9.735  1.00 16.41  ? 149 ASN B ND2 1 
ATOM   1243 N N   . ILE A 1 144 ? -12.208 6.774   -4.548  1.00 14.61  ? 150 ILE B N   1 
ATOM   1244 C CA  . ILE A 1 144 ? -12.926 7.757   -3.696  1.00 15.87  ? 150 ILE B CA  1 
ATOM   1245 C C   . ILE A 1 144 ? -13.291 8.959   -4.596  1.00 17.30  ? 150 ILE B C   1 
ATOM   1246 O O   . ILE A 1 144 ? -14.328 9.591   -4.348  1.00 19.45  ? 150 ILE B O   1 
ATOM   1247 C CB  . ILE A 1 144 ? -12.104 8.155   -2.458  1.00 17.30  ? 150 ILE B CB  1 
ATOM   1248 C CG1 . ILE A 1 144 ? -11.701 6.921   -1.632  1.00 17.71  ? 150 ILE B CG1 1 
ATOM   1249 C CG2 . ILE A 1 144 ? -12.837 9.198   -1.623  1.00 19.10  ? 150 ILE B CG2 1 
ATOM   1250 C CD1 . ILE A 1 144 ? -12.845 5.975   -1.373  1.00 20.49  ? 150 ILE B CD1 1 
ATOM   1251 N N   . THR A 1 145 ? -12.467 9.280   -5.577  1.00 16.24  ? 151 THR B N   1 
ATOM   1252 C CA  . THR A 1 145 ? -12.658 10.428  -6.525  1.00 17.72  ? 151 THR B CA  1 
ATOM   1253 C C   . THR A 1 145 ? -13.929 10.173  -7.341  1.00 20.97  ? 151 THR B C   1 
ATOM   1254 O O   . THR A 1 145 ? -14.648 11.153  -7.638  1.00 25.13  ? 151 THR B O   1 
ATOM   1255 C CB  . THR A 1 145 ? -11.410 10.555  -7.414  1.00 18.07  ? 151 THR B CB  1 
ATOM   1256 O OG1 . THR A 1 145 ? -10.243 10.635  -6.594  1.00 18.07  ? 151 THR B OG1 1 
ATOM   1257 C CG2 . THR A 1 145 ? -11.492 11.742  -8.361  1.00 19.78  ? 151 THR B CG2 1 
ATOM   1258 N N   . ASP A 1 146 ? -14.281 8.918   -7.607  1.00 19.62  ? 152 ASP B N   1 
ATOM   1259 C CA  . ASP A 1 146 ? -15.456 8.533   -8.433  1.00 21.34  ? 152 ASP B CA  1 
ATOM   1260 C C   . ASP A 1 146 ? -16.547 7.918   -7.548  1.00 20.50  ? 152 ASP B C   1 
ATOM   1261 O O   . ASP A 1 146 ? -16.974 6.798   -7.841  1.00 20.68  ? 152 ASP B O   1 
ATOM   1262 C CB  . ASP A 1 146 ? -15.004 7.640   -9.567  1.00 20.69  ? 152 ASP B CB  1 
ATOM   1263 C CG  . ASP A 1 146 ? -16.136 7.277   -10.497 1.00 26.03  ? 152 ASP B CG  1 
ATOM   1264 O OD1 . ASP A 1 146 ? -16.960 8.189   -10.787 1.00 25.21  ? 152 ASP B OD1 1 
ATOM   1265 O OD2 . ASP A 1 146 ? -16.243 6.083   -10.850 1.00 24.98  ? 152 ASP B OD2 1 
ATOM   1266 N N   . HIS A 1 147 ? -16.947 8.592   -6.479  1.00 23.85  ? 153 HIS B N   1 
ATOM   1267 C CA  . HIS A 1 147 ? -18.130 8.195   -5.667  1.00 26.55  ? 153 HIS B CA  1 
ATOM   1268 C C   . HIS A 1 147 ? -17.901 6.824   -5.022  1.00 23.76  ? 153 HIS B C   1 
ATOM   1269 O O   . HIS A 1 147 ? -18.878 6.152   -4.664  1.00 24.86  ? 153 HIS B O   1 
ATOM   1270 C CB  . HIS A 1 147 ? -19.407 8.151   -6.525  1.00 32.20  ? 153 HIS B CB  1 
ATOM   1271 C CG  . HIS A 1 147 ? -19.696 9.377   -7.343  1.00 39.16  ? 153 HIS B CG  1 
ATOM   1272 N ND1 . HIS A 1 147 ? -20.183 10.549  -6.781  1.00 42.89  ? 153 HIS B ND1 1 
ATOM   1273 C CD2 . HIS A 1 147 ? -19.614 9.605   -8.675  1.00 41.97  ? 153 HIS B CD2 1 
ATOM   1274 C CE1 . HIS A 1 147 ? -20.364 11.452  -7.724  1.00 44.25  ? 153 HIS B CE1 1 
ATOM   1275 N NE2 . HIS A 1 147 ? -20.015 10.902  -8.899  1.00 47.28  ? 153 HIS B NE2 1 
ATOM   1276 N N   . GLY A 1 148 ? -16.645 6.416   -4.804  1.00 20.44  ? 154 GLY B N   1 
ATOM   1277 C CA  . GLY A 1 148 ? -16.391 5.118   -4.146  1.00 17.90  ? 154 GLY B CA  1 
ATOM   1278 C C   . GLY A 1 148 ? -16.575 3.913   -5.048  1.00 17.71  ? 154 GLY B C   1 
ATOM   1279 O O   . GLY A 1 148 ? -16.785 2.831   -4.504  1.00 17.20  ? 154 GLY B O   1 
ATOM   1280 N N   . SER A 1 149 ? -16.471 4.063   -6.352  1.00 15.59  ? 155 SER B N   1 
ATOM   1281 C CA  . SER A 1 149 ? -16.690 2.952   -7.304  1.00 15.37  ? 155 SER B CA  1 
ATOM   1282 C C   . SER A 1 149 ? -15.641 1.842   -7.092  1.00 15.31  ? 155 SER B C   1 
ATOM   1283 O O   . SER A 1 149 ? -14.448 2.119   -6.786  1.00 14.29  ? 155 SER B O   1 
ATOM   1284 C CB  . SER A 1 149 ? -16.712 3.448   -8.735  1.00 16.23  ? 155 SER B CB  1 
ATOM   1285 O OG  . SER A 1 149 ? -15.503 4.069   -9.114  1.00 17.03  ? 155 SER B OG  1 
ATOM   1286 N N   . LEU A 1 150 ? -16.021 0.603   -7.267  1.00 13.36  ? 156 LEU B N   1 
ATOM   1287 C CA  . LEU A 1 150 ? -15.082 -0.546  -7.138  1.00 12.56  ? 156 LEU B CA  1 
ATOM   1288 C C   . LEU A 1 150 ? -13.999 -0.487  -8.211  1.00 12.19  ? 156 LEU B C   1 
ATOM   1289 O O   . LEU A 1 150 ? -14.292 -0.317  -9.422  1.00 13.34  ? 156 LEU B O   1 
ATOM   1290 C CB  . LEU A 1 150 ? -15.847 -1.865  -7.270  1.00 12.70  ? 156 LEU B CB  1 
ATOM   1291 C CG  . LEU A 1 150 ? -15.022 -3.136  -7.086  1.00 13.07  ? 156 LEU B CG  1 
ATOM   1292 C CD1 . LEU A 1 150 ? -14.464 -3.287  -5.709  1.00 13.65  ? 156 LEU B CD1 1 
ATOM   1293 C CD2 . LEU A 1 150 ? -15.912 -4.346  -7.452  1.00 13.91  ? 156 LEU B CD2 1 
ATOM   1294 N N   . ILE A 1 151 ? -12.751 -0.713  -7.800  1.00 11.46  ? 157 ILE B N   1 
ATOM   1295 C CA  . ILE A 1 151 ? -11.590 -0.887  -8.676  1.00 11.42  ? 157 ILE B CA  1 
ATOM   1296 C C   . ILE A 1 151 ? -11.267 -2.370  -8.831  1.00 11.30  ? 157 ILE B C   1 
ATOM   1297 O O   . ILE A 1 151 ? -11.044 -2.842  -9.935  1.00 11.92  ? 157 ILE B O   1 
ATOM   1298 C CB  . ILE A 1 151 ? -10.378 -0.082  -8.148  1.00 11.98  ? 157 ILE B CB  1 
ATOM   1299 C CG1 . ILE A 1 151 ? -10.664 1.423   -8.139  1.00 12.66  ? 157 ILE B CG1 1 
ATOM   1300 C CG2 . ILE A 1 151 ? -9.151  -0.415  -8.972  1.00 12.77  ? 157 ILE B CG2 1 
ATOM   1301 C CD1 . ILE A 1 151 ? -9.592  2.235   -7.381  1.00 13.09  ? 157 ILE B CD1 1 
ATOM   1302 N N   . TYR A 1 152 ? -11.114 -3.103  -7.720  1.00 10.87  ? 158 TYR B N   1 
ATOM   1303 C CA  . TYR A 1 152 ? -10.659 -4.497  -7.775  1.00 10.33  ? 158 TYR B CA  1 
ATOM   1304 C C   . TYR A 1 152 ? -10.973 -5.196  -6.448  1.00 10.27  ? 158 TYR B C   1 
ATOM   1305 O O   . TYR A 1 152 ? -10.890 -4.561  -5.384  1.00 11.12  ? 158 TYR B O   1 
ATOM   1306 C CB  . TYR A 1 152 ? -9.122  -4.565  -7.977  1.00 10.76  ? 158 TYR B CB  1 
ATOM   1307 C CG  . TYR A 1 152 ? -8.628  -5.943  -8.338  1.00 10.53  ? 158 TYR B CG  1 
ATOM   1308 C CD1 . TYR A 1 152 ? -8.691  -6.410  -9.640  1.00 11.70  ? 158 TYR B CD1 1 
ATOM   1309 C CD2 . TYR A 1 152 ? -8.088  -6.804  -7.367  1.00 11.17  ? 158 TYR B CD2 1 
ATOM   1310 C CE1 . TYR A 1 152 ? -8.247  -7.683  -9.959  1.00 12.46  ? 158 TYR B CE1 1 
ATOM   1311 C CE2 . TYR A 1 152 ? -7.691  -8.080  -7.675  1.00 11.82  ? 158 TYR B CE2 1 
ATOM   1312 C CZ  . TYR A 1 152 ? -7.748  -8.519  -8.973  1.00 11.96  ? 158 TYR B CZ  1 
ATOM   1313 O OH  . TYR A 1 152 ? -7.392  -9.808  -9.279  1.00 15.04  ? 158 TYR B OH  1 
ATOM   1314 N N   . THR A 1 153 ? -11.281 -6.492  -6.539  1.00 11.45  ? 159 THR B N   1 
ATOM   1315 C CA  . THR A 1 153 ? -11.482 -7.373  -5.360  1.00 11.52  ? 159 THR B CA  1 
ATOM   1316 C C   . THR A 1 153 ? -10.638 -8.629  -5.520  1.00 11.56  ? 159 THR B C   1 
ATOM   1317 O O   . THR A 1 153 ? -10.786 -9.378  -6.478  1.00 12.24  ? 159 THR B O   1 
ATOM   1318 C CB  . THR A 1 153 ? -12.955 -7.756  -5.198  1.00 12.43  ? 159 THR B CB  1 
ATOM   1319 O OG1 . THR A 1 153 ? -13.669 -6.589  -4.825  1.00 12.79  ? 159 THR B OG1 1 
ATOM   1320 C CG2 . THR A 1 153 ? -13.173 -8.813  -4.137  1.00 14.70  ? 159 THR B CG2 1 
ATOM   1321 N N   . PHE A 1 154 ? -9.735  -8.837  -4.560  1.00 11.28  ? 160 PHE B N   1 
ATOM   1322 C CA  . PHE A 1 154 ? -9.075  -10.142 -4.330  1.00 11.65  ? 160 PHE B CA  1 
ATOM   1323 C C   . PHE A 1 154 ? -9.976  -10.952 -3.385  1.00 12.52  ? 160 PHE B C   1 
ATOM   1324 O O   . PHE A 1 154 ? -10.359 -10.467 -2.357  1.00 12.43  ? 160 PHE B O   1 
ATOM   1325 C CB  . PHE A 1 154 ? -7.730  -10.005 -3.620  1.00 11.85  ? 160 PHE B CB  1 
ATOM   1326 C CG  . PHE A 1 154 ? -6.612  -9.324  -4.376  1.00 10.22  ? 160 PHE B CG  1 
ATOM   1327 C CD1 . PHE A 1 154 ? -6.441  -7.944  -4.321  1.00 9.90   ? 160 PHE B CD1 1 
ATOM   1328 C CD2 . PHE A 1 154 ? -5.719  -10.084 -5.107  1.00 10.56  ? 160 PHE B CD2 1 
ATOM   1329 C CE1 . PHE A 1 154 ? -5.371  -7.368  -4.996  1.00 10.66  ? 160 PHE B CE1 1 
ATOM   1330 C CE2 . PHE A 1 154 ? -4.659  -9.496  -5.798  1.00 10.84  ? 160 PHE B CE2 1 
ATOM   1331 C CZ  . PHE A 1 154 ? -4.490  -8.133  -5.713  1.00 10.06  ? 160 PHE B CZ  1 
ATOM   1332 N N   . SER A 1 155 ? -10.319 -12.170 -3.830  1.00 14.02  ? 161 SER B N   1 
ATOM   1333 C CA  . SER A 1 155 ? -11.110 -13.073 -2.973  1.00 16.14  ? 161 SER B CA  1 
ATOM   1334 C C   . SER A 1 155 ? -10.363 -14.396 -2.786  1.00 18.24  ? 161 SER B C   1 
ATOM   1335 O O   . SER A 1 155 ? -9.312  -14.660 -3.433  1.00 19.17  ? 161 SER B O   1 
ATOM   1336 C CB  . SER A 1 155 ? -12.505 -13.192 -3.540  1.00 17.46  ? 161 SER B CB  1 
ATOM   1337 O OG  . SER A 1 155 ? -12.501 -13.915 -4.749  1.00 22.26  ? 161 SER B OG  1 
ATOM   1338 N N   . GLU A 1 156 ? -10.879 -15.211 -1.860  1.00 21.17  ? 162 GLU B N   1 
ATOM   1339 C CA  . GLU A 1 156 ? -10.219 -16.498 -1.486  1.00 22.53  ? 162 GLU B CA  1 
ATOM   1340 C C   . GLU A 1 156 ? -8.769  -16.226 -1.051  1.00 21.16  ? 162 GLU B C   1 
ATOM   1341 O O   . GLU A 1 156 ? -7.863  -17.053 -1.298  1.00 22.67  ? 162 GLU B O   1 
ATOM   1342 C CB  . GLU A 1 156 ? -10.273 -17.498 -2.645  1.00 27.16  ? 162 GLU B CB  1 
ATOM   1343 C CG  . GLU A 1 156 ? -11.585 -17.477 -3.406  1.00 36.27  ? 162 GLU B CG  1 
ATOM   1344 C CD  . GLU A 1 156 ? -11.999 -18.783 -4.067  1.00 44.90  ? 162 GLU B CD  1 
ATOM   1345 O OE1 . GLU A 1 156 ? -11.113 -19.591 -4.425  1.00 48.96  ? 162 GLU B OE1 1 
ATOM   1346 O OE2 . GLU A 1 156 ? -13.226 -18.980 -4.225  1.00 56.11  ? 162 GLU B OE2 1 
ATOM   1347 N N   . CYS A 1 157 ? -8.500  -15.101 -0.393  1.00 17.10  ? 163 CYS B N   1 
ATOM   1348 C CA  . CYS A 1 157 ? -7.118  -14.744 -0.020  1.00 16.65  ? 163 CYS B CA  1 
ATOM   1349 C C   . CYS A 1 157 ? -6.517  -15.697 1.042   1.00 18.84  ? 163 CYS B C   1 
ATOM   1350 O O   . CYS A 1 157 ? -7.186  -15.884 2.107   1.00 22.59  ? 163 CYS B O   1 
ATOM   1351 C CB  . CYS A 1 157 ? -7.036  -13.318 0.524   1.00 14.31  ? 163 CYS B CB  1 
ATOM   1352 S SG  . CYS A 1 157 ? -7.491  -12.046 -0.702  1.00 14.52  ? 163 CYS B SG  1 
ATOM   1353 N N   . VAL A 1 158 ? -5.236  -16.038 0.920   1.00 17.52  ? 164 VAL B N   1 
ATOM   1354 C CA  . VAL A 1 158 ? -4.508  -16.879 1.918   1.00 18.51  ? 164 VAL B CA  1 
ATOM   1355 C C   . VAL A 1 158 ? -3.640  -15.972 2.727   1.00 16.83  ? 164 VAL B C   1 
ATOM   1356 O O   . VAL A 1 158 ? -2.383  -15.847 2.555   1.00 18.04  ? 164 VAL B O   1 
ATOM   1357 C CB  . VAL A 1 158 ? -3.680  -17.984 1.242   1.00 20.50  ? 164 VAL B CB  1 
ATOM   1358 C CG1 . VAL A 1 158 ? -2.915  -18.841 2.267   1.00 21.66  ? 164 VAL B CG1 1 
ATOM   1359 C CG2 . VAL A 1 158 ? -4.616  -18.855 0.449   1.00 21.42  ? 164 VAL B CG2 1 
ATOM   1360 N N   . PHE A 1 159 ? -4.279  -15.312 3.663   1.00 14.52  ? 165 PHE B N   1 
ATOM   1361 C CA  . PHE A 1 159 ? -3.546  -14.342 4.477   1.00 14.19  ? 165 PHE B CA  1 
ATOM   1362 C C   . PHE A 1 159 ? -2.418  -15.035 5.246   1.00 17.74  ? 165 PHE B C   1 
ATOM   1363 O O   . PHE A 1 159 ? -1.331  -14.457 5.473   1.00 19.01  ? 165 PHE B O   1 
ATOM   1364 C CB  . PHE A 1 159 ? -4.498  -13.566 5.352   1.00 13.32  ? 165 PHE B CB  1 
ATOM   1365 C CG  . PHE A 1 159 ? -5.500  -12.715 4.599   1.00 12.32  ? 165 PHE B CG  1 
ATOM   1366 C CD1 . PHE A 1 159 ? -5.103  -11.945 3.499   1.00 13.36  ? 165 PHE B CD1 1 
ATOM   1367 C CD2 . PHE A 1 159 ? -6.813  -12.628 5.035   1.00 14.02  ? 165 PHE B CD2 1 
ATOM   1368 C CE1 . PHE A 1 159 ? -6.028  -11.135 2.839   1.00 12.80  ? 165 PHE B CE1 1 
ATOM   1369 C CE2 . PHE A 1 159 ? -7.738  -11.826 4.380   1.00 13.76  ? 165 PHE B CE2 1 
ATOM   1370 C CZ  . PHE A 1 159 ? -7.332  -11.053 3.303   1.00 13.65  ? 165 PHE B CZ  1 
ATOM   1371 N N   . ALA A 1 160 ? -2.726  -16.213 5.789   1.00 14.19  ? 166 ALA B N   1 
ATOM   1372 C CA  . ALA A 1 160 ? -1.720  -17.094 6.422   1.00 14.79  ? 166 ALA B CA  1 
ATOM   1373 C C   . ALA A 1 160 ? -0.998  -16.403 7.562   1.00 14.34  ? 166 ALA B C   1 
ATOM   1374 O O   . ALA A 1 160 ? 0.189   -16.863 7.887   1.00 16.34  ? 166 ALA B O   1 
ATOM   1375 C CB  . ALA A 1 160 ? -0.810  -17.666 5.390   1.00 15.06  ? 166 ALA B CB  1 
ATOM   1376 N N   . GLY A 1 161 ? -1.628  -15.491 8.290   1.00 15.61  ? 167 GLY B N   1 
ATOM   1377 C CA  . GLY A 1 161 ? -1.028  -14.818 9.449   1.00 16.79  ? 167 GLY B CA  1 
ATOM   1378 C C   . GLY A 1 161 ? -1.480  -13.384 9.506   1.00 13.93  ? 167 GLY B C   1 
ATOM   1379 O O   . GLY A 1 161 ? -2.430  -12.976 8.778   1.00 14.42  ? 167 GLY B O   1 
ATOM   1380 N N   . PRO A 1 162 ? -0.909  -12.613 10.416  1.00 14.08  ? 168 PRO B N   1 
ATOM   1381 C CA  . PRO A 1 162 ? -1.320  -11.248 10.582  1.00 13.64  ? 168 PRO B CA  1 
ATOM   1382 C C   . PRO A 1 162 ? -0.996  -10.434 9.314   1.00 13.17  ? 168 PRO B C   1 
ATOM   1383 O O   . PRO A 1 162 ? -0.023  -10.723 8.621   1.00 13.67  ? 168 PRO B O   1 
ATOM   1384 C CB  . PRO A 1 162 ? -0.498  -10.738 11.748  1.00 14.52  ? 168 PRO B CB  1 
ATOM   1385 C CG  . PRO A 1 162 ? 0.075   -12.009 12.407  1.00 15.47  ? 168 PRO B CG  1 
ATOM   1386 C CD  . PRO A 1 162 ? 0.195   -13.005 11.312  1.00 14.68  ? 168 PRO B CD  1 
ATOM   1387 N N   . LEU A 1 163 ? -1.810  -9.407  9.128   1.00 12.75  ? 169 LEU B N   1 
ATOM   1388 C CA  . LEU A 1 163 ? -1.687  -8.478  7.966   1.00 12.89  ? 169 LEU B CA  1 
ATOM   1389 C C   . LEU A 1 163 ? -1.222  -7.109  8.433   1.00 13.30  ? 169 LEU B C   1 
ATOM   1390 O O   . LEU A 1 163 ? -1.577  -6.652  9.509   1.00 14.48  ? 169 LEU B O   1 
ATOM   1391 C CB  . LEU A 1 163 ? -3.036  -8.336  7.252   1.00 12.83  ? 169 LEU B CB  1 
ATOM   1392 C CG  . LEU A 1 163 ? -3.533  -9.585  6.523   1.00 14.06  ? 169 LEU B CG  1 
ATOM   1393 C CD1 . LEU A 1 163 ? -4.909  -9.295  5.985   1.00 13.65  ? 169 LEU B CD1 1 
ATOM   1394 C CD2 . LEU A 1 163 ? -2.576  -9.992  5.410   1.00 15.26  ? 169 LEU B CD2 1 
ATOM   1395 N N   . ARG A 1 164 ? -0.470  -6.440  7.551   1.00 12.38  ? 170 ARG B N   1 
ATOM   1396 C CA  . ARG A 1 164 ? -0.042  -5.045  7.735   1.00 12.80  ? 170 ARG B CA  1 
ATOM   1397 C C   . ARG A 1 164 ? -0.411  -4.204  6.528   1.00 11.07  ? 170 ARG B C   1 
ATOM   1398 O O   . ARG A 1 164 ? -0.273  -4.670  5.414   1.00 11.51  ? 170 ARG B O   1 
ATOM   1399 C CB  . ARG A 1 164 ? 1.461   -5.010  7.964   1.00 14.77  ? 170 ARG B CB  1 
ATOM   1400 C CG  . ARG A 1 164 ? 1.738   -5.757  9.273   1.00 19.06  ? 170 ARG B CG  1 
ATOM   1401 C CD  . ARG A 1 164 ? 3.088   -5.702  9.840   1.00 22.75  ? 170 ARG B CD  1 
ATOM   1402 N NE  . ARG A 1 164 ? 3.369   -4.370  10.288  1.00 20.90  ? 170 ARG B NE  1 
ATOM   1403 C CZ  . ARG A 1 164 ? 4.548   -4.073  10.773  1.00 22.52  ? 170 ARG B CZ  1 
ATOM   1404 N NH1 . ARG A 1 164 ? 5.443   -5.035  10.965  1.00 22.76  ? 170 ARG B NH1 1 
ATOM   1405 N NH2 . ARG A 1 164 ? 4.835   -2.825  11.045  1.00 18.06  ? 170 ARG B NH2 1 
ATOM   1406 N N   . PRO A 1 165 ? -0.847  -2.951  6.742   1.00 10.40  ? 171 PRO B N   1 
ATOM   1407 C CA  . PRO A 1 165 ? -0.994  -2.021  5.619   1.00 10.40  ? 171 PRO B CA  1 
ATOM   1408 C C   . PRO A 1 165 ? 0.343   -1.875  4.899   1.00 10.19  ? 171 PRO B C   1 
ATOM   1409 O O   . PRO A 1 165 ? 1.391   -1.877  5.553   1.00 10.77  ? 171 PRO B O   1 
ATOM   1410 C CB  . PRO A 1 165 ? -1.403  -0.701  6.272   1.00 10.38  ? 171 PRO B CB  1 
ATOM   1411 C CG  . PRO A 1 165 ? -2.058  -1.165  7.591   1.00 12.04  ? 171 PRO B CG  1 
ATOM   1412 C CD  . PRO A 1 165 ? -1.196  -2.313  8.021   1.00 12.21  ? 171 PRO B CD  1 
ATOM   1413 N N   . PHE A 1 166 ? 0.301   -1.814  3.581   1.00 9.76   ? 172 PHE B N   1 
ATOM   1414 C CA  . PHE A 1 166 ? 1.501   -1.824  2.723   1.00 10.83  ? 172 PHE B CA  1 
ATOM   1415 C C   . PHE A 1 166 ? 1.459   -0.609  1.795   1.00 10.03  ? 172 PHE B C   1 
ATOM   1416 O O   . PHE A 1 166 ? 0.443   -0.286  1.177   1.00 9.84   ? 172 PHE B O   1 
ATOM   1417 C CB  . PHE A 1 166 ? 1.539   -3.106  1.887   1.00 11.07  ? 172 PHE B CB  1 
ATOM   1418 C CG  . PHE A 1 166 ? 2.684   -3.129  0.903   1.00 11.51  ? 172 PHE B CG  1 
ATOM   1419 C CD1 . PHE A 1 166 ? 3.976   -3.442  1.329   1.00 11.39  ? 172 PHE B CD1 1 
ATOM   1420 C CD2 . PHE A 1 166 ? 2.504   -2.804  -0.412  1.00 11.28  ? 172 PHE B CD2 1 
ATOM   1421 C CE1 . PHE A 1 166 ? 5.036   -3.434  0.433   1.00 12.64  ? 172 PHE B CE1 1 
ATOM   1422 C CE2 . PHE A 1 166 ? 3.576   -2.754  -1.291  1.00 11.13  ? 172 PHE B CE2 1 
ATOM   1423 C CZ  . PHE A 1 166 ? 4.838   -3.101  -0.863  1.00 12.22  ? 172 PHE B CZ  1 
ATOM   1424 N N   . PHE A 1 167 ? 2.647   0.037   1.641   1.00 9.75   ? 173 PHE B N   1 
ATOM   1425 C CA  . PHE A 1 167 ? 2.837   1.280   0.859   1.00 10.07  ? 173 PHE B CA  1 
ATOM   1426 C C   . PHE A 1 167 ? 4.122   1.208   0.055   1.00 11.23  ? 173 PHE B C   1 
ATOM   1427 O O   . PHE A 1 167 ? 5.157   0.830   0.597   1.00 11.00  ? 173 PHE B O   1 
ATOM   1428 C CB  . PHE A 1 167 ? 2.893   2.505   1.774   1.00 10.79  ? 173 PHE B CB  1 
ATOM   1429 C CG  . PHE A 1 167 ? 1.740   2.612   2.737   1.00 10.88  ? 173 PHE B CG  1 
ATOM   1430 C CD1 . PHE A 1 167 ? 1.785   1.946   3.956   1.00 10.32  ? 173 PHE B CD1 1 
ATOM   1431 C CD2 . PHE A 1 167 ? 0.570   3.317   2.423   1.00 12.10  ? 173 PHE B CD2 1 
ATOM   1432 C CE1 . PHE A 1 167 ? 0.709   1.972   4.831   1.00 10.78  ? 173 PHE B CE1 1 
ATOM   1433 C CE2 . PHE A 1 167 ? -0.474  3.392   3.336   1.00 12.40  ? 173 PHE B CE2 1 
ATOM   1434 C CZ  . PHE A 1 167 ? -0.413  2.702   4.526   1.00 11.34  ? 173 PHE B CZ  1 
ATOM   1435 N N   . ASN A 1 168 ? 4.058   1.656   -1.201  1.00 10.87  ? 174 ASN B N   1 
ATOM   1436 C CA  . ASN A 1 168 ? 5.255   1.852   -2.046  1.00 10.64  ? 174 ASN B CA  1 
ATOM   1437 C C   . ASN A 1 168 ? 5.073   3.195   -2.735  1.00 10.16  ? 174 ASN B C   1 
ATOM   1438 O O   . ASN A 1 168 ? 4.155   3.370   -3.529  1.00 10.48  ? 174 ASN B O   1 
ATOM   1439 C CB  . ASN A 1 168 ? 5.405   0.730   -3.080  1.00 11.27  ? 174 ASN B CB  1 
ATOM   1440 C CG  . ASN A 1 168 ? 6.635   0.824   -3.942  1.00 14.18  ? 174 ASN B CG  1 
ATOM   1441 O OD1 . ASN A 1 168 ? 7.330   1.806   -3.940  1.00 15.88  ? 174 ASN B OD1 1 
ATOM   1442 N ND2 . ASN A 1 168 ? 6.979   -0.222  -4.670  1.00 17.24  ? 174 ASN B ND2 1 
ATOM   1443 N N   . VAL A 1 169 ? 5.972   4.154   -2.403  1.00 10.14  ? 175 VAL B N   1 
ATOM   1444 C CA  . VAL A 1 169 ? 5.892   5.519   -2.995  1.00 10.83  ? 175 VAL B CA  1 
ATOM   1445 C C   . VAL A 1 169 ? 6.427   5.563   -4.428  1.00 10.44  ? 175 VAL B C   1 
ATOM   1446 O O   . VAL A 1 169 ? 6.277   6.604   -5.085  1.00 11.10  ? 175 VAL B O   1 
ATOM   1447 C CB  . VAL A 1 169 ? 6.582   6.592   -2.147  1.00 11.42  ? 175 VAL B CB  1 
ATOM   1448 C CG1 . VAL A 1 169 ? 5.928   6.723   -0.790  1.00 12.04  ? 175 VAL B CG1 1 
ATOM   1449 C CG2 . VAL A 1 169 ? 8.071   6.360   -2.018  1.00 11.49  ? 175 VAL B CG2 1 
ATOM   1450 N N   . GLY A 1 170 ? 7.094   4.501   -4.882  1.00 10.97  ? 176 GLY B N   1 
ATOM   1451 C CA  . GLY A 1 170 ? 7.724   4.470   -6.214  1.00 11.59  ? 176 GLY B CA  1 
ATOM   1452 C C   . GLY A 1 170 ? 9.036   5.220   -6.241  1.00 11.73  ? 176 GLY B C   1 
ATOM   1453 O O   . GLY A 1 170 ? 9.335   6.047   -5.379  1.00 11.07  ? 176 GLY B O   1 
ATOM   1454 N N   . PHE A 1 171 ? 9.864   4.838   -7.206  1.00 11.72  ? 177 PHE B N   1 
ATOM   1455 C CA  . PHE A 1 171 ? 11.096  5.614   -7.494  1.00 12.21  ? 177 PHE B CA  1 
ATOM   1456 C C   . PHE A 1 171 ? 10.740  6.964   -8.101  1.00 11.33  ? 177 PHE B C   1 
ATOM   1457 O O   . PHE A 1 171 ? 9.616   7.227   -8.484  1.00 11.54  ? 177 PHE B O   1 
ATOM   1458 C CB  . PHE A 1 171 ? 12.063  4.804   -8.378  1.00 13.64  ? 177 PHE B CB  1 
ATOM   1459 C CG  . PHE A 1 171 ? 12.690  3.608   -7.718  1.00 15.15  ? 177 PHE B CG  1 
ATOM   1460 C CD1 . PHE A 1 171 ? 13.736  3.752   -6.825  1.00 18.37  ? 177 PHE B CD1 1 
ATOM   1461 C CD2 . PHE A 1 171 ? 12.188  2.346   -7.939  1.00 19.04  ? 177 PHE B CD2 1 
ATOM   1462 C CE1 . PHE A 1 171 ? 14.296  2.636   -6.191  1.00 19.41  ? 177 PHE B CE1 1 
ATOM   1463 C CE2 . PHE A 1 171 ? 12.768  1.245   -7.324  1.00 18.92  ? 177 PHE B CE2 1 
ATOM   1464 C CZ  . PHE A 1 171 ? 13.841  1.395   -6.493  1.00 17.85  ? 177 PHE B CZ  1 
ATOM   1465 N N   . ASN A 1 172 ? 11.767  7.823   -8.161  1.00 12.45  ? 178 ASN B N   1 
ATOM   1466 C CA  . ASN A 1 172 ? 11.600  9.156   -8.785  1.00 11.71  ? 178 ASN B CA  1 
ATOM   1467 C C   . ASN A 1 172 ? 12.761  9.383   -9.764  1.00 12.09  ? 178 ASN B C   1 
ATOM   1468 O O   . ASN A 1 172 ? 13.388  10.452  -9.728  1.00 14.16  ? 178 ASN B O   1 
ATOM   1469 C CB  . ASN A 1 172 ? 11.506  10.259  -7.733  1.00 12.43  ? 178 ASN B CB  1 
ATOM   1470 C CG  . ASN A 1 172 ? 11.157  11.597  -8.305  1.00 12.73  ? 178 ASN B CG  1 
ATOM   1471 O OD1 . ASN A 1 172 ? 10.507  11.709  -9.328  1.00 12.56  ? 178 ASN B OD1 1 
ATOM   1472 N ND2 . ASN A 1 172 ? 11.584  12.656  -7.624  1.00 14.24  ? 178 ASN B ND2 1 
ATOM   1473 N N   . TYR A 1 173 ? 12.937  8.479   -10.696 1.00 12.58  ? 179 TYR B N   1 
ATOM   1474 C CA  . TYR A 1 173 ? 13.923  8.667   -11.795 1.00 12.12  ? 179 TYR B CA  1 
ATOM   1475 C C   . TYR A 1 173 ? 13.480  9.806   -12.702 1.00 13.39  ? 179 TYR B C   1 
ATOM   1476 O O   . TYR A 1 173 ? 14.382  10.475  -13.340 1.00 15.10  ? 179 TYR B O   1 
ATOM   1477 C CB  . TYR A 1 173 ? 14.097  7.384   -12.620 1.00 12.96  ? 179 TYR B CB  1 
ATOM   1478 C CG  . TYR A 1 173 ? 14.747  6.228   -11.906 1.00 14.77  ? 179 TYR B CG  1 
ATOM   1479 C CD1 . TYR A 1 173 ? 16.108  6.197   -11.662 1.00 17.51  ? 179 TYR B CD1 1 
ATOM   1480 C CD2 . TYR A 1 173 ? 13.998  5.131   -11.514 1.00 15.77  ? 179 TYR B CD2 1 
ATOM   1481 C CE1 . TYR A 1 173 ? 16.684  5.153   -10.953 1.00 18.44  ? 179 TYR B CE1 1 
ATOM   1482 C CE2 . TYR A 1 173 ? 14.563  4.075   -10.802 1.00 15.36  ? 179 TYR B CE2 1 
ATOM   1483 C CZ  . TYR A 1 173 ? 15.915  4.079   -10.554 1.00 18.17  ? 179 TYR B CZ  1 
ATOM   1484 O OH  . TYR A 1 173 ? 16.515  3.025   -9.892  1.00 23.53  ? 179 TYR B OH  1 
ATOM   1485 N N   . SER A 1 174 ? 12.196  10.061  -12.888 1.00 13.42  ? 180 SER B N   1 
ATOM   1486 C CA  . SER A 1 174 ? 11.648  11.039  -13.855 1.00 13.98  ? 180 SER B CA  1 
ATOM   1487 C C   . SER A 1 174 ? 11.707  12.474  -13.320 1.00 13.76  ? 180 SER B C   1 
ATOM   1488 O O   . SER A 1 174 ? 11.493  13.434  -14.111 1.00 16.34  ? 180 SER B O   1 
ATOM   1489 C CB  . SER A 1 174 ? 10.246  10.696  -14.211 1.00 14.73  ? 180 SER B CB  1 
ATOM   1490 O OG  . SER A 1 174 ? 9.401   10.803  -13.027 1.00 13.79  ? 180 SER B OG  1 
ATOM   1491 N N   . GLY A 1 175 ? 11.804  12.639  -12.011 1.00 12.84  ? 181 GLY B N   1 
ATOM   1492 C CA  . GLY A 1 175 ? 11.584  13.960  -11.400 1.00 13.22  ? 181 GLY B CA  1 
ATOM   1493 C C   . GLY A 1 175 ? 10.126  14.353  -11.318 1.00 13.60  ? 181 GLY B C   1 
ATOM   1494 O O   . GLY A 1 175 ? 9.855   15.464  -10.828 1.00 17.08  ? 181 GLY B O   1 
ATOM   1495 N N   . GLY A 1 176 ? 9.190   13.500  -11.737 1.00 12.62  ? 182 GLY B N   1 
ATOM   1496 C CA  . GLY A 1 176 ? 7.758   13.749  -11.681 1.00 12.80  ? 182 GLY B CA  1 
ATOM   1497 C C   . GLY A 1 176 ? 7.027   12.964  -10.602 1.00 12.98  ? 182 GLY B C   1 
ATOM   1498 O O   . GLY A 1 176 ? 5.773   13.113  -10.539 1.00 15.56  ? 182 GLY B O   1 
ATOM   1499 N N   . ASN A 1 177 ? 7.729   12.207  -9.770  1.00 11.38  ? 183 ASN B N   1 
ATOM   1500 C CA  . ASN A 1 177 ? 7.072   11.319  -8.778  1.00 11.30  ? 183 ASN B CA  1 
ATOM   1501 C C   . ASN A 1 177 ? 7.516   11.604  -7.353  1.00 11.90  ? 183 ASN B C   1 
ATOM   1502 O O   . ASN A 1 177 ? 7.393   10.714  -6.502  1.00 12.65  ? 183 ASN B O   1 
ATOM   1503 C CB  . ASN A 1 177 ? 7.312   9.849   -9.135  1.00 10.49  ? 183 ASN B CB  1 
ATOM   1504 C CG  . ASN A 1 177 ? 6.307   8.923   -8.460  1.00 10.64  ? 183 ASN B CG  1 
ATOM   1505 O OD1 . ASN A 1 177 ? 5.141   9.294   -8.325  1.00 11.73  ? 183 ASN B OD1 1 
ATOM   1506 N ND2 . ASN A 1 177 ? 6.804   7.794   -8.015  1.00 10.69  ? 183 ASN B ND2 1 
ATOM   1507 N N   . ALA A 1 178 ? 7.862   12.847  -7.015  1.00 11.49  ? 184 ALA B N   1 
ATOM   1508 C CA  . ALA A 1 178 ? 8.343   13.171  -5.654  1.00 12.53  ? 184 ALA B CA  1 
ATOM   1509 C C   . ALA A 1 178 ? 7.197   13.255  -4.637  1.00 12.03  ? 184 ALA B C   1 
ATOM   1510 O O   . ALA A 1 178 ? 7.490   13.191  -3.441  1.00 14.06  ? 184 ALA B O   1 
ATOM   1511 C CB  . ALA A 1 178 ? 9.126   14.502  -5.672  1.00 14.14  ? 184 ALA B CB  1 
ATOM   1512 N N   . ALA A 1 179 ? 5.972   13.437  -5.081  1.00 11.56  ? 185 ALA B N   1 
ATOM   1513 C CA  . ALA A 1 179 ? 4.860   13.702  -4.141  1.00 11.23  ? 185 ALA B CA  1 
ATOM   1514 C C   . ALA A 1 179 ? 4.695   12.553  -3.139  1.00 12.03  ? 185 ALA B C   1 
ATOM   1515 O O   . ALA A 1 179 ? 4.967   11.376  -3.424  1.00 12.11  ? 185 ALA B O   1 
ATOM   1516 C CB  . ALA A 1 179 ? 3.570   13.956  -4.864  1.00 12.43  ? 185 ALA B CB  1 
ATOM   1517 N N   . PRO A 1 180 ? 4.203   12.844  -1.924  1.00 11.87  ? 186 PRO B N   1 
ATOM   1518 C CA  . PRO A 1 180 ? 3.990   11.812  -0.908  1.00 11.87  ? 186 PRO B CA  1 
ATOM   1519 C C   . PRO A 1 180 ? 2.739   10.940  -1.135  1.00 11.13  ? 186 PRO B C   1 
ATOM   1520 O O   . PRO A 1 180 ? 1.829   11.331  -1.864  1.00 12.98  ? 186 PRO B O   1 
ATOM   1521 C CB  . PRO A 1 180 ? 3.764   12.633  0.377   1.00 12.64  ? 186 PRO B CB  1 
ATOM   1522 C CG  . PRO A 1 180 ? 3.171   13.896  -0.111  1.00 14.15  ? 186 PRO B CG  1 
ATOM   1523 C CD  . PRO A 1 180 ? 3.892   14.188  -1.406  1.00 13.78  ? 186 PRO B CD  1 
ATOM   1524 N N   . LEU A 1 181 ? 2.732   9.790   -0.488  1.00 11.27  ? 187 LEU B N   1 
ATOM   1525 C CA  . LEU A 1 181 ? 1.468   9.109   -0.136  1.00 11.56  ? 187 LEU B CA  1 
ATOM   1526 C C   . LEU A 1 181 ? 0.996   9.657   1.208   1.00 11.98  ? 187 LEU B C   1 
ATOM   1527 O O   . LEU A 1 181 ? 1.841   9.802   2.131   1.00 13.34  ? 187 LEU B O   1 
ATOM   1528 C CB  . LEU A 1 181 ? 1.687   7.601   -0.050  1.00 11.58  ? 187 LEU B CB  1 
ATOM   1529 C CG  . LEU A 1 181 ? 2.025   6.886   -1.372  1.00 12.56  ? 187 LEU B CG  1 
ATOM   1530 C CD1 . LEU A 1 181 ? 2.412   5.417   -1.152  1.00 13.40  ? 187 LEU B CD1 1 
ATOM   1531 C CD2 . LEU A 1 181 ? 0.898   6.969   -2.359  1.00 13.57  ? 187 LEU B CD2 1 
ATOM   1532 N N   . LYS A 1 182 ? -0.309  9.931   1.348   1.00 11.70  ? 188 LYS B N   1 
ATOM   1533 C CA  . LYS A 1 182 ? -0.829  10.499  2.617   1.00 13.07  ? 188 LYS B CA  1 
ATOM   1534 C C   . LYS A 1 182 ? -2.013  9.688   3.106   1.00 12.35  ? 188 LYS B C   1 
ATOM   1535 O O   . LYS A 1 182 ? -2.948  9.478   2.313   1.00 13.95  ? 188 LYS B O   1 
ATOM   1536 C CB  . LYS A 1 182 ? -1.276  11.959  2.438   1.00 14.59  ? 188 LYS B CB  1 
ATOM   1537 C CG  . LYS A 1 182 ? -0.258  12.910  1.830   1.00 17.56  ? 188 LYS B CG  1 
ATOM   1538 C CD  . LYS A 1 182 ? -0.755  14.355  1.871   1.00 21.54  ? 188 LYS B CD  1 
ATOM   1539 C CE  . LYS A 1 182 ? 0.153   15.348  1.201   1.00 26.46  ? 188 LYS B CE  1 
ATOM   1540 N NZ  . LYS A 1 182 ? -0.424  16.707  1.305   1.00 32.36  ? 188 LYS B NZ  1 
ATOM   1541 N N   . LEU A 1 183 ? -2.019  9.275   4.358   1.00 12.80  ? 189 LEU B N   1 
ATOM   1542 C CA  . LEU A 1 183 ? -3.237  8.656   4.959   1.00 13.23  ? 189 LEU B CA  1 
ATOM   1543 C C   . LEU A 1 183 ? -4.271  9.752   5.220   1.00 15.41  ? 189 LEU B C   1 
ATOM   1544 O O   . LEU A 1 183 ? -3.944  10.758  5.896   1.00 19.20  ? 189 LEU B O   1 
ATOM   1545 C CB  . LEU A 1 183 ? -2.811  7.919   6.230   1.00 13.81  ? 189 LEU B CB  1 
ATOM   1546 C CG  . LEU A 1 183 ? -2.142  6.589   5.914   1.00 14.15  ? 189 LEU B CG  1 
ATOM   1547 C CD1 . LEU A 1 183 ? -1.199  6.124   6.997   1.00 18.13  ? 189 LEU B CD1 1 
ATOM   1548 C CD2 . LEU A 1 183 ? -3.172  5.511   5.542   1.00 13.59  ? 189 LEU B CD2 1 
ATOM   1549 N N   . CYS A 1 184 ? -5.473  9.583   4.715   1.00 15.33  ? 190 CYS B N   1 
ATOM   1550 C CA  . CYS A 1 184 ? -6.552  10.604  4.743   1.00 17.08  ? 190 CYS B CA  1 
ATOM   1551 C C   . CYS A 1 184 ? -7.281  10.524  6.060   1.00 19.38  ? 190 CYS B C   1 
ATOM   1552 O O   . CYS A 1 184 ? -7.473  9.460   6.612   1.00 19.63  ? 190 CYS B O   1 
ATOM   1553 C CB  . CYS A 1 184 ? -7.598  10.306  3.692   1.00 18.14  ? 190 CYS B CB  1 
ATOM   1554 S SG  . CYS A 1 184 ? -6.945  10.227  2.021   1.00 22.94  ? 190 CYS B SG  1 
ATOM   1555 N N   . PRO A 1 185 ? -7.762  11.667  6.570   1.00 23.67  ? 191 PRO B N   1 
ATOM   1556 C CA  . PRO A 1 185 ? -8.557  11.679  7.780   1.00 28.18  ? 191 PRO B CA  1 
ATOM   1557 C C   . PRO A 1 185 ? -9.869  10.918  7.562   1.00 27.82  ? 191 PRO B C   1 
ATOM   1558 O O   . PRO A 1 185 ? -10.420 10.978  6.457   1.00 28.25  ? 191 PRO B O   1 
ATOM   1559 C CB  . PRO A 1 185 ? -8.744  13.190  8.035   1.00 27.72  ? 191 PRO B CB  1 
ATOM   1560 C CG  . PRO A 1 185 ? -8.519  13.869  6.722   1.00 30.15  ? 191 PRO B CG  1 
ATOM   1561 C CD  . PRO A 1 185 ? -7.474  13.013  6.049   1.00 26.39  ? 191 PRO B CD  1 
ATOM   1562 N N   . LEU A 1 186 ? -10.265 10.191  8.605   1.00 32.60  ? 192 LEU B N   1 
ATOM   1563 C CA  . LEU A 1 186 ? -11.627 9.685   8.906   1.00 37.52  ? 192 LEU B CA  1 
ATOM   1564 C C   . LEU A 1 186 ? -12.641 10.822  8.774   1.00 41.26  ? 192 LEU B C   1 
ATOM   1565 O O   . LEU A 1 186 ? -13.790 10.504  8.481   1.00 45.71  ? 192 LEU B O   1 
ATOM   1566 C CB  . LEU A 1 186 ? -11.633 9.156   10.345  1.00 41.34  ? 192 LEU B CB  1 
HETATM 1567 C C1  . EDO B 2 .   ? 15.328  7.350   -8.049  1.00 28.27  ? 201 EDO B C1  1 
HETATM 1568 O O1  . EDO B 2 .   ? 14.308  7.565   -7.091  1.00 22.87  ? 201 EDO B O1  1 
HETATM 1569 C C2  . EDO B 2 .   ? 16.402  6.415   -7.670  1.00 35.24  ? 201 EDO B C2  1 
HETATM 1570 O O2  . EDO B 2 .   ? 17.083  6.825   -6.532  1.00 38.76  ? 201 EDO B O2  1 
HETATM 1571 C C10 . U0S C 3 .   ? 5.663   1.518   -8.007  0.62 14.20  ? 202 U0S B C10 1 
HETATM 1572 C C13 . U0S C 3 .   ? 4.833   -1.161  -10.606 0.62 16.06  ? 202 U0S B C13 1 
HETATM 1573 C C01 . U0S C 3 .   ? 5.454   -5.286  -13.378 0.62 19.06  ? 202 U0S B C01 1 
HETATM 1574 C C02 . U0S C 3 .   ? 5.820   -5.599  -12.091 0.62 17.90  ? 202 U0S B C02 1 
HETATM 1575 C C04 . U0S C 3 .   ? 5.387   -3.444  -11.433 0.62 16.49  ? 202 U0S B C04 1 
HETATM 1576 C C06 . U0S C 3 .   ? 5.665   -2.752  -9.042  0.62 16.79  ? 202 U0S B C06 1 
HETATM 1577 C C07 . U0S C 3 .   ? 5.168   -1.458  -8.416  0.62 16.31  ? 202 U0S B C07 1 
HETATM 1578 C C08 . U0S C 3 .   ? 5.428   -0.342  -9.456  0.62 15.25  ? 202 U0S B C08 1 
HETATM 1579 C C09 . U0S C 3 .   ? 4.680   0.875   -8.956  0.62 14.64  ? 202 U0S B C09 1 
HETATM 1580 C C12 . U0S C 3 .   ? 6.899   -0.065  -9.168  0.62 16.47  ? 202 U0S B C12 1 
HETATM 1581 C C14 . U0S C 3 .   ? 5.048   -3.127  -12.760 0.62 17.73  ? 202 U0S B C14 1 
HETATM 1582 N N03 . U0S C 3 .   ? 5.772   -4.694  -11.106 0.62 17.52  ? 202 U0S B N03 1 
HETATM 1583 N N05 . U0S C 3 .   ? 5.344   -2.515  -10.440 0.62 16.00  ? 202 U0S B N05 1 
HETATM 1584 N N15 . U0S C 3 .   ? 5.073   -4.054  -13.729 0.62 19.09  ? 202 U0S B N15 1 
HETATM 1585 O O11 . U0S C 3 .   ? 6.961   1.214   -8.501  0.62 16.16  ? 202 U0S B O11 1 
HETATM 1586 C C1  . EDO D 2 .   ? 22.379  -8.560  -6.448  1.00 55.50  ? 203 EDO B C1  1 
HETATM 1587 O O1  . EDO D 2 .   ? 21.635  -7.884  -5.456  1.00 48.97  ? 203 EDO B O1  1 
HETATM 1588 C C2  . EDO D 2 .   ? 21.984  -8.185  -7.819  1.00 54.59  ? 203 EDO B C2  1 
HETATM 1589 O O2  . EDO D 2 .   ? 22.570  -6.963  -8.178  1.00 60.23  ? 203 EDO B O2  1 
HETATM 1590 S S   . SO4 E 4 .   ? 9.385   -13.692 -7.613  1.00 40.75  ? 204 SO4 B S   1 
HETATM 1591 O O1  . SO4 E 4 .   ? 9.420   -13.007 -6.356  1.00 26.14  ? 204 SO4 B O1  1 
HETATM 1592 O O2  . SO4 E 4 .   ? 10.518  -14.577 -7.711  1.00 48.29  ? 204 SO4 B O2  1 
HETATM 1593 O O3  . SO4 E 4 .   ? 8.151   -14.453 -7.682  1.00 45.66  ? 204 SO4 B O3  1 
HETATM 1594 O O4  . SO4 E 4 .   ? 9.427   -12.763 -8.717  1.00 44.23  ? 204 SO4 B O4  1 
HETATM 1595 O O   . HOH F 5 .   ? 22.501  11.062  2.376   1.00 23.71  ? 301 HOH B O   1 
HETATM 1596 O O   . HOH F 5 .   ? 4.983   -15.366 4.215   1.00 24.55  ? 302 HOH B O   1 
HETATM 1597 O O   . HOH F 5 .   ? 8.725   -5.550  10.599  1.00 28.15  ? 303 HOH B O   1 
HETATM 1598 O O   . HOH F 5 .   ? 4.150   14.597  -11.780 1.00 39.77  ? 304 HOH B O   1 
HETATM 1599 O O   . HOH F 5 .   ? 17.674  17.416  -3.667  1.00 35.32  ? 305 HOH B O   1 
HETATM 1600 O O   . HOH F 5 .   ? 9.917   13.540  -2.260  1.00 18.10  ? 306 HOH B O   1 
HETATM 1601 O O   . HOH F 5 .   ? -17.105 10.755  -10.738 1.00 45.81  ? 307 HOH B O   1 
HETATM 1602 O O   . HOH F 5 .   ? -15.172 -2.813  12.282  1.00 44.10  ? 308 HOH B O   1 
HETATM 1603 O O   . HOH F 5 .   ? 3.968   13.566  -14.729 1.00 29.70  ? 309 HOH B O   1 
HETATM 1604 O O   . HOH F 5 .   ? -14.874 8.125   1.534   1.00 36.01  ? 310 HOH B O   1 
HETATM 1605 O O   . HOH F 5 .   ? 9.694   14.036  -15.870 1.00 24.61  ? 311 HOH B O   1 
HETATM 1606 O O   . HOH F 5 .   ? 9.037   -13.445 -1.335  1.00 33.66  ? 312 HOH B O   1 
HETATM 1607 O O   . HOH F 5 .   ? 11.338  8.761   8.495   1.00 16.27  ? 313 HOH B O   1 
HETATM 1608 O O   . HOH F 5 .   ? -10.567 12.743  -5.034  1.00 29.13  ? 314 HOH B O   1 
HETATM 1609 O O   . HOH F 5 .   ? -9.577  -14.400 12.178  1.00 15.05  ? 315 HOH B O   1 
HETATM 1610 O O   . HOH F 5 .   ? -16.927 -8.526  3.223   1.00 32.53  ? 316 HOH B O   1 
HETATM 1611 O O   . HOH F 5 .   ? 2.679   -9.270  -9.618  1.00 30.07  ? 317 HOH B O   1 
HETATM 1612 O O   . HOH F 5 .   ? -2.865  -14.285 13.048  1.00 17.77  ? 318 HOH B O   1 
HETATM 1613 O O   . HOH F 5 .   ? -3.911  7.698   -9.588  1.00 15.28  ? 319 HOH B O   1 
HETATM 1614 O O   . HOH F 5 .   ? -1.297  -10.216 -17.647 1.00 30.75  ? 320 HOH B O   1 
HETATM 1615 O O   . HOH F 5 .   ? -6.588  -18.229 -3.330  1.00 39.06  ? 321 HOH B O   1 
HETATM 1616 O O   . HOH F 5 .   ? 7.133   10.626  14.288  1.00 33.99  ? 322 HOH B O   1 
HETATM 1617 O O   . HOH F 5 .   ? 18.523  11.239  -5.753  1.00 32.72  ? 323 HOH B O   1 
HETATM 1618 O O   . HOH F 5 .   ? -6.206  15.852  -5.321  1.00 30.87  ? 324 HOH B O   1 
HETATM 1619 O O   . HOH F 5 .   ? 8.796   -9.819  -0.208  1.00 34.41  ? 325 HOH B O   1 
HETATM 1620 O O   . HOH F 5 .   ? 4.253   -0.283  -19.492 1.00 19.92  ? 326 HOH B O   1 
HETATM 1621 O O   . HOH F 5 .   ? -6.939  -13.180 15.726  1.00 31.77  ? 327 HOH B O   1 
HETATM 1622 O O   . HOH F 5 .   ? 5.244   18.122  -6.045  1.00 26.30  ? 328 HOH B O   1 
HETATM 1623 O O   . HOH F 5 .   ? 12.828  12.326  -4.984  1.00 30.25  ? 329 HOH B O   1 
HETATM 1624 O O   . HOH F 5 .   ? -0.289  -7.937  -4.934  1.00 14.77  ? 330 HOH B O   1 
HETATM 1625 O O   . HOH F 5 .   ? 4.864   -14.197 -7.800  1.00 30.54  ? 331 HOH B O   1 
HETATM 1626 O O   . HOH F 5 .   ? -0.918  14.385  7.766   1.00 23.72  ? 332 HOH B O   1 
HETATM 1627 O O   . HOH F 5 .   ? -16.355 -6.864  -4.642  1.00 19.57  ? 333 HOH B O   1 
HETATM 1628 O O   . HOH F 5 .   ? 17.010  10.239  -12.733 1.00 28.56  ? 334 HOH B O   1 
HETATM 1629 O O   . HOH F 5 .   ? -15.470 -6.071  -0.766  1.00 25.21  ? 335 HOH B O   1 
HETATM 1630 O O   . HOH F 5 .   ? 10.061  -10.917 7.042   1.00 33.30  ? 336 HOH B O   1 
HETATM 1631 O O   . HOH F 5 .   ? -8.588  15.289  -4.234  1.00 33.65  ? 337 HOH B O   1 
HETATM 1632 O O   . HOH F 5 .   ? -1.457  -16.311 -1.312  1.00 22.13  ? 338 HOH B O   1 
HETATM 1633 O O   . HOH F 5 .   ? 7.421   -12.713 0.763   1.00 17.44  ? 339 HOH B O   1 
HETATM 1634 O O   . HOH F 5 .   ? 15.525  -2.036  -7.018  1.00 32.42  ? 340 HOH B O   1 
HETATM 1635 O O   . HOH F 5 .   ? 2.051   6.924   -14.712 1.00 16.09  ? 341 HOH B O   1 
HETATM 1636 O O   . HOH F 5 .   ? -16.338 9.156   -2.549  1.00 33.85  ? 342 HOH B O   1 
HETATM 1637 O O   . HOH F 5 .   ? -13.265 -14.968 -0.358  1.00 22.35  ? 343 HOH B O   1 
HETATM 1638 O O   . HOH F 5 .   ? 15.016  -9.609  6.881   1.00 28.13  ? 344 HOH B O   1 
HETATM 1639 O O   . HOH F 5 .   ? -0.944  10.463  13.841  1.00 34.02  ? 345 HOH B O   1 
HETATM 1640 O O   . HOH F 5 .   ? -7.296  -11.992 -7.637  1.00 18.88  ? 346 HOH B O   1 
HETATM 1641 O O   . HOH F 5 .   ? 8.897   8.832   -5.179  1.00 14.36  ? 347 HOH B O   1 
HETATM 1642 O O   . HOH F 5 .   ? -6.334  5.758   8.560   1.00 19.75  ? 348 HOH B O   1 
HETATM 1643 O O   . HOH F 5 .   ? -3.987  -1.255  -17.142 1.00 34.93  ? 349 HOH B O   1 
HETATM 1644 O O   . HOH F 5 .   ? 0.451   13.577  -3.049  1.00 26.98  ? 350 HOH B O   1 
HETATM 1645 O O   . HOH F 5 .   ? -6.973  6.804   6.046   1.00 17.33  ? 351 HOH B O   1 
HETATM 1646 O O   . HOH F 5 .   ? -17.522 -11.541 6.420   1.00 30.59  ? 352 HOH B O   1 
HETATM 1647 O O   . HOH F 5 .   ? 1.611   0.984   -19.404 1.00 23.14  ? 353 HOH B O   1 
HETATM 1648 O O   . HOH F 5 .   ? 21.079  9.073   12.905  1.00 24.70  ? 354 HOH B O   1 
HETATM 1649 O O   . HOH F 5 .   ? -2.256  -12.746 15.421  1.00 37.85  ? 355 HOH B O   1 
HETATM 1650 O O   . HOH F 5 .   ? 2.629   -14.733 8.468   1.00 21.85  ? 356 HOH B O   1 
HETATM 1651 O O   . HOH F 5 .   ? 17.974  -2.056  3.996   1.00 25.39  ? 357 HOH B O   1 
HETATM 1652 O O   . HOH F 5 .   ? 8.626   3.254   -9.393  1.00 17.72  ? 358 HOH B O   1 
HETATM 1653 O O   . HOH F 5 .   ? -14.455 -15.896 -4.822  1.00 29.70  ? 359 HOH B O   1 
HETATM 1654 O O   . HOH F 5 .   ? -15.041 -10.197 9.279   1.00 31.03  ? 360 HOH B O   1 
HETATM 1655 O O   . HOH F 5 .   ? -12.567 -9.093  14.922  1.00 50.26  ? 361 HOH B O   1 
HETATM 1656 O O   . HOH F 5 .   ? -9.496  -5.993  -13.543 1.00 18.07  ? 362 HOH B O   1 
HETATM 1657 O O   . HOH F 5 .   ? -10.978 -1.789  -12.530 1.00 18.06  ? 363 HOH B O   1 
HETATM 1658 O O   . HOH F 5 .   ? 13.747  -5.384  -0.909  1.00 14.85  ? 364 HOH B O   1 
HETATM 1659 O O   . HOH F 5 .   ? -13.152 3.457   -10.523 1.00 19.40  ? 365 HOH B O   1 
HETATM 1660 O O   . HOH F 5 .   ? -16.801 0.197   -10.578 1.00 20.40  ? 366 HOH B O   1 
HETATM 1661 O O   . HOH F 5 .   ? -1.541  8.906   -8.779  1.00 14.37  ? 367 HOH B O   1 
HETATM 1662 O O   . HOH F 5 .   ? 6.576   8.305   -15.224 1.00 21.89  ? 368 HOH B O   1 
HETATM 1663 O O   . HOH F 5 .   ? 7.668   10.033  -2.960  1.00 13.76  ? 369 HOH B O   1 
HETATM 1664 O O   . HOH F 5 .   ? 13.775  5.836   6.233   1.00 19.59  ? 370 HOH B O   1 
HETATM 1665 O O   . HOH F 5 .   ? -2.105  12.917  5.928   1.00 27.23  ? 371 HOH B O   1 
HETATM 1666 O O   . HOH F 5 .   ? 22.334  -4.609  9.074   1.00 31.82  ? 372 HOH B O   1 
HETATM 1667 O O   . HOH F 5 .   ? -2.232  -9.707  14.741  1.00 25.19  ? 373 HOH B O   1 
HETATM 1668 O O   . HOH F 5 .   ? -17.011 11.347  -5.740  1.00 37.73  ? 374 HOH B O   1 
HETATM 1669 O O   . HOH F 5 .   ? 4.862   13.681  -7.894  1.00 16.47  ? 375 HOH B O   1 
HETATM 1670 O O   . HOH F 5 .   ? 17.223  0.839   12.490  1.00 23.20  ? 376 HOH B O   1 
HETATM 1671 O O   . HOH F 5 .   ? -12.813 0.860   -11.586 1.00 18.04  ? 377 HOH B O   1 
HETATM 1672 O O   . HOH F 5 .   ? 4.113   17.338  -3.565  1.00 41.52  ? 378 HOH B O   1 
HETATM 1673 O O   . HOH F 5 .   ? 19.328  0.704   5.865   1.00 28.03  ? 379 HOH B O   1 
HETATM 1674 O O   . HOH F 5 .   ? 21.457  2.238   6.779   1.00 21.58  ? 380 HOH B O   1 
HETATM 1675 O O   . HOH F 5 .   ? -4.092  -15.298 -1.629  1.00 16.51  ? 381 HOH B O   1 
HETATM 1676 O O   . HOH F 5 .   ? -2.269  0.570   2.273   1.00 14.00  ? 382 HOH B O   1 
HETATM 1677 O O   . HOH F 5 .   ? -14.166 2.300   -13.847 1.00 28.47  ? 383 HOH B O   1 
HETATM 1678 O O   . HOH F 5 .   ? 21.388  3.480   0.159   1.00 22.48  ? 384 HOH B O   1 
HETATM 1679 O O   . HOH F 5 .   ? 6.942   12.913  4.651   1.00 21.38  ? 385 HOH B O   1 
HETATM 1680 O O   . HOH F 5 .   ? 13.928  4.596   11.423  1.00 27.09  ? 386 HOH B O   1 
HETATM 1681 O O   . HOH F 5 .   ? 17.498  -10.433 -5.239  1.00 31.25  ? 387 HOH B O   1 
HETATM 1682 O O   . HOH F 5 .   ? -5.273  -17.611 5.755   1.00 16.96  ? 388 HOH B O   1 
HETATM 1683 O O   . HOH F 5 .   ? 19.024  5.009   13.188  1.00 34.79  ? 389 HOH B O   1 
HETATM 1684 O O   . HOH F 5 .   ? -18.914 0.843   -4.540  1.00 44.18  ? 390 HOH B O   1 
HETATM 1685 O O   . HOH F 5 .   ? -7.502  -10.673 16.467  1.00 33.73  ? 391 HOH B O   1 
HETATM 1686 O O   . HOH F 5 .   ? 10.215  -14.109 5.015   1.00 41.96  ? 392 HOH B O   1 
HETATM 1687 O O   . HOH F 5 .   ? -5.376  1.149   -16.504 1.00 25.34  ? 393 HOH B O   1 
HETATM 1688 O O   . HOH F 5 .   ? -14.508 -5.753  12.499  1.00 31.06  ? 394 HOH B O   1 
HETATM 1689 O O   . HOH F 5 .   ? 18.373  13.909  5.009   1.00 30.98  ? 395 HOH B O   1 
HETATM 1690 O O   . HOH F 5 .   ? -4.705  -12.714 17.102  1.00 31.22  ? 396 HOH B O   1 
HETATM 1691 O O   . HOH F 5 .   ? 5.686   5.362   -14.389 1.00 19.56  ? 397 HOH B O   1 
HETATM 1692 O O   . HOH F 5 .   ? 7.850   15.335  -8.664  1.00 18.06  ? 398 HOH B O   1 
HETATM 1693 O O   . HOH F 5 .   ? 13.978  15.739  0.007   1.00 44.33  ? 399 HOH B O   1 
HETATM 1694 O O   . HOH F 5 .   ? -6.661  -8.325  14.893  1.00 31.90  ? 400 HOH B O   1 
HETATM 1695 O O   . HOH F 5 .   ? 5.162   2.651   14.922  1.00 40.59  ? 401 HOH B O   1 
HETATM 1696 O O   . HOH F 5 .   ? 16.109  -4.635  -7.179  1.00 33.19  ? 402 HOH B O   1 
HETATM 1697 O O   . HOH F 5 .   ? -9.611  -13.004 -6.602  1.00 22.72  ? 403 HOH B O   1 
HETATM 1698 O O   . HOH F 5 .   ? 16.057  14.338  0.868   1.00 33.39  ? 404 HOH B O   1 
HETATM 1699 O O   . HOH F 5 .   ? 23.660  -0.067  9.733   1.00 22.03  ? 405 HOH B O   1 
HETATM 1700 O O   . HOH F 5 .   ? -8.468  2.787   14.705  1.00 39.58  ? 406 HOH B O   1 
HETATM 1701 O O   . HOH F 5 .   ? -13.786 5.367   -12.406 1.00 23.26  ? 407 HOH B O   1 
HETATM 1702 O O   . HOH F 5 .   ? -3.817  6.694   -16.695 1.00 42.37  ? 408 HOH B O   1 
HETATM 1703 O O   . HOH F 5 .   ? 3.468   15.687  10.670  1.00 29.57  ? 409 HOH B O   1 
HETATM 1704 O O   . HOH F 5 .   ? -18.867 0.127   -8.109  1.00 29.89  ? 410 HOH B O   1 
HETATM 1705 O O   . HOH F 5 .   ? 5.278   14.268  3.160   1.00 22.32  ? 411 HOH B O   1 
HETATM 1706 O O   . HOH F 5 .   ? 12.367  15.518  -8.241  1.00 21.90  ? 412 HOH B O   1 
HETATM 1707 O O   . HOH F 5 .   ? -3.110  8.213   -14.459 1.00 36.35  ? 413 HOH B O   1 
HETATM 1708 O O   . HOH F 5 .   ? -1.871  -3.502  15.946  1.00 30.55  ? 414 HOH B O   1 
HETATM 1709 O O   . HOH F 5 .   ? -14.126 -10.968 13.233  1.00 39.47  ? 415 HOH B O   1 
HETATM 1710 O O   . HOH F 5 .   ? 9.158   -0.177  -6.788  1.00 26.14  ? 416 HOH B O   1 
HETATM 1711 O O   . HOH F 5 .   ? 14.995  9.784   -5.119  1.00 30.35  ? 417 HOH B O   1 
HETATM 1712 O O   . HOH F 5 .   ? 16.794  0.252   3.352   1.00 20.80  ? 418 HOH B O   1 
HETATM 1713 O O   . HOH F 5 .   ? -0.237  -18.571 -0.474  1.00 29.77  ? 419 HOH B O   1 
HETATM 1714 O O   . HOH F 5 .   ? -4.421  12.475  8.705   1.00 39.26  ? 420 HOH B O   1 
HETATM 1715 O O   . HOH F 5 .   ? 7.149   16.258  9.506   1.00 30.91  ? 421 HOH B O   1 
HETATM 1716 O O   . HOH F 5 .   ? 22.645  -4.523  -10.143 1.00 41.89  ? 422 HOH B O   1 
HETATM 1717 O O   . HOH F 5 .   ? 11.696  -11.684 12.966  1.00 47.22  ? 423 HOH B O   1 
HETATM 1718 O O   . HOH F 5 .   ? -20.184 3.926   -6.614  1.00 45.91  ? 424 HOH B O   1 
HETATM 1719 O O   . HOH F 5 .   ? 7.979   -2.620  -13.317 1.00 54.11  ? 425 HOH B O   1 
HETATM 1720 O O   . HOH F 5 .   ? -16.306 6.971   -1.121  1.00 37.36  ? 426 HOH B O   1 
HETATM 1721 O O   . HOH F 5 .   ? 22.882  7.984   -0.800  0.50 26.03  ? 427 HOH B O   1 
HETATM 1722 O O   . HOH F 5 .   ? 5.789   17.176  -9.423  1.00 30.38  ? 428 HOH B O   1 
HETATM 1723 O O   . HOH F 5 .   ? -0.400  8.400   -14.936 1.00 31.03  ? 429 HOH B O   1 
HETATM 1724 O O   . HOH F 5 .   ? 7.151   -14.864 2.624   1.00 33.69  ? 430 HOH B O   1 
HETATM 1725 O O   . HOH F 5 .   ? -14.584 -13.575 14.009  1.00 31.70  ? 431 HOH B O   1 
HETATM 1726 O O   . HOH F 5 .   ? 2.275   14.616  15.301  1.00 32.86  ? 432 HOH B O   1 
HETATM 1727 O O   . HOH F 5 .   ? 11.896  15.832  -3.639  1.00 30.16  ? 433 HOH B O   1 
HETATM 1728 O O   . HOH F 5 .   ? -5.204  -15.849 -4.023  1.00 33.16  ? 434 HOH B O   1 
HETATM 1729 O O   . HOH F 5 .   ? -3.700  14.529  4.600   1.00 39.79  ? 435 HOH B O   1 
HETATM 1730 O O   . HOH F 5 .   ? 17.231  -10.134 7.171   1.00 41.38  ? 436 HOH B O   1 
HETATM 1731 O O   . HOH F 5 .   ? 19.879  7.148   14.316  1.00 41.29  ? 437 HOH B O   1 
HETATM 1732 O O   . HOH F 5 .   ? -16.723 -8.417  -2.201  1.00 30.05  ? 438 HOH B O   1 
HETATM 1733 O O   . HOH F 5 .   ? 10.389  -1.533  -8.661  1.00 33.33  ? 439 HOH B O   1 
HETATM 1734 O O   . HOH F 5 .   ? -5.895  -14.065 -8.854  1.00 29.77  ? 440 HOH B O   1 
HETATM 1735 O O   . HOH F 5 .   ? -15.881 -13.438 -1.292  1.00 40.66  ? 441 HOH B O   1 
HETATM 1736 O O   . HOH F 5 .   ? -4.305  -19.509 -3.070  1.00 31.06  ? 442 HOH B O   1 
# 
